data_5ELB
#
_entry.id   5ELB
#
_cell.length_a   72.333
_cell.length_b   98.984
_cell.length_c   152.019
_cell.angle_alpha   90.00
_cell.angle_beta   90.00
_cell.angle_gamma   90.00
#
_symmetry.space_group_name_H-M   'P 21 21 21'
#
loop_
_entity.id
_entity.type
_entity.pdbx_description
1 polymer 'Cholera enterotoxin B subunit'
2 branched alpha-L-fucopyranose-(1-2)-beta-D-galactopyranose-(1-4)-[alpha-L-fucopyranose-(1-3)]2-acetamido-2-deoxy-alpha-D-glucopyranose
3 branched alpha-L-fucopyranose-(1-2)-beta-D-galactopyranose-(1-4)-2-acetamido-2-deoxy-alpha-D-glucopyranose-(1-3)-alpha-L-fucopyranose-(1-3)-2-acetamido-2-deoxy-beta-D-glucopyranose
4 non-polymer 'CALCIUM ION'
5 non-polymer beta-D-galactopyranose
6 non-polymer alpha-D-galactopyranose
7 non-polymer BICINE
8 non-polymer DI(HYDROXYETHYL)ETHER
9 water water
#
_entity_poly.entity_id   1
_entity_poly.type   'polypeptide(L)'
_entity_poly.pdbx_seq_one_letter_code
;TPQNITDLCAEYHNTQIHTLNDKIFSYTESLAGKREMAIITFKNGATFQVEVPGSQHIDSQKKAIERMKDTLRIAYLTEA
KVEKLCVWNNKTPHAIAAISMAN
;
_entity_poly.pdbx_strand_id   A,B,C,D,E,F,G,H,I,J
#
loop_
_chem_comp.id
_chem_comp.type
_chem_comp.name
_chem_comp.formula
BCN non-polymer BICINE 'C6 H13 N O4'
CA non-polymer 'CALCIUM ION' 'Ca 2'
FUC L-saccharide, alpha linking alpha-L-fucopyranose 'C6 H12 O5'
GAL D-saccharide, beta linking beta-D-galactopyranose 'C6 H12 O6'
GLA D-saccharide, alpha linking alpha-D-galactopyranose 'C6 H12 O6'
NAG D-saccharide, beta linking 2-acetamido-2-deoxy-beta-D-glucopyranose 'C8 H15 N O6'
NDG D-saccharide, alpha linking 2-acetamido-2-deoxy-alpha-D-glucopyranose 'C8 H15 N O6'
PEG non-polymer DI(HYDROXYETHYL)ETHER 'C4 H10 O3'
#
# COMPACT_ATOMS: atom_id res chain seq x y z
N THR A 1 33.21 9.98 15.07
CA THR A 1 31.93 10.07 14.36
C THR A 1 30.84 9.66 15.29
N PRO A 2 29.79 10.47 15.37
CA PRO A 2 28.67 10.15 16.28
C PRO A 2 27.88 8.92 15.83
N GLN A 3 27.17 8.27 16.77
CA GLN A 3 26.39 7.07 16.45
C GLN A 3 24.90 7.27 16.52
N ASN A 4 24.45 8.48 16.91
CA ASN A 4 23.03 8.77 16.96
C ASN A 4 22.83 10.27 16.84
N ILE A 5 21.58 10.65 16.64
CA ILE A 5 21.24 12.02 16.39
C ILE A 5 21.53 12.94 17.60
N THR A 6 21.34 12.40 18.80
CA THR A 6 21.59 13.23 19.98
C THR A 6 23.03 13.63 20.11
N ASP A 7 23.92 12.68 19.94
CA ASP A 7 25.34 12.95 20.04
C ASP A 7 25.81 13.84 18.90
N LEU A 8 25.29 13.59 17.69
CA LEU A 8 25.59 14.46 16.56
C LEU A 8 25.19 15.92 16.83
N CYS A 9 23.96 16.10 17.36
N CYS A 9 23.95 16.09 17.33
CA CYS A 9 23.46 17.45 17.62
CA CYS A 9 23.41 17.42 17.68
C CYS A 9 24.35 18.18 18.58
C CYS A 9 24.29 18.20 18.64
N ALA A 10 24.88 17.47 19.58
CA ALA A 10 25.69 18.07 20.63
C ALA A 10 27.03 18.54 20.11
N GLU A 11 27.43 18.18 18.87
CA GLU A 11 28.69 18.69 18.28
CA GLU A 11 28.69 18.66 18.29
C GLU A 11 28.62 20.11 17.78
N TYR A 12 27.43 20.71 17.79
CA TYR A 12 27.22 22.04 17.23
C TYR A 12 26.71 23.02 18.29
N HIS A 13 27.05 24.27 18.10
CA HIS A 13 26.44 25.42 18.81
C HIS A 13 25.03 25.73 18.33
N ASN A 14 24.24 26.27 19.21
CA ASN A 14 22.91 26.76 18.88
C ASN A 14 21.97 25.64 18.38
N THR A 15 22.10 24.43 18.90
CA THR A 15 21.20 23.36 18.53
C THR A 15 20.43 22.80 19.72
N GLN A 16 19.34 22.11 19.45
CA GLN A 16 18.62 21.35 20.45
C GLN A 16 17.89 20.22 19.74
N ILE A 17 17.62 19.19 20.53
CA ILE A 17 16.78 18.06 20.08
C ILE A 17 15.36 18.31 20.44
N HIS A 18 14.47 18.14 19.49
CA HIS A 18 13.04 17.99 19.71
C HIS A 18 12.71 16.54 19.60
N THR A 19 12.02 15.96 20.59
CA THR A 19 11.52 14.61 20.54
C THR A 19 10.04 14.68 20.20
N LEU A 20 9.68 14.25 18.98
CA LEU A 20 8.35 14.38 18.45
C LEU A 20 7.58 13.11 18.58
N ASN A 21 8.18 12.00 18.18
CA ASN A 21 7.48 10.70 18.16
C ASN A 21 6.11 10.82 17.51
N ASP A 22 6.07 11.43 16.33
CA ASP A 22 4.80 11.64 15.67
C ASP A 22 5.06 11.80 14.14
N LYS A 23 4.01 11.60 13.39
CA LYS A 23 4.06 11.89 11.94
CA LYS A 23 3.95 11.89 11.96
C LYS A 23 4.03 13.39 11.71
N ILE A 24 4.48 13.75 10.52
CA ILE A 24 4.39 15.14 10.09
C ILE A 24 2.90 15.50 9.78
N PHE A 25 2.47 16.61 10.36
CA PHE A 25 1.11 17.10 10.18
C PHE A 25 0.87 17.85 8.89
N SER A 26 1.85 18.67 8.49
CA SER A 26 1.73 19.39 7.24
C SER A 26 3.12 19.54 6.64
N TYR A 27 3.14 19.58 5.30
N TYR A 27 3.08 19.67 5.30
CA TYR A 27 4.39 19.76 4.54
CA TYR A 27 4.26 19.79 4.48
C TYR A 27 4.14 20.86 3.50
C TYR A 27 4.02 20.98 3.57
N THR A 28 4.99 21.90 3.52
CA THR A 28 4.88 23.05 2.63
C THR A 28 6.21 23.22 1.92
N GLU A 29 6.06 23.62 0.65
N GLU A 29 6.18 23.42 0.60
CA GLU A 29 7.19 23.69 -0.26
CA GLU A 29 7.44 23.83 -0.07
C GLU A 29 7.08 24.94 -1.14
C GLU A 29 7.13 24.93 -1.06
N SER A 30 8.18 25.72 -1.25
CA SER A 30 8.14 26.94 -2.05
C SER A 30 9.27 26.97 -3.08
N LEU A 31 8.91 27.47 -4.27
CA LEU A 31 9.90 27.78 -5.32
C LEU A 31 10.06 29.25 -5.51
N ALA A 32 9.42 30.08 -4.66
CA ALA A 32 9.49 31.54 -4.82
C ALA A 32 10.92 32.06 -4.57
N GLY A 33 11.31 33.10 -5.33
CA GLY A 33 12.69 33.49 -5.31
C GLY A 33 13.11 33.96 -3.93
N LYS A 34 14.24 33.47 -3.44
CA LYS A 34 14.78 33.73 -2.12
C LYS A 34 14.01 33.07 -0.99
N ARG A 35 13.03 32.26 -1.32
CA ARG A 35 12.25 31.48 -0.39
C ARG A 35 12.13 30.05 -0.86
N GLU A 36 13.21 29.49 -1.43
CA GLU A 36 13.22 28.13 -1.93
C GLU A 36 13.54 27.21 -0.75
N MET A 37 12.48 26.77 -0.08
CA MET A 37 12.56 26.14 1.21
C MET A 37 11.38 25.20 1.39
N ALA A 38 11.49 24.41 2.49
CA ALA A 38 10.37 23.57 2.94
C ALA A 38 10.11 23.90 4.40
N ILE A 39 8.84 23.74 4.78
CA ILE A 39 8.39 23.94 6.16
C ILE A 39 7.51 22.79 6.51
N ILE A 40 7.78 22.16 7.69
CA ILE A 40 6.90 21.11 8.23
C ILE A 40 6.32 21.59 9.55
N THR A 41 5.19 21.00 9.88
CA THR A 41 4.61 21.16 11.21
C THR A 41 4.20 19.80 11.75
N PHE A 42 4.05 19.81 13.06
CA PHE A 42 3.49 18.68 13.80
C PHE A 42 2.19 19.12 14.47
N LYS A 43 1.41 18.13 14.95
CA LYS A 43 0.07 18.42 15.47
C LYS A 43 0.10 19.38 16.65
N ASN A 44 1.20 19.34 17.42
CA ASN A 44 1.39 20.24 18.53
C ASN A 44 1.80 21.65 18.12
N GLY A 45 1.83 21.93 16.81
CA GLY A 45 2.18 23.27 16.29
C GLY A 45 3.68 23.46 16.07
N ALA A 46 4.52 22.53 16.48
CA ALA A 46 5.95 22.67 16.27
C ALA A 46 6.21 22.83 14.78
N THR A 47 7.00 23.87 14.45
CA THR A 47 7.20 24.24 13.05
C THR A 47 8.67 24.31 12.78
N PHE A 48 9.10 23.73 11.65
CA PHE A 48 10.50 23.62 11.33
C PHE A 48 10.72 23.93 9.89
N GLN A 49 11.89 24.46 9.55
CA GLN A 49 12.25 24.69 8.16
C GLN A 49 13.45 23.87 7.74
N VAL A 50 13.54 23.63 6.43
CA VAL A 50 14.83 23.37 5.74
C VAL A 50 15.21 24.68 5.14
N GLU A 51 16.32 25.27 5.59
CA GLU A 51 16.69 26.63 5.19
C GLU A 51 16.91 26.74 3.70
N VAL A 52 16.66 27.96 3.21
CA VAL A 52 17.12 28.38 1.89
C VAL A 52 18.63 28.20 1.88
N PRO A 53 19.21 27.60 0.83
CA PRO A 53 20.68 27.46 0.79
C PRO A 53 21.33 28.85 0.76
N GLY A 54 22.31 29.07 1.61
CA GLY A 54 22.94 30.37 1.68
C GLY A 54 24.39 30.32 2.18
N SER A 55 24.88 31.51 2.52
CA SER A 55 26.27 31.61 2.96
CA SER A 55 26.25 31.66 3.03
C SER A 55 26.60 30.92 4.30
N GLN A 56 25.61 30.61 5.06
CA GLN A 56 25.77 29.82 6.26
C GLN A 56 26.07 28.39 5.98
N HIS A 57 25.94 27.96 4.72
CA HIS A 57 26.15 26.56 4.37
C HIS A 57 27.47 26.44 3.63
N ILE A 58 28.18 25.36 3.90
CA ILE A 58 29.36 24.99 3.13
C ILE A 58 28.94 24.08 1.98
N ASP A 59 29.79 23.98 0.99
CA ASP A 59 29.42 23.30 -0.25
C ASP A 59 29.00 21.87 -0.04
N SER A 60 29.60 21.18 0.91
CA SER A 60 29.24 19.78 1.16
C SER A 60 27.84 19.62 1.72
N GLN A 61 27.23 20.70 2.20
CA GLN A 61 25.85 20.65 2.62
C GLN A 61 24.80 20.76 1.51
N LYS A 62 25.21 21.17 0.33
CA LYS A 62 24.23 21.49 -0.69
C LYS A 62 23.38 20.28 -1.13
N LYS A 63 24.02 19.15 -1.38
CA LYS A 63 23.30 17.95 -1.74
CA LYS A 63 23.26 17.96 -1.71
C LYS A 63 22.45 17.51 -0.55
N ALA A 64 22.99 17.67 0.66
CA ALA A 64 22.29 17.17 1.84
C ALA A 64 21.03 17.98 2.15
N ILE A 65 21.04 19.26 1.86
CA ILE A 65 19.82 20.08 2.00
C ILE A 65 18.77 19.53 1.03
N GLU A 66 19.16 19.23 -0.21
CA GLU A 66 18.18 18.69 -1.15
C GLU A 66 17.63 17.33 -0.70
N ARG A 67 18.51 16.51 -0.21
CA ARG A 67 18.12 15.20 0.30
C ARG A 67 17.13 15.37 1.45
N MET A 68 17.37 16.29 2.37
CA MET A 68 16.49 16.45 3.52
C MET A 68 15.08 16.81 3.04
N LYS A 69 14.95 17.69 2.06
CA LYS A 69 13.63 18.01 1.56
C LYS A 69 12.98 16.77 0.91
N ASP A 70 13.74 15.97 0.21
CA ASP A 70 13.24 14.72 -0.30
C ASP A 70 12.71 13.84 0.84
N THR A 71 13.49 13.72 1.92
CA THR A 71 13.12 12.89 3.04
C THR A 71 11.84 13.36 3.72
N LEU A 72 11.70 14.66 3.93
CA LEU A 72 10.53 15.16 4.59
C LEU A 72 9.28 14.93 3.75
N ARG A 73 9.36 15.12 2.43
CA ARG A 73 8.21 14.89 1.59
C ARG A 73 7.74 13.44 1.69
N ILE A 74 8.68 12.48 1.50
CA ILE A 74 8.27 11.08 1.51
CA ILE A 74 8.29 11.07 1.51
C ILE A 74 7.85 10.65 2.91
N ALA A 75 8.50 11.18 3.98
CA ALA A 75 8.04 10.88 5.31
C ALA A 75 6.60 11.36 5.50
N TYR A 76 6.30 12.55 5.03
CA TYR A 76 4.95 13.06 5.13
C TYR A 76 3.95 12.14 4.42
N LEU A 77 4.29 11.77 3.20
CA LEU A 77 3.34 10.99 2.37
C LEU A 77 3.18 9.54 2.83
N THR A 78 4.16 9.00 3.54
N THR A 78 4.19 9.02 3.53
CA THR A 78 4.07 7.67 4.07
CA THR A 78 4.20 7.69 4.08
C THR A 78 3.59 7.66 5.52
C THR A 78 3.65 7.67 5.52
N GLU A 79 3.30 8.84 6.10
CA GLU A 79 2.92 8.94 7.51
C GLU A 79 3.95 8.32 8.42
N ALA A 80 5.25 8.50 8.07
CA ALA A 80 6.29 7.92 8.85
C ALA A 80 6.47 8.71 10.17
N LYS A 81 6.68 7.95 11.26
CA LYS A 81 6.90 8.55 12.53
C LYS A 81 8.31 9.19 12.61
N VAL A 82 8.34 10.47 12.95
CA VAL A 82 9.57 11.18 13.25
C VAL A 82 9.86 10.99 14.73
N GLU A 83 11.01 10.43 15.00
CA GLU A 83 11.46 10.33 16.38
C GLU A 83 11.97 11.66 16.92
N LYS A 84 13.09 12.11 16.40
CA LYS A 84 13.74 13.33 16.84
C LYS A 84 14.11 14.20 15.67
N LEU A 85 14.16 15.53 15.92
CA LEU A 85 14.84 16.44 15.03
C LEU A 85 15.94 17.15 15.82
N CYS A 86 17.11 17.29 15.21
CA CYS A 86 18.16 18.19 15.68
C CYS A 86 17.97 19.46 14.94
N VAL A 87 17.80 20.59 15.63
CA VAL A 87 17.55 21.85 14.96
C VAL A 87 18.49 22.94 15.46
N TRP A 88 18.70 23.96 14.62
CA TRP A 88 19.31 25.20 15.10
C TRP A 88 18.21 26.10 15.62
N ASN A 89 18.36 26.49 16.87
CA ASN A 89 17.38 27.35 17.56
C ASN A 89 17.68 28.85 17.45
N ASN A 90 18.67 29.21 16.65
CA ASN A 90 18.92 30.59 16.27
C ASN A 90 18.27 31.02 14.94
N LYS A 91 17.38 30.17 14.46
CA LYS A 91 16.60 30.42 13.27
C LYS A 91 15.11 30.36 13.65
N THR A 92 14.29 31.12 12.91
CA THR A 92 12.88 31.14 13.11
C THR A 92 12.23 30.87 11.71
N PRO A 93 11.45 29.81 11.58
CA PRO A 93 11.35 28.73 12.52
C PRO A 93 12.66 27.97 12.72
N HIS A 94 12.71 27.14 13.72
CA HIS A 94 13.92 26.35 13.95
C HIS A 94 14.27 25.57 12.68
N ALA A 95 15.57 25.51 12.40
CA ALA A 95 16.09 24.95 11.17
C ALA A 95 16.58 23.54 11.39
N ILE A 96 16.16 22.62 10.50
CA ILE A 96 16.54 21.22 10.66
C ILE A 96 18.02 21.03 10.28
N ALA A 97 18.74 20.38 11.19
CA ALA A 97 20.08 19.85 11.00
C ALA A 97 20.10 18.33 10.73
N ALA A 98 19.22 17.64 11.42
CA ALA A 98 19.18 16.19 11.27
C ALA A 98 17.81 15.68 11.69
N ILE A 99 17.47 14.49 11.20
CA ILE A 99 16.22 13.83 11.50
C ILE A 99 16.47 12.37 11.84
N SER A 100 15.70 11.82 12.78
CA SER A 100 15.67 10.39 13.01
C SER A 100 14.24 9.89 12.91
N MET A 101 14.07 8.77 12.24
CA MET A 101 12.80 8.06 12.07
C MET A 101 12.92 6.71 12.71
N ALA A 102 11.92 6.38 13.53
CA ALA A 102 11.86 5.10 14.19
C ALA A 102 10.46 5.01 14.70
N ASN A 103 10.19 3.86 15.18
CA ASN A 103 9.13 3.77 16.24
C ASN A 103 9.45 4.04 17.77
N THR B 1 34.58 -10.15 -11.85
CA THR B 1 33.51 -9.35 -11.22
C THR B 1 32.74 -10.26 -10.28
N PRO B 2 32.48 -9.76 -9.06
CA PRO B 2 31.77 -10.62 -8.10
C PRO B 2 30.29 -10.81 -8.50
N GLN B 3 29.73 -11.89 -7.96
CA GLN B 3 28.33 -12.21 -8.21
C GLN B 3 27.43 -12.15 -6.99
N ASN B 4 28.02 -11.80 -5.83
CA ASN B 4 27.29 -11.68 -4.60
C ASN B 4 28.08 -10.80 -3.65
N ILE B 5 27.38 -10.33 -2.62
CA ILE B 5 27.93 -9.38 -1.66
C ILE B 5 29.12 -9.95 -0.89
N THR B 6 29.11 -11.23 -0.57
CA THR B 6 30.15 -11.82 0.21
C THR B 6 31.46 -11.80 -0.56
N ASP B 7 31.37 -12.20 -1.85
CA ASP B 7 32.58 -12.20 -2.66
C ASP B 7 33.08 -10.79 -2.95
N LEU B 8 32.16 -9.86 -3.14
CA LEU B 8 32.56 -8.45 -3.34
C LEU B 8 33.27 -7.95 -2.11
N CYS B 9 32.69 -8.21 -0.92
N CYS B 9 32.67 -8.18 -0.94
CA CYS B 9 33.23 -7.69 0.32
CA CYS B 9 33.23 -7.79 0.37
C CYS B 9 34.69 -8.18 0.52
C CYS B 9 34.69 -8.21 0.56
N ALA B 10 34.97 -9.43 0.12
CA ALA B 10 36.25 -10.06 0.27
C ALA B 10 37.32 -9.48 -0.61
N GLU B 11 36.95 -8.61 -1.56
CA GLU B 11 37.95 -7.93 -2.40
CA GLU B 11 37.95 -7.95 -2.40
C GLU B 11 38.65 -6.77 -1.72
N TYR B 12 38.21 -6.46 -0.50
CA TYR B 12 38.65 -5.24 0.22
C TYR B 12 39.25 -5.63 1.56
N HIS B 13 40.25 -4.86 1.98
CA HIS B 13 40.81 -4.93 3.35
C HIS B 13 39.87 -4.31 4.37
N ASN B 14 39.95 -4.76 5.62
CA ASN B 14 39.20 -4.18 6.71
C ASN B 14 37.72 -4.24 6.54
N THR B 15 37.20 -5.32 5.93
CA THR B 15 35.76 -5.48 5.82
C THR B 15 35.28 -6.73 6.50
N GLN B 16 33.96 -6.74 6.72
CA GLN B 16 33.26 -7.89 7.25
C GLN B 16 31.82 -7.85 6.76
N ILE B 17 31.26 -9.06 6.69
CA ILE B 17 29.85 -9.22 6.44
C ILE B 17 29.08 -9.33 7.76
N HIS B 18 28.05 -8.50 7.90
CA HIS B 18 27.05 -8.70 8.94
C HIS B 18 25.82 -9.33 8.29
N THR B 19 25.32 -10.44 8.85
CA THR B 19 24.09 -11.08 8.35
C THR B 19 22.99 -10.68 9.30
N LEU B 20 22.11 -9.83 8.82
CA LEU B 20 21.02 -9.23 9.64
C LEU B 20 19.71 -9.91 9.47
N ASN B 21 19.31 -10.18 8.19
CA ASN B 21 17.98 -10.74 7.93
C ASN B 21 16.88 -10.09 8.73
N ASP B 22 16.86 -8.75 8.67
CA ASP B 22 15.92 -7.97 9.41
C ASP B 22 15.71 -6.61 8.73
N LYS B 23 14.58 -5.97 9.01
N LYS B 23 14.60 -5.98 9.05
CA LYS B 23 14.35 -4.60 8.56
CA LYS B 23 14.32 -4.63 8.63
C LYS B 23 15.12 -3.61 9.39
C LYS B 23 15.18 -3.63 9.38
N ILE B 24 15.33 -2.43 8.81
CA ILE B 24 15.97 -1.35 9.50
C ILE B 24 15.06 -0.84 10.62
N PHE B 25 15.66 -0.69 11.83
CA PHE B 25 14.89 -0.20 12.99
C PHE B 25 14.81 1.29 13.06
N SER B 26 15.88 2.00 12.70
CA SER B 26 15.84 3.46 12.65
C SER B 26 16.74 3.95 11.54
N TYR B 27 16.33 5.11 11.01
N TYR B 27 16.34 5.11 11.04
CA TYR B 27 17.08 5.80 9.95
CA TYR B 27 17.04 5.80 9.96
C TYR B 27 17.26 7.25 10.35
C TYR B 27 17.26 7.23 10.41
N THR B 28 18.53 7.69 10.35
CA THR B 28 18.92 9.07 10.74
C THR B 28 19.70 9.66 9.57
N GLU B 29 19.47 10.96 9.41
N GLU B 29 19.41 10.90 9.19
CA GLU B 29 20.02 11.69 8.30
CA GLU B 29 20.33 11.59 8.25
C GLU B 29 20.45 13.07 8.78
C GLU B 29 20.49 13.00 8.74
N SER B 30 21.65 13.55 8.40
CA SER B 30 22.13 14.84 8.80
C SER B 30 22.63 15.64 7.66
N LEU B 31 22.30 16.93 7.65
CA LEU B 31 22.82 17.91 6.73
C LEU B 31 23.81 18.87 7.39
N ALA B 32 24.12 18.64 8.65
CA ALA B 32 25.06 19.55 9.38
C ALA B 32 26.46 19.47 8.80
N GLY B 33 27.14 20.61 8.80
CA GLY B 33 28.45 20.71 8.12
C GLY B 33 29.45 19.76 8.71
N LYS B 34 30.10 19.02 7.82
CA LYS B 34 31.09 18.01 8.16
C LYS B 34 30.51 16.72 8.75
N ARG B 35 29.15 16.65 8.83
CA ARG B 35 28.44 15.48 9.28
C ARG B 35 27.28 15.19 8.31
N GLU B 36 27.55 15.30 7.00
CA GLU B 36 26.55 15.04 6.01
C GLU B 36 26.54 13.54 5.72
N MET B 37 25.73 12.83 6.49
CA MET B 37 25.86 11.38 6.63
C MET B 37 24.48 10.82 6.96
N ALA B 38 24.41 9.48 6.87
CA ALA B 38 23.27 8.72 7.35
C ALA B 38 23.73 7.68 8.35
N ILE B 39 22.86 7.33 9.29
CA ILE B 39 23.10 6.30 10.28
C ILE B 39 21.88 5.40 10.31
N ILE B 40 22.04 4.11 10.31
CA ILE B 40 20.93 3.18 10.51
C ILE B 40 21.21 2.29 11.69
N THR B 41 20.12 1.81 12.31
CA THR B 41 20.24 0.80 13.32
C THR B 41 19.30 -0.33 13.07
N PHE B 42 19.59 -1.43 13.72
CA PHE B 42 18.75 -2.63 13.77
C PHE B 42 18.30 -2.83 15.23
N LYS B 43 17.31 -3.71 15.40
CA LYS B 43 16.68 -3.90 16.74
C LYS B 43 17.69 -4.31 17.79
N ASN B 44 18.68 -5.10 17.42
CA ASN B 44 19.71 -5.57 18.35
C ASN B 44 20.75 -4.53 18.69
N GLY B 45 20.60 -3.31 18.19
CA GLY B 45 21.54 -2.23 18.43
C GLY B 45 22.63 -2.09 17.43
N ALA B 46 22.70 -3.01 16.48
CA ALA B 46 23.74 -2.87 15.44
C ALA B 46 23.57 -1.52 14.74
N THR B 47 24.66 -0.73 14.62
CA THR B 47 24.62 0.63 14.14
C THR B 47 25.62 0.77 13.03
N PHE B 48 25.22 1.41 11.93
CA PHE B 48 26.03 1.55 10.73
C PHE B 48 25.93 2.95 10.20
N GLN B 49 26.98 3.43 9.56
CA GLN B 49 26.97 4.73 8.89
C GLN B 49 27.16 4.56 7.37
N VAL B 50 26.64 5.55 6.63
CA VAL B 50 27.20 5.90 5.34
C VAL B 50 28.12 7.11 5.62
N GLU B 51 29.42 6.94 5.32
CA GLU B 51 30.37 7.98 5.64
C GLU B 51 30.13 9.27 4.95
N VAL B 52 30.52 10.34 5.63
CA VAL B 52 30.67 11.64 4.99
C VAL B 52 31.64 11.51 3.83
N PRO B 53 31.29 12.01 2.63
CA PRO B 53 32.22 11.91 1.50
C PRO B 53 33.53 12.63 1.83
N GLY B 54 34.66 12.02 1.50
CA GLY B 54 35.94 12.58 1.83
C GLY B 54 37.03 12.12 0.89
N SER B 55 38.27 12.47 1.27
CA SER B 55 39.39 12.13 0.45
C SER B 55 39.69 10.61 0.42
N GLN B 56 39.09 9.82 1.32
CA GLN B 56 39.15 8.37 1.27
C GLN B 56 38.31 7.77 0.15
N HIS B 57 37.51 8.57 -0.50
CA HIS B 57 36.65 8.13 -1.57
C HIS B 57 37.17 8.63 -2.89
N ILE B 58 37.18 7.77 -3.90
CA ILE B 58 37.52 8.18 -5.27
C ILE B 58 36.27 8.77 -5.95
N ASP B 59 36.47 9.50 -7.04
CA ASP B 59 35.43 10.26 -7.61
C ASP B 59 34.22 9.39 -8.00
N SER B 60 34.49 8.20 -8.52
CA SER B 60 33.43 7.29 -8.92
C SER B 60 32.52 6.87 -7.74
N GLN B 61 33.01 6.98 -6.52
CA GLN B 61 32.19 6.60 -5.41
C GLN B 61 31.16 7.65 -5.02
N LYS B 62 31.37 8.92 -5.43
N LYS B 62 31.35 8.92 -5.44
CA LYS B 62 30.51 9.97 -4.99
CA LYS B 62 30.50 9.98 -4.93
C LYS B 62 29.03 9.70 -5.26
C LYS B 62 29.01 9.77 -5.28
N LYS B 63 28.71 9.37 -6.51
CA LYS B 63 27.30 9.07 -6.88
CA LYS B 63 27.31 9.08 -6.86
C LYS B 63 26.82 7.85 -6.14
N ALA B 64 27.68 6.88 -5.93
CA ALA B 64 27.29 5.64 -5.26
C ALA B 64 26.95 5.86 -3.74
N ILE B 65 27.69 6.79 -3.12
CA ILE B 65 27.40 7.16 -1.79
C ILE B 65 25.98 7.75 -1.69
N GLU B 66 25.68 8.68 -2.60
CA GLU B 66 24.33 9.29 -2.60
C GLU B 66 23.26 8.24 -2.86
N ARG B 67 23.52 7.30 -3.80
CA ARG B 67 22.58 6.24 -4.05
C ARG B 67 22.34 5.40 -2.80
N MET B 68 23.40 5.03 -2.09
CA MET B 68 23.26 4.16 -0.93
C MET B 68 22.34 4.81 0.10
N LYS B 69 22.51 6.11 0.34
CA LYS B 69 21.59 6.81 1.28
C LYS B 69 20.14 6.78 0.78
N ASP B 70 19.96 6.93 -0.54
CA ASP B 70 18.61 6.76 -1.09
C ASP B 70 18.07 5.36 -0.82
N THR B 71 18.92 4.37 -1.03
CA THR B 71 18.52 2.97 -0.83
C THR B 71 18.11 2.68 0.59
N LEU B 72 18.93 3.19 1.54
CA LEU B 72 18.62 2.95 2.95
C LEU B 72 17.30 3.61 3.34
N ARG B 73 17.05 4.82 2.88
CA ARG B 73 15.80 5.52 3.23
C ARG B 73 14.60 4.73 2.73
N ILE B 74 14.63 4.32 1.43
CA ILE B 74 13.47 3.62 0.92
CA ILE B 74 13.48 3.62 0.87
C ILE B 74 13.35 2.24 1.50
N ALA B 75 14.47 1.54 1.78
CA ALA B 75 14.40 0.26 2.46
C ALA B 75 13.73 0.43 3.82
N TYR B 76 14.13 1.48 4.56
CA TYR B 76 13.48 1.73 5.87
C TYR B 76 11.98 1.91 5.71
N LEU B 77 11.59 2.77 4.76
CA LEU B 77 10.18 3.16 4.63
C LEU B 77 9.31 2.02 4.08
N THR B 78 9.90 1.03 3.40
N THR B 78 9.93 1.08 3.36
CA THR B 78 9.13 -0.10 2.89
CA THR B 78 9.29 -0.10 2.79
C THR B 78 9.24 -1.31 3.81
C THR B 78 9.32 -1.30 3.76
N GLU B 79 10.00 -1.15 4.90
CA GLU B 79 10.23 -2.27 5.82
C GLU B 79 10.88 -3.44 5.10
N ALA B 80 11.78 -3.13 4.16
CA ALA B 80 12.46 -4.19 3.42
C ALA B 80 13.43 -4.93 4.28
N LYS B 81 13.48 -6.24 4.16
CA LYS B 81 14.46 -7.00 4.89
CA LYS B 81 14.43 -7.02 4.89
C LYS B 81 15.82 -6.85 4.31
N VAL B 82 16.76 -6.45 5.13
CA VAL B 82 18.17 -6.42 4.80
C VAL B 82 18.79 -7.76 5.07
N GLU B 83 19.33 -8.39 4.03
CA GLU B 83 20.02 -9.68 4.21
C GLU B 83 21.40 -9.48 4.84
N LYS B 84 22.31 -8.87 4.10
CA LYS B 84 23.62 -8.60 4.56
C LYS B 84 24.06 -7.18 4.35
N LEU B 85 25.02 -6.73 5.16
CA LEU B 85 25.79 -5.55 4.92
C LEU B 85 27.24 -5.96 4.85
N CYS B 86 27.96 -5.42 3.85
CA CYS B 86 29.41 -5.42 3.83
C CYS B 86 29.86 -4.09 4.39
N VAL B 87 30.71 -4.14 5.43
CA VAL B 87 31.13 -2.90 6.10
C VAL B 87 32.61 -2.85 6.27
N TRP B 88 33.13 -1.63 6.38
CA TRP B 88 34.48 -1.43 6.89
C TRP B 88 34.42 -1.37 8.42
N ASN B 89 35.11 -2.30 9.01
CA ASN B 89 35.10 -2.48 10.48
C ASN B 89 36.20 -1.69 11.18
N ASN B 90 36.91 -0.85 10.46
CA ASN B 90 37.86 0.08 11.03
C ASN B 90 37.27 1.47 11.23
N LYS B 91 35.98 1.63 11.08
CA LYS B 91 35.21 2.86 11.36
C LYS B 91 34.27 2.60 12.48
N THR B 92 33.98 3.64 13.25
CA THR B 92 32.97 3.55 14.27
CA THR B 92 32.96 3.58 14.29
C THR B 92 31.95 4.68 14.01
N PRO B 93 30.66 4.34 13.83
CA PRO B 93 30.17 2.99 13.64
C PRO B 93 30.70 2.35 12.34
N HIS B 94 30.53 1.06 12.22
CA HIS B 94 30.96 0.41 10.99
C HIS B 94 30.34 1.08 9.76
N ALA B 95 31.18 1.20 8.70
CA ALA B 95 30.77 2.00 7.54
C ALA B 95 30.32 1.06 6.39
N ILE B 96 29.16 1.37 5.83
CA ILE B 96 28.59 0.55 4.76
C ILE B 96 29.36 0.68 3.46
N ALA B 97 29.75 -0.48 2.94
CA ALA B 97 30.29 -0.63 1.59
C ALA B 97 29.26 -1.20 0.59
N ALA B 98 28.43 -2.11 1.06
CA ALA B 98 27.45 -2.74 0.17
C ALA B 98 26.30 -3.25 0.99
N ILE B 99 25.15 -3.45 0.35
CA ILE B 99 23.93 -3.97 0.98
C ILE B 99 23.32 -5.02 0.07
N SER B 100 22.76 -6.07 0.65
CA SER B 100 21.91 -6.99 -0.08
C SER B 100 20.55 -7.06 0.58
N MET B 101 19.51 -7.11 -0.24
CA MET B 101 18.14 -7.24 0.20
C MET B 101 17.56 -8.50 -0.38
N ALA B 102 16.95 -9.32 0.42
CA ALA B 102 16.31 -10.55 -0.02
C ALA B 102 15.45 -10.93 1.19
N ASN B 103 14.59 -11.85 0.91
CA ASN B 103 14.13 -12.86 1.95
C ASN B 103 15.00 -14.15 2.20
N THR C 1 13.96 2.54 -35.37
CA THR C 1 13.87 2.38 -33.89
C THR C 1 13.07 1.16 -33.53
N PRO C 2 13.53 0.34 -32.59
CA PRO C 2 12.83 -0.87 -32.23
C PRO C 2 11.56 -0.56 -31.45
N GLN C 3 10.64 -1.53 -31.47
CA GLN C 3 9.36 -1.38 -30.79
C GLN C 3 9.22 -2.26 -29.56
N ASN C 4 10.21 -3.12 -29.32
CA ASN C 4 10.20 -4.02 -28.20
C ASN C 4 11.63 -4.44 -27.87
N ILE C 5 11.75 -5.02 -26.68
CA ILE C 5 13.08 -5.39 -26.16
C ILE C 5 13.77 -6.44 -27.00
N THR C 6 13.04 -7.39 -27.59
CA THR C 6 13.67 -8.46 -28.38
C THR C 6 14.35 -7.88 -29.61
N ASP C 7 13.64 -6.97 -30.28
CA ASP C 7 14.18 -6.38 -31.49
C ASP C 7 15.35 -5.44 -31.18
N LEU C 8 15.22 -4.71 -30.06
CA LEU C 8 16.30 -3.86 -29.59
C LEU C 8 17.56 -4.69 -29.34
N CYS C 9 17.38 -5.80 -28.65
N CYS C 9 17.40 -5.79 -28.61
CA CYS C 9 18.50 -6.63 -28.26
CA CYS C 9 18.50 -6.74 -28.28
C CYS C 9 19.26 -7.16 -29.50
C CYS C 9 19.26 -7.13 -29.52
N ALA C 10 18.51 -7.52 -30.54
CA ALA C 10 19.07 -8.02 -31.78
C ALA C 10 19.90 -7.04 -32.54
N GLU C 11 19.86 -5.74 -32.22
N GLU C 11 19.86 -5.74 -32.22
CA GLU C 11 20.69 -4.74 -32.89
CA GLU C 11 20.67 -4.74 -32.88
C GLU C 11 22.16 -4.84 -32.51
C GLU C 11 22.13 -4.77 -32.45
N TYR C 12 22.50 -5.62 -31.47
CA TYR C 12 23.82 -5.60 -30.88
C TYR C 12 24.43 -6.98 -30.98
N HIS C 13 25.76 -7.01 -31.08
CA HIS C 13 26.50 -8.23 -30.87
C HIS C 13 26.61 -8.58 -29.39
N ASN C 14 26.89 -9.86 -29.11
CA ASN C 14 27.13 -10.35 -27.73
C ASN C 14 25.97 -10.13 -26.81
N THR C 15 24.73 -10.20 -27.31
CA THR C 15 23.58 -10.05 -26.47
C THR C 15 22.66 -11.27 -26.57
N GLN C 16 21.82 -11.46 -25.56
N GLN C 16 21.81 -11.44 -25.57
CA GLN C 16 20.80 -12.50 -25.57
CA GLN C 16 20.72 -12.36 -25.64
C GLN C 16 19.63 -12.03 -24.69
C GLN C 16 19.59 -11.91 -24.76
N ILE C 17 18.40 -12.48 -25.02
CA ILE C 17 17.24 -12.28 -24.19
C ILE C 17 17.07 -13.39 -23.21
N HIS C 18 16.91 -13.04 -21.92
CA HIS C 18 16.45 -13.97 -20.91
C HIS C 18 14.96 -13.68 -20.65
N THR C 19 14.10 -14.70 -20.70
CA THR C 19 12.73 -14.58 -20.39
C THR C 19 12.50 -15.11 -18.98
N LEU C 20 12.24 -14.19 -18.06
CA LEU C 20 12.17 -14.54 -16.63
C LEU C 20 10.75 -14.69 -16.16
N ASN C 21 9.87 -13.77 -16.51
CA ASN C 21 8.48 -13.77 -16.01
C ASN C 21 8.43 -13.97 -14.50
N ASP C 22 9.22 -13.19 -13.77
CA ASP C 22 9.32 -13.37 -12.33
C ASP C 22 9.83 -12.12 -11.67
N LYS C 23 9.52 -12.02 -10.37
N LYS C 23 9.51 -11.95 -10.39
CA LYS C 23 10.02 -10.95 -9.49
CA LYS C 23 10.04 -10.81 -9.64
C LYS C 23 11.53 -11.10 -9.32
C LYS C 23 11.52 -11.08 -9.35
N ILE C 24 12.21 -10.00 -9.00
CA ILE C 24 13.60 -10.08 -8.57
C ILE C 24 13.66 -10.70 -7.15
N PHE C 25 14.51 -11.70 -7.03
CA PHE C 25 14.72 -12.39 -5.75
C PHE C 25 15.63 -11.65 -4.79
N SER C 26 16.69 -11.07 -5.29
CA SER C 26 17.58 -10.29 -4.43
C SER C 26 18.15 -9.11 -5.17
N TYR C 27 18.39 -8.02 -4.45
N TYR C 27 18.49 -8.09 -4.43
CA TYR C 27 19.00 -6.78 -4.97
CA TYR C 27 19.04 -6.86 -4.96
C TYR C 27 20.20 -6.44 -4.13
C TYR C 27 20.22 -6.49 -4.11
N THR C 28 21.38 -6.29 -4.75
CA THR C 28 22.63 -5.91 -4.08
C THR C 28 23.18 -4.68 -4.71
N GLU C 29 23.77 -3.85 -3.87
N GLU C 29 23.60 -3.66 -3.95
CA GLU C 29 24.26 -2.60 -4.30
CA GLU C 29 24.43 -2.61 -4.57
C GLU C 29 25.58 -2.25 -3.58
C GLU C 29 25.56 -2.24 -3.64
N SER C 30 26.61 -1.74 -4.28
CA SER C 30 27.88 -1.43 -3.69
C SER C 30 28.34 -0.04 -4.03
N LEU C 31 28.94 0.63 -3.02
CA LEU C 31 29.63 1.92 -3.19
C LEU C 31 31.14 1.77 -3.12
N ALA C 32 31.65 0.55 -2.95
CA ALA C 32 33.07 0.37 -2.81
C ALA C 32 33.79 0.74 -4.08
N GLY C 33 35.00 1.29 -3.93
CA GLY C 33 35.73 1.84 -5.07
C GLY C 33 36.03 0.79 -6.10
N LYS C 34 35.74 1.10 -7.36
CA LYS C 34 35.87 0.20 -8.50
C LYS C 34 34.83 -0.91 -8.54
N ARG C 35 33.90 -0.93 -7.60
CA ARG C 35 32.77 -1.86 -7.63
C ARG C 35 31.48 -1.11 -7.39
N GLU C 36 31.33 0.03 -8.03
CA GLU C 36 30.13 0.86 -7.89
C GLU C 36 29.09 0.31 -8.87
N MET C 37 28.36 -0.68 -8.40
CA MET C 37 27.55 -1.57 -9.26
C MET C 37 26.34 -2.06 -8.50
N ALA C 38 25.43 -2.67 -9.27
CA ALA C 38 24.31 -3.42 -8.69
C ALA C 38 24.32 -4.85 -9.27
N ILE C 39 23.80 -5.78 -8.46
CA ILE C 39 23.64 -7.17 -8.83
C ILE C 39 22.23 -7.58 -8.49
N ILE C 40 21.54 -8.26 -9.41
CA ILE C 40 20.24 -8.83 -9.07
C ILE C 40 20.27 -10.34 -9.32
N THR C 41 19.43 -11.06 -8.57
CA THR C 41 19.24 -12.47 -8.86
C THR C 41 17.76 -12.78 -8.93
N PHE C 42 17.46 -13.91 -9.58
CA PHE C 42 16.14 -14.50 -9.63
C PHE C 42 16.18 -15.82 -8.87
N LYS C 43 15.02 -16.37 -8.55
N LYS C 43 14.98 -16.33 -8.54
CA LYS C 43 14.98 -17.55 -7.70
CA LYS C 43 14.77 -17.59 -7.81
C LYS C 43 15.62 -18.75 -8.39
C LYS C 43 15.47 -18.80 -8.41
N ASN C 44 15.65 -18.76 -9.72
CA ASN C 44 16.26 -19.82 -10.47
C ASN C 44 17.77 -19.75 -10.52
N GLY C 45 18.36 -18.76 -9.85
CA GLY C 45 19.78 -18.57 -9.77
C GLY C 45 20.38 -17.66 -10.81
N ALA C 46 19.55 -17.24 -11.78
CA ALA C 46 20.04 -16.30 -12.80
C ALA C 46 20.54 -15.02 -12.07
N THR C 47 21.71 -14.57 -12.45
CA THR C 47 22.42 -13.46 -11.79
C THR C 47 22.86 -12.48 -12.83
N PHE C 48 22.60 -11.19 -12.59
CA PHE C 48 22.87 -10.14 -13.57
C PHE C 48 23.50 -8.93 -12.88
N GLN C 49 24.37 -8.21 -13.58
CA GLN C 49 24.93 -6.95 -13.09
C GLN C 49 24.44 -5.80 -13.89
N VAL C 50 24.47 -4.62 -13.25
CA VAL C 50 24.63 -3.34 -13.97
C VAL C 50 26.10 -3.01 -13.81
N GLU C 51 26.80 -2.95 -14.93
CA GLU C 51 28.26 -2.76 -14.90
C GLU C 51 28.66 -1.47 -14.25
N VAL C 52 29.83 -1.49 -13.64
CA VAL C 52 30.56 -0.29 -13.24
C VAL C 52 30.76 0.56 -14.52
N PRO C 53 30.49 1.86 -14.43
CA PRO C 53 30.75 2.69 -15.61
C PRO C 53 32.18 2.66 -16.00
N GLY C 54 32.45 2.57 -17.30
CA GLY C 54 33.79 2.49 -17.81
C GLY C 54 33.92 2.94 -19.24
N SER C 55 35.09 2.69 -19.81
CA SER C 55 35.43 3.21 -21.12
C SER C 55 34.67 2.52 -22.24
N GLN C 56 33.97 1.45 -21.94
CA GLN C 56 33.02 0.83 -22.83
C GLN C 56 31.72 1.56 -22.98
N HIS C 57 31.51 2.56 -22.12
CA HIS C 57 30.27 3.27 -22.15
C HIS C 57 30.50 4.66 -22.76
N ILE C 58 29.58 5.11 -23.59
CA ILE C 58 29.59 6.47 -24.12
C ILE C 58 28.85 7.39 -23.19
N ASP C 59 29.03 8.69 -23.38
CA ASP C 59 28.50 9.66 -22.44
C ASP C 59 26.99 9.51 -22.30
N SER C 60 26.26 9.25 -23.39
CA SER C 60 24.84 9.14 -23.29
C SER C 60 24.35 7.94 -22.42
N GLN C 61 25.19 6.97 -22.23
CA GLN C 61 24.86 5.85 -21.40
C GLN C 61 24.95 6.12 -19.90
N LYS C 62 25.67 7.20 -19.53
CA LYS C 62 25.91 7.33 -18.08
CA LYS C 62 25.92 7.54 -18.12
C LYS C 62 24.65 7.62 -17.32
N LYS C 63 23.75 8.53 -17.75
CA LYS C 63 22.52 8.73 -17.03
CA LYS C 63 22.50 8.74 -17.04
C LYS C 63 21.70 7.46 -17.10
N ALA C 64 21.77 6.69 -18.24
CA ALA C 64 20.92 5.54 -18.38
C ALA C 64 21.33 4.43 -17.43
N ILE C 65 22.65 4.30 -17.17
CA ILE C 65 23.13 3.34 -16.19
C ILE C 65 22.53 3.68 -14.83
N GLU C 66 22.56 4.96 -14.44
CA GLU C 66 21.99 5.35 -13.14
C GLU C 66 20.50 5.09 -13.09
N ARG C 67 19.80 5.37 -14.21
CA ARG C 67 18.38 5.08 -14.26
C ARG C 67 18.08 3.59 -14.07
N MET C 68 18.90 2.74 -14.72
CA MET C 68 18.64 1.32 -14.63
C MET C 68 18.76 0.81 -13.19
N LYS C 69 19.78 1.30 -12.46
CA LYS C 69 19.89 0.91 -11.04
C LYS C 69 18.66 1.41 -10.26
N ASP C 70 18.19 2.62 -10.54
CA ASP C 70 16.94 3.10 -9.92
C ASP C 70 15.77 2.15 -10.23
N THR C 71 15.65 1.74 -11.48
CA THR C 71 14.57 0.87 -11.91
C THR C 71 14.64 -0.46 -11.22
N LEU C 72 15.83 -1.06 -11.13
CA LEU C 72 15.93 -2.38 -10.52
C LEU C 72 15.57 -2.33 -9.02
N ARG C 73 16.01 -1.27 -8.35
CA ARG C 73 15.69 -1.14 -6.90
C ARG C 73 14.19 -1.03 -6.70
N ILE C 74 13.51 -0.18 -7.45
CA ILE C 74 12.10 0.00 -7.25
CA ILE C 74 12.08 0.01 -7.25
C ILE C 74 11.34 -1.23 -7.73
N ALA C 75 11.76 -1.88 -8.81
CA ALA C 75 11.14 -3.13 -9.22
C ALA C 75 11.23 -4.17 -8.10
N TYR C 76 12.40 -4.28 -7.51
CA TYR C 76 12.57 -5.21 -6.41
C TYR C 76 11.59 -4.92 -5.27
N LEU C 77 11.53 -3.65 -4.87
CA LEU C 77 10.73 -3.25 -3.68
C LEU C 77 9.26 -3.32 -3.93
N THR C 78 8.84 -3.27 -5.18
CA THR C 78 7.40 -3.39 -5.54
C THR C 78 7.04 -4.82 -5.92
N GLU C 79 8.02 -5.74 -5.93
CA GLU C 79 7.81 -7.11 -6.40
C GLU C 79 7.23 -7.11 -7.82
N ALA C 80 7.73 -6.19 -8.65
CA ALA C 80 7.27 -6.11 -10.02
C ALA C 80 7.78 -7.32 -10.83
N LYS C 81 6.91 -7.88 -11.62
CA LYS C 81 7.37 -8.98 -12.50
CA LYS C 81 7.31 -8.98 -12.52
C LYS C 81 8.23 -8.46 -13.64
N VAL C 82 9.40 -9.05 -13.76
CA VAL C 82 10.28 -8.79 -14.88
C VAL C 82 9.89 -9.78 -15.98
N GLU C 83 9.59 -9.27 -17.16
CA GLU C 83 9.29 -10.10 -18.34
C GLU C 83 10.58 -10.61 -18.92
N LYS C 84 11.37 -9.73 -19.51
CA LYS C 84 12.62 -10.08 -20.18
C LYS C 84 13.72 -9.17 -19.74
N LEU C 85 14.95 -9.67 -19.83
CA LEU C 85 16.15 -8.87 -19.82
C LEU C 85 16.92 -9.11 -21.11
N CYS C 86 17.39 -8.02 -21.70
CA CYS C 86 18.41 -8.06 -22.72
C CYS C 86 19.74 -7.90 -22.05
N VAL C 87 20.66 -8.83 -22.22
CA VAL C 87 21.97 -8.77 -21.53
C VAL C 87 23.09 -8.95 -22.49
N TRP C 88 24.27 -8.43 -22.13
CA TRP C 88 25.53 -8.79 -22.76
C TRP C 88 26.03 -10.06 -22.15
N ASN C 89 26.26 -11.03 -23.00
CA ASN C 89 26.73 -12.32 -22.61
C ASN C 89 28.23 -12.54 -22.73
N ASN C 90 28.95 -11.44 -22.97
CA ASN C 90 30.40 -11.40 -22.97
C ASN C 90 30.94 -10.87 -21.63
N LYS C 91 30.10 -10.84 -20.61
CA LYS C 91 30.47 -10.42 -19.24
C LYS C 91 29.94 -11.52 -18.33
N THR C 92 30.64 -11.65 -17.20
CA THR C 92 30.26 -12.57 -16.15
C THR C 92 30.17 -11.79 -14.83
N PRO C 93 29.03 -11.74 -14.14
CA PRO C 93 27.72 -12.16 -14.64
C PRO C 93 27.27 -11.35 -15.83
N HIS C 94 26.26 -11.87 -16.55
CA HIS C 94 25.74 -11.16 -17.69
C HIS C 94 25.34 -9.73 -17.30
N ALA C 95 25.58 -8.77 -18.19
CA ALA C 95 25.38 -7.37 -17.93
C ALA C 95 24.10 -6.88 -18.54
N ILE C 96 23.29 -6.17 -17.77
CA ILE C 96 21.99 -5.72 -18.29
C ILE C 96 22.18 -4.56 -19.26
N ALA C 97 21.48 -4.76 -20.42
CA ALA C 97 21.30 -3.70 -21.43
C ALA C 97 19.92 -3.10 -21.43
N ALA C 98 18.92 -3.95 -21.19
CA ALA C 98 17.52 -3.48 -21.19
C ALA C 98 16.64 -4.38 -20.35
N ILE C 99 15.52 -3.86 -19.90
CA ILE C 99 14.56 -4.60 -19.11
C ILE C 99 13.19 -4.31 -19.64
N SER C 100 12.31 -5.34 -19.60
CA SER C 100 10.86 -5.13 -19.81
C SER C 100 10.08 -5.68 -18.63
N MET C 101 9.05 -4.98 -18.27
CA MET C 101 8.12 -5.34 -17.21
C MET C 101 6.73 -5.37 -17.81
N ALA C 102 6.00 -6.46 -17.53
CA ALA C 102 4.68 -6.60 -17.99
C ALA C 102 4.14 -7.65 -16.91
N ASN C 103 2.86 -7.55 -16.60
CA ASN C 103 2.15 -8.50 -15.73
C ASN C 103 0.66 -8.50 -15.80
N THR D 1 0.01 30.49 -22.87
CA THR D 1 0.33 29.16 -22.28
C THR D 1 -0.91 28.34 -22.25
N PRO D 2 -0.79 27.08 -22.68
CA PRO D 2 -1.97 26.23 -22.71
C PRO D 2 -2.41 25.82 -21.32
N GLN D 3 -3.67 25.38 -21.23
CA GLN D 3 -4.27 24.92 -19.95
C GLN D 3 -4.56 23.47 -19.87
N ASN D 4 -4.29 22.75 -20.97
CA ASN D 4 -4.50 21.34 -21.00
C ASN D 4 -3.63 20.71 -22.11
N ILE D 5 -3.56 19.40 -22.12
CA ILE D 5 -2.70 18.66 -23.01
C ILE D 5 -3.14 18.78 -24.45
N THR D 6 -4.44 18.86 -24.68
CA THR D 6 -4.92 18.94 -26.05
C THR D 6 -4.51 20.23 -26.75
N ASP D 7 -4.68 21.34 -26.01
CA ASP D 7 -4.27 22.63 -26.53
C ASP D 7 -2.76 22.76 -26.68
N LEU D 8 -2.04 22.19 -25.73
CA LEU D 8 -0.60 22.12 -25.84
C LEU D 8 -0.15 21.39 -27.11
N CYS D 9 -0.75 20.23 -27.33
CA CYS D 9 -0.35 19.39 -28.41
CA CYS D 9 -0.41 19.35 -28.46
C CYS D 9 -0.56 20.09 -29.78
N ALA D 10 -1.64 20.88 -29.85
CA ALA D 10 -1.97 21.60 -31.05
C ALA D 10 -1.02 22.72 -31.39
N GLU D 11 -0.15 23.12 -30.46
N GLU D 11 -0.14 23.12 -30.45
CA GLU D 11 0.84 24.16 -30.72
CA GLU D 11 0.87 24.15 -30.70
C GLU D 11 1.94 23.70 -31.69
C GLU D 11 2.06 23.67 -31.52
N TYR D 12 2.07 22.40 -31.89
CA TYR D 12 3.19 21.80 -32.59
C TYR D 12 2.72 21.12 -33.91
N HIS D 13 3.59 21.16 -34.91
CA HIS D 13 3.39 20.35 -36.09
C HIS D 13 3.72 18.91 -35.83
N ASN D 14 3.09 18.01 -36.60
CA ASN D 14 3.47 16.63 -36.58
C ASN D 14 3.00 15.89 -35.32
N THR D 15 1.94 16.39 -34.66
CA THR D 15 1.48 15.76 -33.43
C THR D 15 0.06 15.29 -33.49
N GLN D 16 -0.31 14.44 -32.55
CA GLN D 16 -1.69 14.06 -32.35
C GLN D 16 -1.87 13.66 -30.90
N ILE D 17 -3.10 13.67 -30.48
CA ILE D 17 -3.52 13.13 -29.18
C ILE D 17 -4.04 11.74 -29.35
N HIS D 18 -3.57 10.84 -28.49
CA HIS D 18 -4.17 9.53 -28.24
C HIS D 18 -4.86 9.57 -26.90
N THR D 19 -6.12 9.16 -26.88
CA THR D 19 -6.89 9.02 -25.68
C THR D 19 -6.88 7.56 -25.26
N LEU D 20 -6.14 7.19 -24.21
CA LEU D 20 -6.00 5.82 -23.79
C LEU D 20 -6.99 5.44 -22.72
N ASN D 21 -7.12 6.30 -21.71
CA ASN D 21 -7.93 5.96 -20.52
C ASN D 21 -7.66 4.57 -19.99
N ASP D 22 -6.39 4.24 -19.87
CA ASP D 22 -6.00 2.89 -19.47
C ASP D 22 -4.63 2.96 -18.79
N LYS D 23 -4.34 1.98 -17.95
CA LYS D 23 -3.03 1.79 -17.39
CA LYS D 23 -3.01 1.86 -17.40
C LYS D 23 -2.02 1.30 -18.45
N ILE D 24 -0.75 1.54 -18.21
CA ILE D 24 0.33 1.05 -19.05
C ILE D 24 0.43 -0.48 -18.91
N PHE D 25 0.44 -1.17 -20.05
CA PHE D 25 0.51 -2.63 -20.07
C PHE D 25 1.94 -3.14 -19.87
N SER D 26 2.90 -2.48 -20.54
CA SER D 26 4.33 -2.85 -20.37
C SER D 26 5.21 -1.64 -20.42
N TYR D 27 6.34 -1.77 -19.73
N TYR D 27 6.32 -1.74 -19.69
CA TYR D 27 7.35 -0.72 -19.64
CA TYR D 27 7.35 -0.70 -19.60
C TYR D 27 8.70 -1.33 -19.92
C TYR D 27 8.67 -1.34 -19.94
N THR D 28 9.41 -0.75 -20.89
CA THR D 28 10.72 -1.23 -21.32
C THR D 28 11.69 -0.06 -21.26
N GLU D 29 12.92 -0.38 -20.81
N GLU D 29 12.88 -0.22 -20.67
CA GLU D 29 13.95 0.61 -20.63
CA GLU D 29 13.92 0.79 -20.86
C GLU D 29 15.29 0.05 -21.10
C GLU D 29 15.25 0.14 -21.10
N SER D 30 16.08 0.87 -21.82
CA SER D 30 17.37 0.43 -22.33
C SER D 30 18.46 1.46 -22.02
N LEU D 31 19.63 0.92 -21.65
CA LEU D 31 20.85 1.67 -21.53
C LEU D 31 21.86 1.42 -22.64
N ALA D 32 21.46 0.61 -23.62
CA ALA D 32 22.36 0.28 -24.71
C ALA D 32 22.70 1.50 -25.55
N GLY D 33 23.97 1.58 -26.01
CA GLY D 33 24.44 2.79 -26.65
C GLY D 33 23.67 3.11 -27.91
N LYS D 34 23.23 4.37 -27.99
CA LYS D 34 22.38 4.85 -29.09
C LYS D 34 20.96 4.38 -29.02
N ARG D 35 20.58 3.66 -27.96
CA ARG D 35 19.22 3.20 -27.75
C ARG D 35 18.85 3.46 -26.27
N GLU D 36 19.29 4.63 -25.76
CA GLU D 36 18.99 5.00 -24.35
C GLU D 36 17.61 5.63 -24.35
N MET D 37 16.61 4.78 -24.17
CA MET D 37 15.21 5.08 -24.45
C MET D 37 14.30 4.27 -23.56
N ALA D 38 13.01 4.69 -23.55
CA ALA D 38 11.94 3.89 -22.96
C ALA D 38 10.85 3.66 -23.99
N ILE D 39 10.17 2.52 -23.84
CA ILE D 39 9.05 2.12 -24.69
C ILE D 39 7.94 1.69 -23.75
N ILE D 40 6.73 2.17 -24.02
CA ILE D 40 5.57 1.66 -23.34
C ILE D 40 4.57 1.09 -24.30
N THR D 41 3.75 0.18 -23.83
CA THR D 41 2.60 -0.34 -24.62
C THR D 41 1.35 -0.31 -23.76
N PHE D 42 0.21 -0.30 -24.45
CA PHE D 42 -1.12 -0.46 -23.86
C PHE D 42 -1.68 -1.78 -24.37
N LYS D 43 -2.70 -2.30 -23.70
CA LYS D 43 -3.35 -3.56 -23.99
CA LYS D 43 -3.16 -3.63 -24.06
C LYS D 43 -3.80 -3.65 -25.44
N ASN D 44 -4.26 -2.53 -25.98
CA ASN D 44 -4.72 -2.47 -27.39
C ASN D 44 -3.59 -2.56 -28.45
N GLY D 45 -2.32 -2.68 -28.02
CA GLY D 45 -1.17 -2.75 -28.91
C GLY D 45 -0.54 -1.39 -29.20
N ALA D 46 -1.16 -0.30 -28.74
CA ALA D 46 -0.50 0.96 -28.95
C ALA D 46 0.88 0.98 -28.31
N THR D 47 1.87 1.48 -29.03
CA THR D 47 3.28 1.44 -28.61
C THR D 47 3.84 2.84 -28.76
N PHE D 48 4.55 3.33 -27.72
CA PHE D 48 5.08 4.63 -27.73
C PHE D 48 6.48 4.67 -27.20
N GLN D 49 7.31 5.58 -27.69
CA GLN D 49 8.67 5.76 -27.20
C GLN D 49 8.81 7.13 -26.51
N VAL D 50 9.78 7.15 -25.57
CA VAL D 50 10.50 8.41 -25.27
C VAL D 50 11.81 8.30 -26.06
N GLU D 51 11.94 9.24 -27.02
CA GLU D 51 13.04 9.19 -27.94
C GLU D 51 14.40 9.28 -27.23
N VAL D 52 15.38 8.66 -27.86
CA VAL D 52 16.79 8.89 -27.52
C VAL D 52 17.09 10.38 -27.67
N PRO D 53 17.71 11.01 -26.66
CA PRO D 53 18.00 12.46 -26.81
C PRO D 53 18.89 12.68 -28.04
N GLY D 54 18.56 13.69 -28.82
CA GLY D 54 19.31 14.00 -30.02
C GLY D 54 19.20 15.41 -30.45
N SER D 55 19.60 15.65 -31.69
N SER D 55 19.62 15.64 -31.69
CA SER D 55 19.58 17.04 -32.21
CA SER D 55 19.61 17.00 -32.27
C SER D 55 18.20 17.60 -32.48
C SER D 55 18.21 17.61 -32.38
N GLN D 56 17.19 16.75 -32.45
CA GLN D 56 15.78 17.18 -32.47
C GLN D 56 15.34 17.84 -31.17
N HIS D 57 16.15 17.71 -30.13
CA HIS D 57 15.82 18.22 -28.84
C HIS D 57 16.68 19.44 -28.50
N ILE D 58 16.09 20.46 -27.96
CA ILE D 58 16.80 21.61 -27.48
C ILE D 58 17.26 21.35 -26.06
N ASP D 59 18.21 22.14 -25.60
CA ASP D 59 18.83 21.90 -24.25
C ASP D 59 17.78 21.94 -23.14
N SER D 60 16.79 22.82 -23.26
CA SER D 60 15.75 22.94 -22.24
C SER D 60 14.87 21.70 -22.16
N GLN D 61 14.90 20.81 -23.12
CA GLN D 61 14.13 19.58 -23.07
C GLN D 61 14.82 18.46 -22.33
N LYS D 62 16.15 18.57 -22.12
CA LYS D 62 16.89 17.42 -21.59
C LYS D 62 16.40 16.92 -20.23
N LYS D 63 16.15 17.83 -19.28
CA LYS D 63 15.65 17.40 -17.96
C LYS D 63 14.25 16.84 -18.10
N ALA D 64 13.45 17.42 -19.01
CA ALA D 64 12.04 16.99 -19.15
C ALA D 64 11.93 15.61 -19.78
N ILE D 65 12.89 15.27 -20.66
CA ILE D 65 12.96 13.89 -21.21
C ILE D 65 13.21 12.91 -20.06
N GLU D 66 14.16 13.22 -19.20
CA GLU D 66 14.44 12.34 -18.07
C GLU D 66 13.23 12.26 -17.14
N ARG D 67 12.57 13.39 -16.87
CA ARG D 67 11.37 13.38 -16.03
CA ARG D 67 11.38 13.36 -16.00
C ARG D 67 10.30 12.46 -16.62
N MET D 68 10.13 12.54 -17.96
CA MET D 68 9.07 11.77 -18.58
C MET D 68 9.29 10.27 -18.37
N LYS D 69 10.53 9.82 -18.50
CA LYS D 69 10.81 8.40 -18.27
C LYS D 69 10.55 8.07 -16.78
N ASP D 70 10.90 8.97 -15.84
CA ASP D 70 10.54 8.75 -14.48
C ASP D 70 9.03 8.58 -14.29
N THR D 71 8.26 9.46 -14.94
CA THR D 71 6.82 9.46 -14.84
C THR D 71 6.23 8.17 -15.38
N LEU D 72 6.74 7.72 -16.54
CA LEU D 72 6.17 6.49 -17.11
C LEU D 72 6.45 5.28 -16.21
N ARG D 73 7.66 5.21 -15.60
CA ARG D 73 7.98 4.10 -14.74
C ARG D 73 7.05 4.05 -13.52
N ILE D 74 6.87 5.20 -12.86
CA ILE D 74 6.04 5.17 -11.65
CA ILE D 74 6.05 5.21 -11.64
C ILE D 74 4.57 5.03 -12.02
N ALA D 75 4.14 5.58 -13.14
CA ALA D 75 2.74 5.34 -13.56
C ALA D 75 2.54 3.83 -13.79
N TYR D 76 3.48 3.16 -14.46
CA TYR D 76 3.39 1.71 -14.69
C TYR D 76 3.26 0.96 -13.34
N LEU D 77 4.15 1.30 -12.42
CA LEU D 77 4.26 0.56 -11.16
C LEU D 77 3.07 0.82 -10.22
N THR D 78 2.39 1.96 -10.36
CA THR D 78 1.20 2.31 -9.59
CA THR D 78 1.19 2.25 -9.58
CA THR D 78 1.20 2.40 -9.61
C THR D 78 -0.09 1.95 -10.30
N GLU D 79 0.01 1.40 -11.53
CA GLU D 79 -1.19 1.14 -12.32
C GLU D 79 -2.01 2.38 -12.52
N ALA D 80 -1.37 3.52 -12.68
CA ALA D 80 -2.11 4.73 -12.83
C ALA D 80 -2.74 4.80 -14.23
N LYS D 81 -3.97 5.23 -14.29
CA LYS D 81 -4.65 5.41 -15.57
CA LYS D 81 -4.64 5.40 -15.57
C LYS D 81 -4.05 6.58 -16.33
N VAL D 82 -3.62 6.32 -17.56
CA VAL D 82 -3.16 7.36 -18.45
C VAL D 82 -4.39 7.86 -19.20
N GLU D 83 -4.66 9.16 -19.16
CA GLU D 83 -5.80 9.75 -19.89
C GLU D 83 -5.36 9.91 -21.36
N LYS D 84 -4.43 10.81 -21.63
CA LYS D 84 -4.01 11.10 -22.97
C LYS D 84 -2.48 11.14 -23.06
N LEU D 85 -2.00 10.86 -24.29
CA LEU D 85 -0.64 11.18 -24.67
C LEU D 85 -0.71 12.12 -25.89
N CYS D 86 0.14 13.13 -25.85
CA CYS D 86 0.46 13.92 -27.05
C CYS D 86 1.68 13.34 -27.62
N VAL D 87 1.65 12.98 -28.91
CA VAL D 87 2.77 12.34 -29.52
C VAL D 87 3.15 13.02 -30.84
N TRP D 88 4.42 12.89 -31.21
CA TRP D 88 4.82 13.14 -32.59
C TRP D 88 4.55 11.89 -33.38
N ASN D 89 3.78 12.06 -34.47
CA ASN D 89 3.41 10.91 -35.33
C ASN D 89 4.26 10.76 -36.58
N ASN D 90 5.35 11.50 -36.60
CA ASN D 90 6.35 11.40 -37.66
C ASN D 90 7.52 10.52 -37.22
N LYS D 91 7.33 9.76 -36.16
CA LYS D 91 8.28 8.77 -35.66
C LYS D 91 7.57 7.47 -35.46
N THR D 92 8.33 6.37 -35.53
CA THR D 92 7.82 5.01 -35.30
C THR D 92 8.70 4.36 -34.27
N PRO D 93 8.19 3.92 -33.12
CA PRO D 93 6.83 4.20 -32.65
C PRO D 93 6.61 5.69 -32.42
N HIS D 94 5.35 6.08 -32.28
CA HIS D 94 5.07 7.48 -32.02
C HIS D 94 5.82 7.92 -30.75
N ALA D 95 6.28 9.17 -30.78
CA ALA D 95 7.17 9.68 -29.76
C ALA D 95 6.43 10.61 -28.79
N ILE D 96 6.55 10.33 -27.49
CA ILE D 96 5.80 11.07 -26.49
C ILE D 96 6.32 12.48 -26.32
N ALA D 97 5.38 13.45 -26.40
CA ALA D 97 5.60 14.83 -26.10
C ALA D 97 5.00 15.23 -24.77
N ALA D 98 3.87 14.67 -24.39
CA ALA D 98 3.22 15.05 -23.10
C ALA D 98 2.32 13.92 -22.70
N ILE D 99 2.01 13.89 -21.39
CA ILE D 99 1.12 12.87 -20.82
C ILE D 99 0.15 13.59 -19.86
N SER D 100 -1.07 13.07 -19.81
CA SER D 100 -2.05 13.49 -18.75
C SER D 100 -2.58 12.23 -18.08
N MET D 101 -2.78 12.37 -16.77
CA MET D 101 -3.37 11.36 -15.93
C MET D 101 -4.55 11.99 -15.18
N ALA D 102 -5.67 11.32 -15.17
CA ALA D 102 -6.85 11.78 -14.52
C ALA D 102 -7.55 10.42 -14.28
N ASN D 103 -7.98 10.25 -13.06
CA ASN D 103 -8.79 9.06 -12.68
C ASN D 103 -8.93 9.08 -11.19
N THR E 1 12.16 34.93 8.12
CA THR E 1 11.69 33.75 7.37
C THR E 1 10.24 33.49 7.76
N PRO E 2 9.33 33.29 6.80
CA PRO E 2 7.96 32.97 7.11
C PRO E 2 7.83 31.56 7.71
N GLN E 3 6.66 31.32 8.36
CA GLN E 3 6.39 30.05 9.01
C GLN E 3 5.26 29.23 8.40
N ASN E 4 4.61 29.82 7.41
CA ASN E 4 3.51 29.18 6.74
C ASN E 4 3.36 29.77 5.37
N ILE E 5 2.61 29.01 4.57
CA ILE E 5 2.43 29.39 3.16
C ILE E 5 1.72 30.72 2.98
N THR E 6 0.78 31.08 3.85
CA THR E 6 0.07 32.33 3.69
C THR E 6 1.01 33.52 3.89
N ASP E 7 1.83 33.44 4.95
CA ASP E 7 2.75 34.50 5.21
C ASP E 7 3.83 34.59 4.13
N LEU E 8 4.33 33.46 3.65
CA LEU E 8 5.30 33.42 2.53
C LEU E 8 4.69 34.12 1.32
N CYS E 9 3.46 33.73 0.99
CA CYS E 9 2.79 34.24 -0.22
CA CYS E 9 2.69 34.27 -0.16
C CYS E 9 2.71 35.78 -0.18
N ALA E 10 2.42 36.30 1.00
CA ALA E 10 2.31 37.74 1.19
C ALA E 10 3.58 38.55 1.01
N GLU E 11 4.73 37.90 0.96
CA GLU E 11 5.98 38.56 0.74
C GLU E 11 6.17 38.99 -0.72
N TYR E 12 5.25 38.57 -1.61
CA TYR E 12 5.41 38.75 -3.06
C TYR E 12 4.25 39.56 -3.64
N HIS E 13 4.58 40.36 -4.64
CA HIS E 13 3.55 41.00 -5.45
C HIS E 13 2.88 39.99 -6.40
N ASN E 14 1.66 40.31 -6.81
CA ASN E 14 0.92 39.53 -7.80
C ASN E 14 0.68 38.09 -7.37
N THR E 15 0.47 37.84 -6.06
CA THR E 15 0.17 36.51 -5.61
C THR E 15 -1.13 36.46 -4.83
N GLN E 16 -1.67 35.25 -4.75
CA GLN E 16 -2.84 34.97 -3.95
C GLN E 16 -2.77 33.50 -3.50
N ILE E 17 -3.46 33.26 -2.40
CA ILE E 17 -3.69 31.93 -1.85
C ILE E 17 -4.99 31.35 -2.39
N HIS E 18 -4.94 30.15 -2.93
CA HIS E 18 -6.13 29.34 -3.24
C HIS E 18 -6.18 28.29 -2.13
N THR E 19 -7.33 28.16 -1.46
CA THR E 19 -7.53 27.13 -0.50
C THR E 19 -8.38 26.05 -1.14
N LEU E 20 -7.76 24.91 -1.44
CA LEU E 20 -8.38 23.84 -2.15
C LEU E 20 -8.91 22.73 -1.27
N ASN E 21 -8.14 22.34 -0.26
CA ASN E 21 -8.53 21.19 0.62
C ASN E 21 -9.08 20.04 -0.20
N ASP E 22 -8.30 19.62 -1.21
CA ASP E 22 -8.73 18.56 -2.13
C ASP E 22 -7.56 17.90 -2.79
N LYS E 23 -7.74 16.67 -3.27
CA LYS E 23 -6.73 15.97 -4.04
CA LYS E 23 -6.69 16.02 -4.02
C LYS E 23 -6.63 16.60 -5.43
N ILE E 24 -5.51 16.38 -6.09
CA ILE E 24 -5.31 16.76 -7.48
C ILE E 24 -6.19 15.85 -8.35
N PHE E 25 -6.96 16.48 -9.22
CA PHE E 25 -7.82 15.76 -10.13
C PHE E 25 -7.11 15.28 -11.39
N SER E 26 -6.20 16.09 -11.96
CA SER E 26 -5.40 15.63 -13.11
C SER E 26 -4.03 16.23 -13.04
N TYR E 27 -3.11 15.48 -13.61
N TYR E 27 -3.09 15.46 -13.56
CA TYR E 27 -1.72 15.85 -13.68
CA TYR E 27 -1.68 15.90 -13.64
C TYR E 27 -1.28 15.70 -15.12
C TYR E 27 -1.18 15.68 -15.06
N THR E 28 -0.65 16.76 -15.66
CA THR E 28 -0.17 16.76 -17.03
C THR E 28 1.28 17.27 -17.01
N GLU E 29 2.19 16.59 -17.76
N GLU E 29 2.07 16.71 -17.95
CA GLU E 29 3.49 17.22 -17.98
CA GLU E 29 3.48 16.95 -17.99
C GLU E 29 3.91 17.03 -19.42
C GLU E 29 3.94 16.97 -19.45
N SER E 30 4.76 17.96 -19.85
CA SER E 30 5.23 18.06 -21.22
C SER E 30 6.73 18.20 -21.29
N LEU E 31 7.30 17.53 -22.31
CA LEU E 31 8.70 17.66 -22.67
C LEU E 31 8.90 18.42 -23.96
N ALA E 32 7.82 18.90 -24.58
CA ALA E 32 7.90 19.59 -25.88
C ALA E 32 8.70 20.92 -25.68
N GLY E 33 9.46 21.26 -26.74
CA GLY E 33 10.36 22.43 -26.65
C GLY E 33 9.59 23.68 -26.44
N LYS E 34 10.05 24.49 -25.46
CA LYS E 34 9.39 25.72 -25.03
C LYS E 34 8.10 25.54 -24.24
N ARG E 35 7.71 24.30 -23.98
CA ARG E 35 6.57 23.99 -23.14
C ARG E 35 6.96 22.87 -22.15
N GLU E 36 8.16 23.01 -21.56
CA GLU E 36 8.65 22.03 -20.58
C GLU E 36 8.06 22.41 -19.20
N MET E 37 6.90 21.88 -18.93
CA MET E 37 6.00 22.39 -17.88
C MET E 37 5.13 21.30 -17.37
N ALA E 38 4.47 21.59 -16.24
CA ALA E 38 3.41 20.74 -15.74
C ALA E 38 2.16 21.58 -15.48
N ILE E 39 1.00 20.90 -15.60
CA ILE E 39 -0.31 21.51 -15.35
C ILE E 39 -1.10 20.58 -14.42
N ILE E 40 -1.73 21.14 -13.41
CA ILE E 40 -2.62 20.37 -12.54
C ILE E 40 -4.00 20.99 -12.55
N THR E 41 -5.00 20.14 -12.36
CA THR E 41 -6.36 20.64 -12.14
C THR E 41 -6.95 20.03 -10.88
N PHE E 42 -8.00 20.68 -10.41
CA PHE E 42 -8.84 20.18 -9.32
C PHE E 42 -10.25 19.97 -9.89
N LYS E 43 -11.05 19.23 -9.15
CA LYS E 43 -12.40 18.89 -9.56
C LYS E 43 -13.26 20.12 -9.83
N ASN E 44 -13.05 21.21 -9.13
CA ASN E 44 -13.81 22.43 -9.35
C ASN E 44 -13.37 23.16 -10.61
N GLY E 45 -12.40 22.65 -11.38
CA GLY E 45 -11.91 23.29 -12.60
C GLY E 45 -10.68 24.17 -12.41
N ALA E 46 -10.30 24.44 -11.18
CA ALA E 46 -9.13 25.27 -10.93
C ALA E 46 -7.94 24.61 -11.60
N THR E 47 -7.17 25.42 -12.37
CA THR E 47 -6.06 24.92 -13.20
C THR E 47 -4.84 25.75 -12.89
N PHE E 48 -3.71 25.06 -12.67
CA PHE E 48 -2.48 25.71 -12.31
C PHE E 48 -1.32 25.15 -13.08
N GLN E 49 -0.32 25.97 -13.33
CA GLN E 49 0.92 25.54 -13.98
C GLN E 49 2.12 25.64 -13.05
N VAL E 50 3.11 24.81 -13.37
CA VAL E 50 4.48 25.11 -12.98
C VAL E 50 5.11 25.67 -14.27
N GLU E 51 5.54 26.92 -14.22
CA GLU E 51 6.01 27.62 -15.38
C GLU E 51 7.23 26.94 -15.98
N VAL E 52 7.32 27.11 -17.29
CA VAL E 52 8.56 26.80 -18.03
C VAL E 52 9.65 27.68 -17.40
N PRO E 53 10.82 27.12 -17.11
CA PRO E 53 11.90 27.95 -16.58
C PRO E 53 12.27 29.03 -17.57
N GLY E 54 12.45 30.25 -17.08
CA GLY E 54 12.79 31.37 -17.96
C GLY E 54 13.56 32.48 -17.28
N SER E 55 13.64 33.61 -17.98
CA SER E 55 14.44 34.74 -17.55
C SER E 55 13.86 35.41 -16.34
N GLN E 56 12.60 35.14 -16.02
CA GLN E 56 11.96 35.63 -14.82
C GLN E 56 12.39 34.92 -13.58
N HIS E 57 13.09 33.78 -13.72
CA HIS E 57 13.56 32.98 -12.60
C HIS E 57 15.00 33.30 -12.30
N ILE E 58 15.32 33.25 -11.03
CA ILE E 58 16.71 33.30 -10.58
C ILE E 58 17.24 31.88 -10.44
N ASP E 59 18.56 31.74 -10.43
CA ASP E 59 19.16 30.40 -10.48
C ASP E 59 18.72 29.48 -9.37
N SER E 60 18.54 30.02 -8.16
CA SER E 60 18.10 29.18 -7.04
C SER E 60 16.74 28.56 -7.27
N GLN E 61 15.95 29.17 -8.16
CA GLN E 61 14.62 28.62 -8.46
C GLN E 61 14.67 27.41 -9.34
N LYS E 62 15.78 27.21 -10.08
CA LYS E 62 15.82 26.11 -11.05
CA LYS E 62 15.73 26.14 -11.08
C LYS E 62 15.54 24.77 -10.38
N LYS E 63 16.30 24.43 -9.34
CA LYS E 63 16.09 23.14 -8.68
CA LYS E 63 16.14 23.16 -8.66
C LYS E 63 14.74 23.10 -8.04
N ALA E 64 14.26 24.25 -7.54
CA ALA E 64 12.98 24.27 -6.86
C ALA E 64 11.82 24.02 -7.83
N ILE E 65 11.92 24.52 -9.05
CA ILE E 65 10.93 24.24 -10.07
C ILE E 65 10.87 22.72 -10.34
N GLU E 66 12.04 22.07 -10.46
CA GLU E 66 12.07 20.64 -10.72
C GLU E 66 11.46 19.88 -9.52
N ARG E 67 11.81 20.28 -8.31
CA ARG E 67 11.22 19.68 -7.13
C ARG E 67 9.71 19.79 -7.12
N MET E 68 9.21 20.96 -7.43
CA MET E 68 7.77 21.17 -7.38
C MET E 68 7.06 20.20 -8.29
N LYS E 69 7.56 20.02 -9.54
CA LYS E 69 6.93 19.06 -10.44
C LYS E 69 6.98 17.64 -9.87
N ASP E 70 8.09 17.27 -9.23
CA ASP E 70 8.21 16.00 -8.53
C ASP E 70 7.12 15.88 -7.46
N THR E 71 6.95 16.95 -6.70
CA THR E 71 5.96 16.92 -5.63
C THR E 71 4.55 16.79 -6.13
N LEU E 72 4.20 17.50 -7.21
CA LEU E 72 2.83 17.43 -7.74
C LEU E 72 2.56 16.00 -8.29
N ARG E 73 3.55 15.39 -8.95
CA ARG E 73 3.32 14.06 -9.49
C ARG E 73 3.07 13.05 -8.35
N ILE E 74 3.91 13.07 -7.31
CA ILE E 74 3.67 12.10 -6.26
CA ILE E 74 3.70 12.10 -6.23
C ILE E 74 2.43 12.44 -5.45
N ALA E 75 2.11 13.73 -5.26
CA ALA E 75 0.88 14.04 -4.57
C ALA E 75 -0.31 13.48 -5.36
N TYR E 76 -0.28 13.66 -6.70
CA TYR E 76 -1.36 13.12 -7.50
C TYR E 76 -1.51 11.62 -7.30
N LEU E 77 -0.37 10.92 -7.41
CA LEU E 77 -0.37 9.44 -7.37
C LEU E 77 -0.69 8.87 -6.01
N THR E 78 -0.54 9.64 -4.94
N THR E 78 -0.49 9.67 -4.96
CA THR E 78 -0.89 9.20 -3.59
CA THR E 78 -0.83 9.32 -3.59
C THR E 78 -2.26 9.76 -3.18
C THR E 78 -2.25 9.75 -3.20
N GLU E 79 -2.95 10.51 -4.05
CA GLU E 79 -4.22 11.12 -3.70
C GLU E 79 -4.06 12.02 -2.49
N ALA E 80 -2.92 12.70 -2.35
CA ALA E 80 -2.68 13.54 -1.17
C ALA E 80 -3.54 14.79 -1.24
N LYS E 81 -4.14 15.15 -0.14
CA LYS E 81 -4.89 16.38 -0.05
CA LYS E 81 -4.89 16.38 -0.10
C LYS E 81 -3.97 17.61 -0.12
N VAL E 82 -4.23 18.49 -1.08
CA VAL E 82 -3.62 19.79 -1.16
C VAL E 82 -4.45 20.77 -0.31
N GLU E 83 -3.76 21.41 0.64
CA GLU E 83 -4.39 22.39 1.47
C GLU E 83 -4.50 23.71 0.71
N LYS E 84 -3.39 24.36 0.46
CA LYS E 84 -3.36 25.62 -0.22
C LYS E 84 -2.28 25.64 -1.32
N LEU E 85 -2.52 26.50 -2.30
CA LEU E 85 -1.48 26.92 -3.21
C LEU E 85 -1.33 28.40 -3.15
N CYS E 86 -0.03 28.83 -3.13
CA CYS E 86 0.31 30.21 -3.40
C CYS E 86 0.61 30.32 -4.84
N VAL E 87 -0.05 31.24 -5.55
CA VAL E 87 0.17 31.34 -7.01
C VAL E 87 0.37 32.78 -7.46
N TRP E 88 1.08 32.96 -8.53
CA TRP E 88 1.12 34.23 -9.21
C TRP E 88 -0.10 34.34 -10.10
N ASN E 89 -0.84 35.43 -9.93
CA ASN E 89 -2.08 35.67 -10.66
C ASN E 89 -1.89 36.57 -11.85
N ASN E 90 -0.65 36.87 -12.22
CA ASN E 90 -0.32 37.61 -13.49
C ASN E 90 0.11 36.63 -14.61
N LYS E 91 -0.26 35.36 -14.45
CA LYS E 91 -0.03 34.32 -15.44
C LYS E 91 -1.34 33.57 -15.60
N THR E 92 -1.53 33.00 -16.80
CA THR E 92 -2.70 32.20 -17.17
C THR E 92 -2.22 30.89 -17.78
N PRO E 93 -2.47 29.74 -17.17
CA PRO E 93 -3.09 29.59 -15.84
C PRO E 93 -2.25 30.15 -14.72
N HIS E 94 -2.84 30.35 -13.54
CA HIS E 94 -2.10 30.81 -12.41
CA HIS E 94 -2.03 30.87 -12.48
C HIS E 94 -0.87 29.93 -12.20
N ALA E 95 0.25 30.53 -11.82
CA ALA E 95 1.51 29.83 -11.69
C ALA E 95 1.91 29.52 -10.25
N ILE E 96 2.22 28.27 -9.96
CA ILE E 96 2.49 27.86 -8.62
C ILE E 96 3.81 28.47 -8.11
N ALA E 97 3.70 29.07 -6.92
CA ALA E 97 4.82 29.50 -6.13
C ALA E 97 5.13 28.59 -4.94
N ALA E 98 4.05 28.07 -4.31
CA ALA E 98 4.23 27.19 -3.15
C ALA E 98 2.99 26.33 -2.98
N ILE E 99 3.18 25.22 -2.27
CA ILE E 99 2.10 24.30 -1.99
C ILE E 99 2.17 23.90 -0.52
N SER E 100 1.01 23.67 0.12
CA SER E 100 0.93 23.05 1.38
C SER E 100 0.03 21.84 1.25
N MET E 101 0.41 20.81 2.00
CA MET E 101 -0.33 19.57 2.11
C MET E 101 -0.61 19.28 3.57
N ALA E 102 -1.84 18.96 3.86
CA ALA E 102 -2.25 18.62 5.16
C ALA E 102 -3.63 17.95 5.01
N ASN E 103 -4.02 17.28 6.08
CA ASN E 103 -5.50 17.17 6.38
C ASN E 103 -5.98 18.11 7.45
N THR F 1 -5.22 -14.61 34.41
CA THR F 1 -5.18 -14.38 32.93
C THR F 1 -3.76 -13.99 32.55
N PRO F 2 -3.22 -14.60 31.47
CA PRO F 2 -1.87 -14.34 31.05
C PRO F 2 -1.77 -12.99 30.33
N GLN F 3 -0.55 -12.45 30.29
CA GLN F 3 -0.22 -11.16 29.66
C GLN F 3 0.64 -11.28 28.45
N ASN F 4 1.06 -12.51 28.12
CA ASN F 4 1.87 -12.73 26.91
C ASN F 4 1.74 -14.18 26.51
N ILE F 5 2.21 -14.47 25.29
CA ILE F 5 2.01 -15.82 24.74
C ILE F 5 2.78 -16.88 25.51
N THR F 6 3.93 -16.53 26.07
CA THR F 6 4.73 -17.53 26.75
C THR F 6 4.04 -17.97 28.03
N ASP F 7 3.55 -17.02 28.80
CA ASP F 7 2.79 -17.34 30.02
C ASP F 7 1.50 -18.09 29.68
N LEU F 8 0.82 -17.72 28.58
CA LEU F 8 -0.38 -18.41 28.19
C LEU F 8 -0.05 -19.88 27.85
N CYS F 9 0.98 -20.05 27.06
N CYS F 9 0.98 -20.06 27.02
CA CYS F 9 1.39 -21.40 26.64
CA CYS F 9 1.46 -21.41 26.64
C CYS F 9 1.74 -22.30 27.82
C CYS F 9 1.67 -22.28 27.84
N ALA F 10 2.33 -21.72 28.86
CA ALA F 10 2.67 -22.47 30.05
C ALA F 10 1.50 -22.91 30.91
N GLU F 11 0.31 -22.38 30.64
CA GLU F 11 -0.89 -22.85 31.30
C GLU F 11 -1.38 -24.20 30.83
N TYR F 12 -0.78 -24.72 29.78
CA TYR F 12 -1.13 -26.00 29.17
C TYR F 12 -0.02 -26.97 29.31
N HIS F 13 -0.31 -28.25 29.11
CA HIS F 13 0.62 -29.31 29.52
C HIS F 13 1.15 -30.13 28.38
N ASN F 14 0.71 -29.92 27.17
CA ASN F 14 1.26 -30.53 25.97
C ASN F 14 1.55 -29.54 24.88
N THR F 15 2.07 -28.39 25.32
CA THR F 15 2.36 -27.30 24.47
C THR F 15 3.80 -26.85 24.56
N GLN F 16 4.26 -26.10 23.56
CA GLN F 16 5.55 -25.46 23.59
C GLN F 16 5.56 -24.21 22.74
N ILE F 17 6.51 -23.34 23.00
CA ILE F 17 6.74 -22.15 22.20
C ILE F 17 7.77 -22.41 21.12
N HIS F 18 7.47 -21.96 19.89
CA HIS F 18 8.46 -21.82 18.84
C HIS F 18 8.64 -20.34 18.58
N THR F 19 9.90 -19.90 18.55
CA THR F 19 10.22 -18.52 18.27
C THR F 19 10.71 -18.46 16.81
N LEU F 20 9.92 -17.82 15.96
CA LEU F 20 10.20 -17.69 14.55
C LEU F 20 10.82 -16.40 14.15
N ASN F 21 10.27 -15.29 14.64
CA ASN F 21 10.71 -13.98 14.20
C ASN F 21 10.90 -13.89 12.70
N ASP F 22 9.86 -14.28 12.01
CA ASP F 22 9.90 -14.31 10.53
C ASP F 22 8.50 -14.25 9.95
N LYS F 23 8.39 -13.84 8.70
CA LYS F 23 7.11 -13.89 7.98
CA LYS F 23 7.13 -13.89 7.96
C LYS F 23 6.82 -15.33 7.60
N ILE F 24 5.55 -15.59 7.31
CA ILE F 24 5.11 -16.91 6.85
C ILE F 24 5.58 -17.08 5.41
N PHE F 25 6.22 -18.20 5.15
CA PHE F 25 6.77 -18.54 3.83
C PHE F 25 5.68 -19.05 2.85
N SER F 26 4.79 -19.92 3.36
CA SER F 26 3.71 -20.43 2.54
C SER F 26 2.47 -20.62 3.36
N TYR F 27 1.34 -20.48 2.69
N TYR F 27 1.34 -20.47 2.70
CA TYR F 27 0.01 -20.60 3.27
CA TYR F 27 0.02 -20.67 3.28
C TYR F 27 -0.76 -21.58 2.40
C TYR F 27 -0.80 -21.57 2.42
N THR F 28 -1.29 -22.65 3.04
CA THR F 28 -2.14 -23.65 2.34
C THR F 28 -3.43 -23.79 3.06
N GLU F 29 -4.49 -23.99 2.28
N GLU F 29 -4.57 -23.79 2.35
CA GLU F 29 -5.83 -23.98 2.80
CA GLU F 29 -5.83 -24.18 3.04
C GLU F 29 -6.63 -25.10 2.05
C GLU F 29 -6.62 -25.09 2.10
N SER F 30 -7.38 -25.92 2.79
CA SER F 30 -8.14 -27.03 2.18
C SER F 30 -9.61 -27.00 2.65
N LEU F 31 -10.51 -27.25 1.68
CA LEU F 31 -11.90 -27.46 1.94
C LEU F 31 -12.33 -28.93 1.78
N ALA F 32 -11.37 -29.79 1.53
CA ALA F 32 -11.68 -31.19 1.28
C ALA F 32 -12.25 -31.85 2.55
N GLY F 33 -13.15 -32.79 2.35
CA GLY F 33 -13.85 -33.33 3.52
C GLY F 33 -12.95 -34.10 4.43
N LYS F 34 -13.04 -33.75 5.73
CA LYS F 34 -12.18 -34.27 6.81
C LYS F 34 -10.80 -33.68 6.83
N ARG F 35 -10.51 -32.77 5.90
CA ARG F 35 -9.24 -32.05 5.90
C ARG F 35 -9.50 -30.56 5.78
N GLU F 36 -10.47 -30.07 6.50
CA GLU F 36 -10.84 -28.66 6.45
C GLU F 36 -9.88 -27.93 7.39
N MET F 37 -8.78 -27.45 6.87
CA MET F 37 -7.65 -27.07 7.71
C MET F 37 -6.80 -26.07 6.97
N ALA F 38 -5.83 -25.46 7.71
CA ALA F 38 -4.76 -24.67 7.10
C ALA F 38 -3.43 -25.17 7.54
N ILE F 39 -2.42 -24.96 6.69
CA ILE F 39 -1.03 -25.33 7.00
C ILE F 39 -0.18 -24.11 6.62
N ILE F 40 0.73 -23.74 7.49
CA ILE F 40 1.73 -22.71 7.20
C ILE F 40 3.11 -23.28 7.29
N THR F 41 4.03 -22.70 6.54
CA THR F 41 5.45 -23.00 6.71
C THR F 41 6.26 -21.71 6.83
N PHE F 42 7.44 -21.87 7.40
CA PHE F 42 8.44 -20.85 7.44
C PHE F 42 9.64 -21.27 6.61
N LYS F 43 10.51 -20.33 6.28
CA LYS F 43 11.66 -20.58 5.36
C LYS F 43 12.56 -21.68 5.91
N ASN F 44 12.64 -21.78 7.23
CA ASN F 44 13.47 -22.79 7.86
C ASN F 44 12.86 -24.23 7.79
N GLY F 45 11.70 -24.40 7.22
CA GLY F 45 11.04 -25.69 7.16
C GLY F 45 10.00 -25.97 8.22
N ALA F 46 9.98 -25.13 9.24
CA ALA F 46 9.00 -25.33 10.30
C ALA F 46 7.61 -25.25 9.68
N THR F 47 6.78 -26.26 10.01
CA THR F 47 5.46 -26.47 9.40
C THR F 47 4.44 -26.61 10.55
N PHE F 48 3.33 -25.91 10.43
CA PHE F 48 2.31 -25.89 11.49
C PHE F 48 0.94 -25.99 10.87
N GLN F 49 -0.01 -26.57 11.60
CA GLN F 49 -1.41 -26.65 11.17
C GLN F 49 -2.32 -25.88 12.09
N VAL F 50 -3.45 -25.46 11.56
CA VAL F 50 -4.66 -25.23 12.35
C VAL F 50 -5.47 -26.50 12.16
N GLU F 51 -5.74 -27.22 13.25
CA GLU F 51 -6.41 -28.52 13.16
C GLU F 51 -7.80 -28.40 12.62
N VAL F 52 -8.20 -29.49 11.95
CA VAL F 52 -9.58 -29.74 11.65
C VAL F 52 -10.38 -29.73 12.94
N PRO F 53 -11.52 -29.03 13.01
CA PRO F 53 -12.30 -29.02 14.24
C PRO F 53 -12.75 -30.42 14.58
N GLY F 54 -12.71 -30.79 15.84
CA GLY F 54 -13.05 -32.16 16.21
C GLY F 54 -13.44 -32.28 17.64
N SER F 55 -13.57 -33.54 18.07
CA SER F 55 -14.09 -33.82 19.39
C SER F 55 -13.19 -33.40 20.53
N GLN F 56 -11.93 -33.13 20.21
CA GLN F 56 -10.92 -32.59 21.14
C GLN F 56 -11.15 -31.13 21.52
N HIS F 57 -12.00 -30.48 20.73
CA HIS F 57 -12.25 -29.02 20.91
C HIS F 57 -13.51 -28.84 21.72
N ILE F 58 -13.53 -27.78 22.50
CA ILE F 58 -14.77 -27.34 23.14
C ILE F 58 -15.44 -26.26 22.30
N ASP F 59 -16.70 -26.02 22.57
CA ASP F 59 -17.51 -25.16 21.72
C ASP F 59 -16.88 -23.78 21.54
N SER F 60 -16.33 -23.21 22.59
CA SER F 60 -15.72 -21.86 22.51
C SER F 60 -14.53 -21.82 21.54
N GLN F 61 -13.89 -22.96 21.30
CA GLN F 61 -12.80 -23.01 20.36
C GLN F 61 -13.21 -22.94 18.91
N LYS F 62 -14.48 -23.24 18.60
CA LYS F 62 -14.94 -23.25 17.18
CA LYS F 62 -14.83 -23.29 17.18
C LYS F 62 -14.70 -21.94 16.49
N LYS F 63 -15.20 -20.84 17.06
CA LYS F 63 -15.00 -19.53 16.44
CA LYS F 63 -14.99 -19.51 16.47
C LYS F 63 -13.54 -19.17 16.46
N ALA F 64 -12.80 -19.59 17.53
CA ALA F 64 -11.41 -19.21 17.63
C ALA F 64 -10.56 -19.91 16.57
N ILE F 65 -10.89 -21.16 16.24
CA ILE F 65 -10.20 -21.83 15.13
C ILE F 65 -10.40 -21.07 13.81
N GLU F 66 -11.62 -20.64 13.57
CA GLU F 66 -11.91 -19.87 12.35
C GLU F 66 -11.16 -18.54 12.36
N ARG F 67 -11.10 -17.88 13.49
CA ARG F 67 -10.34 -16.62 13.58
C ARG F 67 -8.87 -16.87 13.28
N MET F 68 -8.28 -17.92 13.82
CA MET F 68 -6.85 -18.15 13.62
C MET F 68 -6.55 -18.32 12.12
N LYS F 69 -7.37 -19.10 11.42
CA LYS F 69 -7.14 -19.22 9.98
C LYS F 69 -7.27 -17.86 9.25
N ASP F 70 -8.22 -17.01 9.67
CA ASP F 70 -8.31 -15.66 9.15
C ASP F 70 -6.99 -14.90 9.41
N THR F 71 -6.48 -15.01 10.64
CA THR F 71 -5.27 -14.31 11.03
C THR F 71 -4.06 -14.76 10.21
N LEU F 72 -3.92 -16.09 10.02
CA LEU F 72 -2.76 -16.58 9.30
C LEU F 72 -2.79 -16.13 7.84
N ARG F 73 -3.99 -16.11 7.21
CA ARG F 73 -4.10 -15.68 5.84
C ARG F 73 -3.69 -14.22 5.71
N ILE F 74 -4.23 -13.36 6.54
CA ILE F 74 -3.88 -11.95 6.39
CA ILE F 74 -3.90 -11.93 6.40
C ILE F 74 -2.45 -11.67 6.80
N ALA F 75 -1.92 -12.39 7.79
CA ALA F 75 -0.51 -12.24 8.14
C ALA F 75 0.37 -12.63 6.93
N TYR F 76 0.00 -13.74 6.28
CA TYR F 76 0.78 -14.15 5.08
C TYR F 76 0.76 -13.06 4.04
N LEU F 77 -0.44 -12.54 3.74
CA LEU F 77 -0.58 -11.55 2.64
C LEU F 77 -0.01 -10.19 2.96
N THR F 78 0.16 -9.85 4.23
N THR F 78 0.12 -9.88 4.25
CA THR F 78 0.80 -8.57 4.61
CA THR F 78 0.72 -8.63 4.76
C THR F 78 2.29 -8.79 4.94
C THR F 78 2.25 -8.79 4.95
N GLU F 79 2.77 -10.00 4.79
CA GLU F 79 4.16 -10.28 5.15
C GLU F 79 4.47 -9.89 6.59
N ALA F 80 3.51 -10.10 7.50
CA ALA F 80 3.68 -9.70 8.90
C ALA F 80 4.64 -10.65 9.58
N LYS F 81 5.52 -10.11 10.39
CA LYS F 81 6.42 -10.91 11.19
CA LYS F 81 6.44 -10.93 11.17
C LYS F 81 5.68 -11.68 12.26
N VAL F 82 5.84 -13.00 12.30
CA VAL F 82 5.38 -13.80 13.39
C VAL F 82 6.51 -13.92 14.41
N GLU F 83 6.22 -13.50 15.63
CA GLU F 83 7.23 -13.58 16.70
C GLU F 83 7.29 -15.03 17.20
N LYS F 84 6.21 -15.46 17.89
CA LYS F 84 6.16 -16.79 18.46
C LYS F 84 4.85 -17.49 18.13
N LEU F 85 4.92 -18.82 18.13
CA LEU F 85 3.72 -19.66 18.12
C LEU F 85 3.74 -20.52 19.40
N CYS F 86 2.58 -20.68 20.02
CA CYS F 86 2.37 -21.71 21.04
C CYS F 86 1.66 -22.85 20.30
N VAL F 87 2.23 -24.04 20.38
CA VAL F 87 1.66 -25.17 19.64
C VAL F 87 1.40 -26.36 20.60
N TRP F 88 0.43 -27.20 20.22
CA TRP F 88 0.32 -28.53 20.77
C TRP F 88 1.31 -29.41 20.03
N ASN F 89 2.16 -30.08 20.81
CA ASN F 89 3.29 -30.84 20.25
C ASN F 89 3.07 -32.37 20.15
N ASN F 90 1.84 -32.76 20.39
CA ASN F 90 1.39 -34.14 20.22
C ASN F 90 0.62 -34.39 18.91
N LYS F 91 0.81 -33.48 17.97
CA LYS F 91 0.22 -33.53 16.62
C LYS F 91 1.37 -33.27 15.64
N THR F 92 1.20 -33.86 14.44
CA THR F 92 2.13 -33.65 13.32
C THR F 92 1.33 -33.22 12.12
N PRO F 93 1.59 -32.04 11.54
CA PRO F 93 2.51 -31.03 12.05
C PRO F 93 2.01 -30.48 13.40
N HIS F 94 2.91 -29.82 14.16
CA HIS F 94 2.43 -29.23 15.39
C HIS F 94 1.23 -28.30 15.12
N ALA F 95 0.34 -28.27 16.11
CA ALA F 95 -0.95 -27.62 15.95
C ALA F 95 -0.95 -26.26 16.65
N ILE F 96 -1.31 -25.21 15.98
CA ILE F 96 -1.28 -23.84 16.58
C ILE F 96 -2.38 -23.68 17.61
N ALA F 97 -1.90 -23.22 18.78
CA ALA F 97 -2.74 -22.75 19.90
C ALA F 97 -2.81 -21.24 20.03
N ALA F 98 -1.69 -20.57 19.71
CA ALA F 98 -1.67 -19.11 19.84
C ALA F 98 -0.51 -18.60 18.98
N ILE F 99 -0.66 -17.32 18.58
CA ILE F 99 0.32 -16.62 17.79
C ILE F 99 0.59 -15.25 18.42
N SER F 100 1.82 -14.78 18.31
CA SER F 100 2.15 -13.37 18.60
C SER F 100 2.84 -12.77 17.39
N MET F 101 2.49 -11.50 17.15
CA MET F 101 3.04 -10.70 16.04
CA MET F 101 3.06 -10.74 16.06
C MET F 101 3.60 -9.46 16.65
N ALA F 102 4.82 -9.09 16.25
CA ALA F 102 5.41 -7.84 16.67
C ALA F 102 6.47 -7.59 15.58
N ASN F 103 6.80 -6.30 15.35
CA ASN F 103 7.96 -6.02 14.53
C ASN F 103 8.48 -4.71 14.68
N THR G 1 -27.28 8.49 25.04
CA THR G 1 -26.19 7.90 24.28
C THR G 1 -24.98 8.84 24.21
N PRO G 2 -23.78 8.35 24.52
CA PRO G 2 -22.59 9.19 24.50
C PRO G 2 -22.14 9.55 23.10
N GLN G 3 -21.34 10.61 23.01
CA GLN G 3 -20.81 11.08 21.74
C GLN G 3 -19.32 10.82 21.53
N ASN G 4 -18.66 10.30 22.56
CA ASN G 4 -17.22 10.04 22.48
C ASN G 4 -16.87 8.98 23.50
N ILE G 5 -15.67 8.46 23.40
CA ILE G 5 -15.23 7.36 24.22
C ILE G 5 -15.13 7.74 25.71
N THR G 6 -14.76 8.99 25.99
CA THR G 6 -14.59 9.40 27.39
C THR G 6 -15.93 9.42 28.10
N ASP G 7 -16.92 10.03 27.45
CA ASP G 7 -18.25 10.07 28.04
C ASP G 7 -18.84 8.69 28.17
N LEU G 8 -18.60 7.82 27.16
CA LEU G 8 -19.05 6.44 27.23
C LEU G 8 -18.43 5.74 28.43
N CYS G 9 -17.12 5.90 28.60
CA CYS G 9 -16.37 5.16 29.64
CA CYS G 9 -16.35 5.21 29.66
C CYS G 9 -16.91 5.53 31.04
N ALA G 10 -17.30 6.80 31.20
CA ALA G 10 -17.79 7.35 32.45
C ALA G 10 -19.14 6.79 32.86
N GLU G 11 -19.84 6.12 31.93
CA GLU G 11 -21.11 5.46 32.26
CA GLU G 11 -21.11 5.44 32.27
C GLU G 11 -20.92 4.16 33.07
N TYR G 12 -19.70 3.64 33.12
CA TYR G 12 -19.39 2.34 33.69
C TYR G 12 -18.67 2.49 34.98
N HIS G 13 -18.47 1.35 35.65
CA HIS G 13 -17.72 1.33 36.94
CA HIS G 13 -17.89 1.21 36.98
C HIS G 13 -16.56 0.48 36.81
N ASN G 14 -15.56 0.81 37.60
CA ASN G 14 -14.27 0.19 37.53
C ASN G 14 -13.68 0.32 36.12
N THR G 15 -13.95 1.50 35.49
CA THR G 15 -13.31 1.77 34.22
C THR G 15 -12.42 2.99 34.28
N GLN G 16 -11.54 3.09 33.32
CA GLN G 16 -10.68 4.22 33.10
C GLN G 16 -10.33 4.34 31.65
N ILE G 17 -10.01 5.55 31.27
CA ILE G 17 -9.42 5.86 29.98
C ILE G 17 -7.92 5.81 30.03
N HIS G 18 -7.30 5.10 29.10
CA HIS G 18 -5.87 5.21 28.82
C HIS G 18 -5.78 6.02 27.53
N THR G 19 -4.95 7.03 27.52
CA THR G 19 -4.64 7.77 26.36
C THR G 19 -3.29 7.33 25.84
N LEU G 20 -3.29 6.63 24.71
CA LEU G 20 -2.09 6.00 24.14
C LEU G 20 -1.48 6.85 23.04
N ASN G 21 -2.29 7.32 22.11
CA ASN G 21 -1.82 8.01 20.92
C ASN G 21 -0.61 7.33 20.26
N ASP G 22 -0.76 6.03 20.02
CA ASP G 22 0.32 5.20 19.49
C ASP G 22 -0.29 4.00 18.80
N LYS G 23 0.53 3.42 17.92
CA LYS G 23 0.13 2.17 17.25
CA LYS G 23 0.27 2.14 17.25
C LYS G 23 0.35 0.99 18.24
N ILE G 24 -0.33 -0.11 17.96
CA ILE G 24 -0.17 -1.33 18.72
C ILE G 24 1.20 -1.92 18.45
N PHE G 25 1.94 -2.24 19.52
CA PHE G 25 3.24 -2.85 19.45
C PHE G 25 3.26 -4.33 19.20
N SER G 26 2.34 -5.05 19.86
CA SER G 26 2.24 -6.46 19.61
C SER G 26 0.79 -6.91 19.70
N TYR G 27 0.45 -7.93 18.91
N TYR G 27 0.49 -7.98 18.96
CA TYR G 27 -0.87 -8.56 18.86
CA TYR G 27 -0.83 -8.57 18.90
C TYR G 27 -0.67 -10.06 19.11
C TYR G 27 -0.65 -10.06 19.13
N THR G 28 -1.42 -10.58 20.10
CA THR G 28 -1.40 -11.99 20.46
C THR G 28 -2.81 -12.53 20.43
N GLU G 29 -2.96 -13.75 19.88
N GLU G 29 -3.10 -13.64 19.75
CA GLU G 29 -4.24 -14.37 19.68
CA GLU G 29 -4.41 -14.28 19.95
C GLU G 29 -4.18 -15.82 20.09
C GLU G 29 -4.26 -15.75 20.08
N SER G 30 -5.20 -16.31 20.83
CA SER G 30 -5.21 -17.68 21.31
C SER G 30 -6.53 -18.38 21.05
N LEU G 31 -6.41 -19.63 20.61
CA LEU G 31 -7.58 -20.55 20.52
CA LEU G 31 -7.54 -20.54 20.48
C LEU G 31 -7.48 -21.66 21.56
N ALA G 32 -6.61 -21.56 22.54
CA ALA G 32 -6.47 -22.59 23.59
C ALA G 32 -7.76 -22.58 24.41
N GLY G 33 -8.21 -23.76 24.84
CA GLY G 33 -9.47 -23.89 25.50
C GLY G 33 -9.51 -23.08 26.81
N LYS G 34 -10.54 -22.27 26.93
CA LYS G 34 -10.72 -21.33 28.10
CA LYS G 34 -10.80 -21.34 28.04
C LYS G 34 -9.84 -20.14 28.05
N ARG G 35 -9.04 -20.00 26.97
CA ARG G 35 -8.21 -18.81 26.76
CA ARG G 35 -8.24 -18.80 26.77
C ARG G 35 -8.39 -18.31 25.32
N GLU G 36 -9.63 -18.29 24.88
CA GLU G 36 -9.98 -17.83 23.52
C GLU G 36 -10.08 -16.31 23.60
N MET G 37 -8.97 -15.62 23.27
CA MET G 37 -8.80 -14.24 23.63
C MET G 37 -7.75 -13.60 22.75
N ALA G 38 -7.67 -12.25 22.85
CA ALA G 38 -6.60 -11.49 22.27
C ALA G 38 -5.96 -10.61 23.31
N ILE G 39 -4.67 -10.35 23.16
CA ILE G 39 -3.90 -9.48 24.04
C ILE G 39 -3.15 -8.54 23.14
N ILE G 40 -3.16 -7.23 23.46
CA ILE G 40 -2.33 -6.26 22.74
C ILE G 40 -1.39 -5.58 23.76
N THR G 41 -0.24 -5.14 23.25
CA THR G 41 0.67 -4.29 24.04
C THR G 41 1.03 -3.09 23.24
N PHE G 42 1.49 -2.07 23.98
CA PHE G 42 2.10 -0.86 23.45
C PHE G 42 3.57 -0.84 23.86
N LYS G 43 4.34 0.02 23.21
CA LYS G 43 5.84 0.05 23.40
C LYS G 43 6.30 0.09 24.86
N ASN G 44 5.60 0.91 25.61
CA ASN G 44 5.91 1.12 27.04
C ASN G 44 5.48 -0.08 27.94
N GLY G 45 4.90 -1.11 27.36
CA GLY G 45 4.46 -2.29 28.07
C GLY G 45 3.02 -2.26 28.48
N ALA G 46 2.28 -1.22 28.20
CA ALA G 46 0.86 -1.21 28.56
C ALA G 46 0.19 -2.41 27.85
N THR G 47 -0.55 -3.19 28.61
CA THR G 47 -1.08 -4.47 28.13
C THR G 47 -2.55 -4.52 28.36
N PHE G 48 -3.31 -5.01 27.37
CA PHE G 48 -4.75 -5.04 27.43
C PHE G 48 -5.27 -6.33 26.81
N GLN G 49 -6.38 -6.83 27.36
CA GLN G 49 -7.05 -8.02 26.80
C GLN G 49 -8.40 -7.68 26.26
N VAL G 50 -8.84 -8.52 25.30
CA VAL G 50 -10.26 -8.73 25.10
C VAL G 50 -10.58 -10.01 25.84
N GLU G 51 -11.46 -9.90 26.83
CA GLU G 51 -11.74 -11.04 27.71
C GLU G 51 -12.32 -12.21 26.92
N VAL G 52 -12.02 -13.37 27.48
CA VAL G 52 -12.73 -14.62 27.10
C VAL G 52 -14.23 -14.38 27.35
N PRO G 53 -15.11 -14.74 26.43
CA PRO G 53 -16.54 -14.56 26.73
C PRO G 53 -16.93 -15.41 27.91
N GLY G 54 -17.74 -14.84 28.78
CA GLY G 54 -18.14 -15.51 30.05
C GLY G 54 -19.40 -14.97 30.63
N SER G 55 -19.63 -15.35 31.91
CA SER G 55 -20.87 -15.05 32.59
C SER G 55 -20.96 -13.58 32.91
N GLN G 56 -19.86 -12.84 32.87
CA GLN G 56 -19.89 -11.35 33.00
C GLN G 56 -20.46 -10.63 31.82
N HIS G 57 -20.62 -11.34 30.70
CA HIS G 57 -21.10 -10.78 29.45
C HIS G 57 -22.56 -11.12 29.23
N ILE G 58 -23.27 -10.16 28.65
CA ILE G 58 -24.66 -10.40 28.22
C ILE G 58 -24.69 -10.71 26.74
N ASP G 59 -25.79 -11.26 26.26
CA ASP G 59 -25.80 -11.82 24.92
C ASP G 59 -25.54 -10.75 23.85
N SER G 60 -26.01 -9.53 24.10
CA SER G 60 -25.77 -8.42 23.18
C SER G 60 -24.30 -8.06 23.00
N GLN G 61 -23.42 -8.53 23.87
CA GLN G 61 -21.99 -8.30 23.77
C GLN G 61 -21.26 -9.35 22.92
N LYS G 62 -21.88 -10.49 22.62
CA LYS G 62 -21.12 -11.57 22.04
C LYS G 62 -20.57 -11.16 20.66
N LYS G 63 -21.36 -10.59 19.76
CA LYS G 63 -20.84 -10.18 18.48
C LYS G 63 -19.85 -9.06 18.65
N ALA G 64 -20.06 -8.16 19.62
CA ALA G 64 -19.16 -7.02 19.80
C ALA G 64 -17.78 -7.46 20.29
N ILE G 65 -17.72 -8.53 21.09
CA ILE G 65 -16.43 -9.10 21.51
C ILE G 65 -15.65 -9.55 20.27
N GLU G 66 -16.34 -10.32 19.41
CA GLU G 66 -15.70 -10.80 18.18
C GLU G 66 -15.26 -9.62 17.31
N ARG G 67 -16.10 -8.59 17.17
CA ARG G 67 -15.73 -7.42 16.39
C ARG G 67 -14.48 -6.76 16.93
N MET G 68 -14.41 -6.60 18.26
CA MET G 68 -13.27 -5.91 18.84
C MET G 68 -11.97 -6.63 18.52
N LYS G 69 -11.98 -7.98 18.57
CA LYS G 69 -10.76 -8.70 18.21
C LYS G 69 -10.42 -8.46 16.71
N ASP G 70 -11.44 -8.42 15.86
CA ASP G 70 -11.24 -8.08 14.45
C ASP G 70 -10.59 -6.69 14.34
N THR G 71 -11.10 -5.73 15.09
CA THR G 71 -10.59 -4.37 15.03
C THR G 71 -9.14 -4.29 15.48
N LEU G 72 -8.79 -4.98 16.55
CA LEU G 72 -7.43 -4.91 17.04
C LEU G 72 -6.45 -5.50 16.03
N ARG G 73 -6.84 -6.62 15.41
CA ARG G 73 -5.94 -7.26 14.41
C ARG G 73 -5.69 -6.32 13.23
N ILE G 74 -6.76 -5.72 12.69
CA ILE G 74 -6.58 -4.87 11.51
CA ILE G 74 -6.60 -4.86 11.51
C ILE G 74 -5.88 -3.56 11.90
N ALA G 75 -6.16 -3.04 13.11
CA ALA G 75 -5.43 -1.84 13.57
C ALA G 75 -3.95 -2.16 13.68
N TYR G 76 -3.59 -3.31 14.23
CA TYR G 76 -2.18 -3.70 14.34
C TYR G 76 -1.56 -3.76 12.95
N LEU G 77 -2.20 -4.47 12.04
CA LEU G 77 -1.60 -4.66 10.71
C LEU G 77 -1.54 -3.42 9.85
N THR G 78 -2.37 -2.43 10.10
N THR G 78 -2.43 -2.47 10.11
CA THR G 78 -2.31 -1.18 9.36
CA THR G 78 -2.52 -1.18 9.43
C THR G 78 -1.47 -0.14 10.10
C THR G 78 -1.62 -0.12 10.14
N GLU G 79 -0.98 -0.48 11.27
CA GLU G 79 -0.25 0.48 12.08
C GLU G 79 -1.09 1.70 12.42
N ALA G 80 -2.38 1.49 12.66
CA ALA G 80 -3.27 2.60 12.96
C ALA G 80 -3.01 3.14 14.39
N LYS G 81 -3.00 4.45 14.49
CA LYS G 81 -2.84 5.04 15.79
CA LYS G 81 -2.86 5.11 15.78
C LYS G 81 -4.12 4.82 16.63
N VAL G 82 -3.93 4.27 17.86
CA VAL G 82 -4.94 4.16 18.86
C VAL G 82 -4.89 5.42 19.66
N GLU G 83 -6.03 6.12 19.74
CA GLU G 83 -6.12 7.36 20.53
C GLU G 83 -6.29 6.94 22.00
N LYS G 84 -7.44 6.36 22.33
CA LYS G 84 -7.80 5.97 23.69
C LYS G 84 -8.33 4.56 23.74
N LEU G 85 -8.15 3.93 24.90
CA LEU G 85 -8.89 2.76 25.28
C LEU G 85 -9.70 3.05 26.55
N CYS G 86 -10.95 2.62 26.58
CA CYS G 86 -11.72 2.52 27.82
C CYS G 86 -11.57 1.12 28.28
N VAL G 87 -11.17 0.90 29.54
CA VAL G 87 -10.89 -0.42 30.04
C VAL G 87 -11.52 -0.60 31.40
N TRP G 88 -11.81 -1.85 31.73
CA TRP G 88 -12.08 -2.25 33.15
C TRP G 88 -10.79 -2.55 33.85
N ASN G 89 -10.60 -1.83 34.99
CA ASN G 89 -9.40 -1.99 35.75
C ASN G 89 -9.50 -2.97 36.94
N ASN G 90 -10.60 -3.72 36.97
CA ASN G 90 -10.77 -4.83 37.92
C ASN G 90 -10.44 -6.15 37.28
N LYS G 91 -9.70 -6.10 36.17
CA LYS G 91 -9.15 -7.28 35.53
C LYS G 91 -7.68 -7.05 35.29
N THR G 92 -6.93 -8.13 35.26
CA THR G 92 -5.51 -8.10 35.00
C THR G 92 -5.23 -9.10 33.85
N PRO G 93 -4.69 -8.60 32.72
CA PRO G 93 -4.52 -7.18 32.38
C PRO G 93 -5.84 -6.51 32.20
N HIS G 94 -5.77 -5.17 32.16
CA HIS G 94 -7.00 -4.41 31.96
C HIS G 94 -7.77 -4.90 30.73
N ALA G 95 -9.07 -4.88 30.83
CA ALA G 95 -9.97 -5.47 29.83
C ALA G 95 -10.62 -4.39 28.98
N ILE G 96 -10.50 -4.51 27.65
CA ILE G 96 -11.01 -3.46 26.77
C ILE G 96 -12.54 -3.43 26.75
N ALA G 97 -13.09 -2.27 26.99
CA ALA G 97 -14.49 -1.94 26.78
C ALA G 97 -14.73 -1.18 25.45
N ALA G 98 -13.82 -0.26 25.10
CA ALA G 98 -14.00 0.56 23.90
C ALA G 98 -12.65 1.00 23.41
N ILE G 99 -12.58 1.35 22.11
CA ILE G 99 -11.38 1.89 21.46
C ILE G 99 -11.77 3.08 20.64
N SER G 100 -10.87 4.07 20.62
CA SER G 100 -10.99 5.15 19.62
C SER G 100 -9.68 5.22 18.82
N MET G 101 -9.84 5.48 17.53
CA MET G 101 -8.76 5.67 16.60
C MET G 101 -8.95 7.01 15.95
N ALA G 102 -7.84 7.77 15.92
CA ALA G 102 -7.80 9.07 15.31
C ALA G 102 -6.31 9.39 15.15
N ASN G 103 -6.10 10.40 14.34
CA ASN G 103 -4.91 11.32 14.56
C ASN G 103 -5.36 12.69 14.98
N THR H 1 -37.85 0.92 -5.86
CA THR H 1 -36.53 0.92 -5.24
C THR H 1 -35.77 2.14 -5.60
N PRO H 2 -35.15 2.82 -4.64
CA PRO H 2 -34.42 4.04 -4.92
C PRO H 2 -33.11 3.72 -5.67
N GLN H 3 -32.57 4.76 -6.31
CA GLN H 3 -31.36 4.66 -7.03
C GLN H 3 -30.13 5.35 -6.44
N ASN H 4 -30.37 6.07 -5.36
CA ASN H 4 -29.34 6.85 -4.68
C ASN H 4 -29.77 7.12 -3.25
N ILE H 5 -28.78 7.51 -2.47
CA ILE H 5 -28.97 7.66 -1.05
C ILE H 5 -29.97 8.75 -0.69
N THR H 6 -30.03 9.81 -1.47
CA THR H 6 -30.97 10.89 -1.20
C THR H 6 -32.42 10.40 -1.31
N ASP H 7 -32.72 9.72 -2.39
CA ASP H 7 -34.07 9.23 -2.61
C ASP H 7 -34.41 8.15 -1.61
N LEU H 8 -33.44 7.29 -1.23
CA LEU H 8 -33.70 6.30 -0.21
C LEU H 8 -34.05 6.98 1.11
N CYS H 9 -33.24 7.99 1.48
CA CYS H 9 -33.44 8.68 2.73
CA CYS H 9 -33.43 8.78 2.73
C CYS H 9 -34.84 9.29 2.82
N ALA H 10 -35.33 9.82 1.71
CA ALA H 10 -36.65 10.45 1.66
C ALA H 10 -37.83 9.47 1.78
N GLU H 11 -37.57 8.17 1.78
N GLU H 11 -37.60 8.17 1.74
CA GLU H 11 -38.62 7.19 2.03
CA GLU H 11 -38.64 7.20 2.03
C GLU H 11 -39.04 7.07 3.52
C GLU H 11 -38.92 6.93 3.51
N TYR H 12 -38.24 7.68 4.40
CA TYR H 12 -38.39 7.51 5.83
C TYR H 12 -38.71 8.82 6.50
N HIS H 13 -39.46 8.71 7.58
CA HIS H 13 -39.68 9.87 8.48
C HIS H 13 -38.47 10.12 9.36
N ASN H 14 -38.33 11.36 9.78
CA ASN H 14 -37.29 11.72 10.75
C ASN H 14 -35.85 11.48 10.25
N THR H 15 -35.63 11.65 8.97
CA THR H 15 -34.32 11.52 8.38
C THR H 15 -33.90 12.79 7.68
N GLN H 16 -32.58 12.90 7.51
CA GLN H 16 -31.96 13.93 6.73
C GLN H 16 -30.65 13.46 6.16
N ILE H 17 -30.23 14.08 5.07
CA ILE H 17 -28.95 13.88 4.48
C ILE H 17 -27.95 14.90 5.02
N HIS H 18 -26.78 14.40 5.40
CA HIS H 18 -25.61 15.22 5.66
C HIS H 18 -24.65 14.97 4.54
N THR H 19 -24.17 16.07 3.94
CA THR H 19 -23.17 16.00 2.91
C THR H 19 -21.81 16.36 3.50
N LEU H 20 -20.93 15.37 3.61
CA LEU H 20 -19.66 15.51 4.30
C LEU H 20 -18.52 15.72 3.28
N ASN H 21 -18.47 14.93 2.20
CA ASN H 21 -17.36 15.00 1.27
C ASN H 21 -16.01 15.05 1.97
N ASP H 22 -15.83 14.14 2.90
CA ASP H 22 -14.64 14.13 3.74
C ASP H 22 -14.37 12.74 4.30
N LYS H 23 -13.13 12.47 4.66
CA LYS H 23 -12.69 11.27 5.34
CA LYS H 23 -12.81 11.23 5.32
C LYS H 23 -13.26 11.26 6.76
N ILE H 24 -13.44 10.09 7.33
CA ILE H 24 -13.75 9.98 8.77
C ILE H 24 -12.54 10.40 9.57
N PHE H 25 -12.79 11.29 10.55
CA PHE H 25 -11.74 11.81 11.42
C PHE H 25 -11.42 10.90 12.58
N SER H 26 -12.45 10.31 13.18
CA SER H 26 -12.24 9.34 14.22
C SER H 26 -13.28 8.25 14.18
N TYR H 27 -12.87 7.06 14.62
N TYR H 27 -12.87 7.09 14.66
CA TYR H 27 -13.73 5.89 14.69
CA TYR H 27 -13.70 5.90 14.70
C TYR H 27 -13.63 5.29 16.10
C TYR H 27 -13.63 5.39 16.13
N THR H 28 -14.78 5.13 16.75
CA THR H 28 -14.87 4.63 18.11
C THR H 28 -15.79 3.42 18.09
N GLU H 29 -15.37 2.41 18.87
N GLU H 29 -15.39 2.31 18.71
CA GLU H 29 -16.07 1.13 18.92
CA GLU H 29 -16.39 1.22 18.90
C GLU H 29 -16.19 0.66 20.38
C GLU H 29 -16.24 0.67 20.31
N SER H 30 -17.37 0.18 20.78
CA SER H 30 -17.59 -0.27 22.16
C SER H 30 -18.23 -1.64 22.17
N LEU H 31 -17.71 -2.48 23.10
CA LEU H 31 -18.37 -3.77 23.41
C LEU H 31 -19.05 -3.72 24.76
N ALA H 32 -19.04 -2.59 25.45
CA ALA H 32 -19.62 -2.50 26.79
C ALA H 32 -21.11 -2.74 26.71
N GLY H 33 -21.63 -3.39 27.79
CA GLY H 33 -23.03 -3.83 27.80
C GLY H 33 -23.96 -2.64 27.70
N LYS H 34 -24.95 -2.76 26.80
CA LYS H 34 -25.92 -1.69 26.51
CA LYS H 34 -25.93 -1.76 26.46
C LYS H 34 -25.38 -0.58 25.63
N ARG H 35 -24.09 -0.62 25.31
CA ARG H 35 -23.42 0.36 24.43
C ARG H 35 -22.60 -0.36 23.35
N GLU H 36 -23.19 -1.40 22.76
CA GLU H 36 -22.51 -2.18 21.72
C GLU H 36 -22.75 -1.46 20.42
N MET H 37 -21.84 -0.53 20.08
CA MET H 37 -22.09 0.48 19.07
C MET H 37 -20.78 1.01 18.51
N ALA H 38 -20.94 1.80 17.45
CA ALA H 38 -19.81 2.55 16.90
C ALA H 38 -20.21 3.99 16.76
N ILE H 39 -19.22 4.89 16.87
CA ILE H 39 -19.40 6.32 16.72
C ILE H 39 -18.31 6.85 15.78
N ILE H 40 -18.69 7.66 14.79
CA ILE H 40 -17.72 8.30 13.91
C ILE H 40 -17.82 9.79 14.05
N THR H 41 -16.73 10.48 13.85
CA THR H 41 -16.74 11.92 13.73
C THR H 41 -15.99 12.37 12.51
N PHE H 42 -16.34 13.58 12.07
CA PHE H 42 -15.68 14.29 10.98
C PHE H 42 -14.93 15.48 11.56
N LYS H 43 -14.01 16.04 10.79
CA LYS H 43 -13.14 17.14 11.26
CA LYS H 43 -13.15 17.09 11.33
C LYS H 43 -13.98 18.29 11.76
N ASN H 44 -15.07 18.60 11.07
CA ASN H 44 -15.93 19.69 11.46
C ASN H 44 -16.65 19.45 12.81
N GLY H 45 -16.54 18.27 13.41
CA GLY H 45 -17.26 17.96 14.68
C GLY H 45 -18.55 17.15 14.47
N ALA H 46 -19.00 16.98 13.24
CA ALA H 46 -20.18 16.16 13.05
C ALA H 46 -19.94 14.77 13.57
N THR H 47 -20.90 14.29 14.37
CA THR H 47 -20.79 13.02 15.06
C THR H 47 -22.01 12.17 14.82
N PHE H 48 -21.79 10.88 14.54
CA PHE H 48 -22.85 9.95 14.15
C PHE H 48 -22.64 8.65 14.86
N GLN H 49 -23.76 7.96 15.11
CA GLN H 49 -23.70 6.61 15.70
C GLN H 49 -24.24 5.56 14.73
N VAL H 50 -23.81 4.33 14.92
CA VAL H 50 -24.60 3.17 14.53
C VAL H 50 -25.24 2.68 15.83
N GLU H 51 -26.57 2.74 15.85
CA GLU H 51 -27.30 2.42 17.09
C GLU H 51 -27.04 1.04 17.59
N VAL H 52 -27.13 0.92 18.92
CA VAL H 52 -27.19 -0.36 19.59
C VAL H 52 -28.42 -1.09 19.02
N PRO H 53 -28.32 -2.37 18.63
CA PRO H 53 -29.51 -3.09 18.14
C PRO H 53 -30.59 -3.12 19.20
N GLY H 54 -31.81 -2.91 18.82
CA GLY H 54 -32.91 -2.92 19.77
C GLY H 54 -34.23 -3.19 19.13
N SER H 55 -35.30 -2.98 19.86
CA SER H 55 -36.62 -3.32 19.41
C SER H 55 -37.12 -2.41 18.29
N GLN H 56 -36.46 -1.28 18.06
CA GLN H 56 -36.74 -0.39 16.92
C GLN H 56 -36.28 -0.99 15.61
N HIS H 57 -35.49 -2.06 15.69
CA HIS H 57 -34.97 -2.73 14.52
C HIS H 57 -35.78 -3.98 14.19
N ILE H 58 -36.04 -4.21 12.94
CA ILE H 58 -36.65 -5.48 12.52
C ILE H 58 -35.56 -6.48 12.25
N ASP H 59 -35.92 -7.76 12.17
CA ASP H 59 -34.94 -8.80 12.07
C ASP H 59 -34.00 -8.61 10.88
N SER H 60 -34.55 -8.18 9.76
CA SER H 60 -33.76 -8.00 8.51
C SER H 60 -32.66 -6.95 8.68
N GLN H 61 -32.80 -6.04 9.64
CA GLN H 61 -31.79 -5.00 9.84
C GLN H 61 -30.55 -5.53 10.61
N LYS H 62 -30.64 -6.65 11.33
CA LYS H 62 -29.54 -7.04 12.24
C LYS H 62 -28.25 -7.23 11.46
N LYS H 63 -28.27 -7.98 10.36
N LYS H 63 -28.24 -7.96 10.36
CA LYS H 63 -27.06 -8.16 9.53
CA LYS H 63 -26.99 -8.14 9.63
C LYS H 63 -26.55 -6.85 9.01
C LYS H 63 -26.53 -6.87 8.98
N ALA H 64 -27.48 -5.99 8.61
CA ALA H 64 -27.13 -4.72 8.00
C ALA H 64 -26.43 -3.77 8.98
N ILE H 65 -26.87 -3.80 10.24
CA ILE H 65 -26.24 -3.04 11.28
C ILE H 65 -24.80 -3.47 11.43
N GLU H 66 -24.56 -4.77 11.48
CA GLU H 66 -23.21 -5.29 11.60
C GLU H 66 -22.37 -4.92 10.38
N ARG H 67 -22.95 -5.02 9.18
CA ARG H 67 -22.21 -4.62 7.98
C ARG H 67 -21.82 -3.15 8.02
N MET H 68 -22.73 -2.30 8.48
CA MET H 68 -22.45 -0.85 8.53
C MET H 68 -21.21 -0.58 9.38
N LYS H 69 -21.17 -1.23 10.55
CA LYS H 69 -19.98 -1.02 11.39
C LYS H 69 -18.71 -1.53 10.67
N ASP H 70 -18.82 -2.64 9.96
CA ASP H 70 -17.68 -3.08 9.19
C ASP H 70 -17.24 -2.05 8.16
N THR H 71 -18.23 -1.47 7.50
CA THR H 71 -17.98 -0.46 6.46
C THR H 71 -17.28 0.80 7.04
N LEU H 72 -17.78 1.28 8.19
CA LEU H 72 -17.19 2.46 8.79
C LEU H 72 -15.77 2.24 9.15
N ARG H 73 -15.47 1.05 9.72
CA ARG H 73 -14.10 0.73 10.14
C ARG H 73 -13.15 0.75 8.95
N ILE H 74 -13.53 0.03 7.87
CA ILE H 74 -12.64 -0.03 6.73
CA ILE H 74 -12.63 -0.02 6.73
C ILE H 74 -12.56 1.29 6.01
N ALA H 75 -13.65 2.05 5.96
CA ALA H 75 -13.60 3.39 5.38
C ALA H 75 -12.60 4.26 6.14
N TYR H 76 -12.68 4.19 7.49
CA TYR H 76 -11.77 4.98 8.29
C TYR H 76 -10.32 4.58 7.97
N LEU H 77 -10.02 3.27 7.93
CA LEU H 77 -8.66 2.79 7.79
C LEU H 77 -8.09 3.01 6.40
N THR H 78 -8.94 3.20 5.40
N THR H 78 -8.98 3.13 5.41
CA THR H 78 -8.50 3.46 4.04
CA THR H 78 -8.66 3.39 4.03
C THR H 78 -8.58 4.95 3.70
C THR H 78 -8.61 4.91 3.71
N GLU H 79 -8.99 5.79 4.66
CA GLU H 79 -9.13 7.22 4.41
C GLU H 79 -10.10 7.47 3.28
N ALA H 80 -11.12 6.64 3.18
CA ALA H 80 -12.07 6.81 2.09
C ALA H 80 -12.95 8.05 2.30
N LYS H 81 -13.16 8.83 1.24
CA LYS H 81 -14.04 9.96 1.32
CA LYS H 81 -14.05 9.99 1.35
C LYS H 81 -15.50 9.52 1.47
N VAL H 82 -16.17 9.99 2.51
CA VAL H 82 -17.61 9.79 2.67
C VAL H 82 -18.29 10.96 1.96
N GLU H 83 -19.22 10.61 1.05
CA GLU H 83 -19.97 11.62 0.31
C GLU H 83 -21.12 12.10 1.23
N LYS H 84 -22.10 11.21 1.46
CA LYS H 84 -23.27 11.57 2.22
C LYS H 84 -23.56 10.49 3.28
N LEU H 85 -24.22 10.92 4.35
CA LEU H 85 -24.91 10.04 5.29
C LEU H 85 -26.37 10.39 5.31
N CYS H 86 -27.19 9.31 5.29
CA CYS H 86 -28.62 9.44 5.64
C CYS H 86 -28.70 9.06 7.11
N VAL H 87 -29.32 9.93 7.91
CA VAL H 87 -29.40 9.68 9.33
C VAL H 87 -30.80 9.94 9.84
N TRP H 88 -31.10 9.32 10.96
CA TRP H 88 -32.30 9.67 11.74
C TRP H 88 -31.91 10.79 12.67
N ASN H 89 -32.67 11.85 12.64
CA ASN H 89 -32.42 13.02 13.42
C ASN H 89 -33.24 13.08 14.72
N ASN H 90 -33.93 12.00 15.07
CA ASN H 90 -34.59 11.84 16.34
C ASN H 90 -33.80 11.03 17.31
N LYS H 91 -32.48 10.94 17.07
CA LYS H 91 -31.52 10.34 18.01
C LYS H 91 -30.34 11.29 18.14
N THR H 92 -29.65 11.20 19.26
CA THR H 92 -28.48 12.02 19.54
C THR H 92 -27.40 11.06 20.00
N PRO H 93 -26.22 11.01 19.36
CA PRO H 93 -25.97 11.61 18.06
C PRO H 93 -26.91 11.05 16.99
N HIS H 94 -26.97 11.76 15.86
CA HIS H 94 -27.79 11.24 14.73
C HIS H 94 -27.36 9.84 14.35
N ALA H 95 -28.33 9.02 14.05
CA ALA H 95 -28.15 7.60 13.81
C ALA H 95 -28.06 7.26 12.33
N ILE H 96 -27.01 6.56 11.93
CA ILE H 96 -26.80 6.27 10.50
C ILE H 96 -27.81 5.24 10.00
N ALA H 97 -28.50 5.63 8.91
CA ALA H 97 -29.37 4.76 8.10
C ALA H 97 -28.66 4.28 6.85
N ALA H 98 -27.83 5.12 6.23
CA ALA H 98 -27.16 4.77 4.99
C ALA H 98 -25.94 5.64 4.80
N ILE H 99 -25.01 5.15 3.99
CA ILE H 99 -23.78 5.86 3.66
C ILE H 99 -23.50 5.75 2.17
N SER H 100 -22.96 6.83 1.59
CA SER H 100 -22.42 6.77 0.22
C SER H 100 -20.98 7.23 0.28
N MET H 101 -20.19 6.59 -0.57
CA MET H 101 -18.76 6.90 -0.74
C MET H 101 -18.55 7.13 -2.25
N ALA H 102 -17.91 8.25 -2.55
CA ALA H 102 -17.55 8.64 -3.89
C ALA H 102 -16.38 9.67 -3.63
N ASN H 103 -15.68 9.94 -4.69
CA ASN H 103 -14.59 10.90 -4.75
C ASN H 103 -14.53 11.48 -6.10
N THR I 1 -22.04 -26.77 -15.67
CA THR I 1 -21.59 -25.58 -14.94
C THR I 1 -20.81 -24.68 -15.88
N PRO I 2 -21.11 -23.39 -15.90
CA PRO I 2 -20.47 -22.49 -16.84
C PRO I 2 -19.03 -22.18 -16.46
N GLN I 3 -18.27 -21.66 -17.39
CA GLN I 3 -16.88 -21.34 -17.13
C GLN I 3 -16.55 -19.88 -17.13
N ASN I 4 -17.54 -19.05 -17.37
CA ASN I 4 -17.33 -17.60 -17.39
C ASN I 4 -18.65 -16.92 -17.16
N ILE I 5 -18.63 -15.64 -16.89
CA ILE I 5 -19.81 -14.91 -16.52
C ILE I 5 -20.80 -14.77 -17.64
N THR I 6 -20.33 -14.72 -18.91
CA THR I 6 -21.29 -14.58 -20.03
C THR I 6 -22.13 -15.83 -20.17
N ASP I 7 -21.49 -16.99 -20.06
CA ASP I 7 -22.22 -18.25 -20.16
C ASP I 7 -23.13 -18.50 -18.97
N LEU I 8 -22.66 -18.11 -17.77
CA LEU I 8 -23.49 -18.21 -16.57
C LEU I 8 -24.74 -17.37 -16.79
N CYS I 9 -24.57 -16.10 -17.25
CA CYS I 9 -25.66 -15.18 -17.40
CA CYS I 9 -25.68 -15.15 -17.45
C CYS I 9 -26.74 -15.74 -18.37
N ALA I 10 -26.26 -16.39 -19.41
CA ALA I 10 -27.16 -16.97 -20.43
C ALA I 10 -28.02 -18.13 -19.90
N GLU I 11 -27.72 -18.72 -18.73
CA GLU I 11 -28.53 -19.75 -18.16
C GLU I 11 -29.84 -19.25 -17.58
N TYR I 12 -29.92 -17.94 -17.33
CA TYR I 12 -31.04 -17.32 -16.68
C TYR I 12 -31.92 -16.61 -17.62
N HIS I 13 -33.16 -16.50 -17.18
CA HIS I 13 -34.15 -15.76 -17.88
C HIS I 13 -33.99 -14.30 -17.27
N ASN I 14 -34.20 -13.33 -18.09
CA ASN I 14 -34.34 -11.95 -17.72
C ASN I 14 -33.04 -11.34 -17.22
N THR I 15 -31.93 -11.81 -17.75
CA THR I 15 -30.62 -11.27 -17.43
C THR I 15 -29.95 -10.72 -18.69
N GLN I 16 -28.94 -9.88 -18.46
CA GLN I 16 -28.05 -9.40 -19.49
C GLN I 16 -26.71 -9.03 -18.96
N ILE I 17 -25.70 -9.04 -19.79
CA ILE I 17 -24.39 -8.59 -19.46
C ILE I 17 -24.25 -7.10 -19.71
N HIS I 18 -23.66 -6.40 -18.74
CA HIS I 18 -23.16 -5.00 -18.96
C HIS I 18 -21.65 -5.11 -18.84
N THR I 19 -20.95 -4.60 -19.87
CA THR I 19 -19.50 -4.57 -19.88
C THR I 19 -19.11 -3.15 -19.49
N LEU I 20 -18.41 -3.06 -18.34
CA LEU I 20 -18.03 -1.75 -17.77
C LEU I 20 -16.54 -1.46 -17.99
N ASN I 21 -15.68 -2.44 -17.76
CA ASN I 21 -14.24 -2.23 -17.81
C ASN I 21 -13.82 -0.95 -17.08
N ASP I 22 -14.31 -0.80 -15.87
CA ASP I 22 -14.04 0.41 -15.14
C ASP I 22 -14.18 0.11 -13.63
N LYS I 23 -13.53 0.94 -12.82
CA LYS I 23 -13.71 0.86 -11.39
CA LYS I 23 -13.70 0.93 -11.38
C LYS I 23 -15.10 1.41 -11.02
N ILE I 24 -15.55 1.07 -9.82
CA ILE I 24 -16.78 1.55 -9.27
C ILE I 24 -16.62 3.02 -8.90
N PHE I 25 -17.59 3.85 -9.32
CA PHE I 25 -17.53 5.27 -9.05
C PHE I 25 -18.08 5.63 -7.68
N SER I 26 -19.15 5.00 -7.28
CA SER I 26 -19.71 5.21 -5.96
C SER I 26 -20.26 3.94 -5.36
N TYR I 27 -20.18 3.80 -4.03
N TYR I 27 -20.33 3.92 -4.04
CA TYR I 27 -20.73 2.66 -3.27
CA TYR I 27 -20.81 2.79 -3.32
C TYR I 27 -21.65 3.20 -2.17
C TYR I 27 -21.71 3.32 -2.23
N THR I 28 -22.91 2.74 -2.13
CA THR I 28 -23.91 3.14 -1.17
C THR I 28 -24.45 1.90 -0.50
N GLU I 29 -24.57 1.91 0.85
N GLU I 29 -24.75 2.07 0.80
CA GLU I 29 -25.32 0.80 1.53
CA GLU I 29 -25.15 0.99 1.64
C GLU I 29 -26.17 1.40 2.61
C GLU I 29 -26.20 1.47 2.63
N SER I 30 -27.24 0.65 2.87
CA SER I 30 -28.33 1.05 3.76
C SER I 30 -28.66 -0.07 4.74
N LEU I 31 -28.93 0.34 5.98
CA LEU I 31 -29.49 -0.55 6.98
C LEU I 31 -30.94 -0.23 7.31
N ALA I 32 -31.52 0.72 6.62
CA ALA I 32 -32.88 1.10 6.92
C ALA I 32 -33.85 -0.05 6.60
N GLY I 33 -34.91 -0.15 7.41
CA GLY I 33 -35.78 -1.30 7.34
C GLY I 33 -36.48 -1.41 6.01
N LYS I 34 -36.44 -2.59 5.43
CA LYS I 34 -36.95 -2.88 4.07
C LYS I 34 -36.14 -2.29 2.93
N ARG I 35 -35.03 -1.64 3.26
CA ARG I 35 -34.06 -1.17 2.28
C ARG I 35 -32.66 -1.58 2.66
N GLU I 36 -32.49 -2.83 3.12
CA GLU I 36 -31.19 -3.36 3.52
C GLU I 36 -30.49 -3.85 2.23
N MET I 37 -29.77 -2.94 1.59
CA MET I 37 -29.31 -3.12 0.21
C MET I 37 -28.03 -2.34 0.01
N ALA I 38 -27.44 -2.59 -1.16
CA ALA I 38 -26.32 -1.80 -1.63
C ALA I 38 -26.61 -1.35 -3.07
N ILE I 39 -26.05 -0.18 -3.42
CA ILE I 39 -26.20 0.43 -4.76
C ILE I 39 -24.78 0.83 -5.16
N ILE I 40 -24.42 0.50 -6.41
CA ILE I 40 -23.18 1.00 -6.99
C ILE I 40 -23.47 1.78 -8.23
N THR I 41 -22.60 2.72 -8.56
CA THR I 41 -22.64 3.42 -9.84
C THR I 41 -21.27 3.41 -10.49
N PHE I 42 -21.28 3.62 -11.79
CA PHE I 42 -20.13 3.86 -12.60
C PHE I 42 -20.19 5.26 -13.12
N LYS I 43 -19.05 5.76 -13.57
CA LYS I 43 -18.92 7.21 -13.95
C LYS I 43 -19.87 7.55 -15.08
N ASN I 44 -20.17 6.55 -15.93
CA ASN I 44 -21.11 6.76 -17.03
C ASN I 44 -22.58 6.81 -16.66
N GLY I 45 -22.89 6.67 -15.37
CA GLY I 45 -24.25 6.74 -14.85
C GLY I 45 -24.93 5.39 -14.64
N ALA I 46 -24.30 4.33 -15.11
CA ALA I 46 -24.86 2.98 -14.86
C ALA I 46 -25.00 2.78 -13.36
N THR I 47 -26.17 2.31 -12.93
CA THR I 47 -26.48 2.15 -11.51
C THR I 47 -27.01 0.72 -11.33
N PHE I 48 -26.53 0.02 -10.29
CA PHE I 48 -26.92 -1.34 -10.04
C PHE I 48 -27.18 -1.54 -8.58
N GLN I 49 -28.04 -2.49 -8.24
CA GLN I 49 -28.32 -2.84 -6.83
C GLN I 49 -27.91 -4.26 -6.55
N VAL I 50 -27.65 -4.51 -5.26
CA VAL I 50 -27.82 -5.82 -4.65
C VAL I 50 -29.16 -5.78 -3.95
N GLU I 51 -30.09 -6.61 -4.42
CA GLU I 51 -31.45 -6.51 -3.88
C GLU I 51 -31.55 -6.78 -2.42
N VAL I 52 -32.57 -6.18 -1.80
CA VAL I 52 -33.04 -6.59 -0.45
C VAL I 52 -33.39 -8.06 -0.49
N PRO I 53 -32.91 -8.90 0.45
CA PRO I 53 -33.32 -10.31 0.41
C PRO I 53 -34.86 -10.42 0.49
N GLY I 54 -35.43 -11.30 -0.28
CA GLY I 54 -36.84 -11.46 -0.23
C GLY I 54 -37.29 -12.82 -0.77
N SER I 55 -38.60 -12.93 -1.04
CA SER I 55 -39.19 -14.20 -1.39
C SER I 55 -38.76 -14.72 -2.78
N GLN I 56 -38.15 -13.85 -3.56
CA GLN I 56 -37.50 -14.20 -4.84
C GLN I 56 -36.21 -14.96 -4.71
N HIS I 57 -35.68 -15.02 -3.50
CA HIS I 57 -34.41 -15.66 -3.24
C HIS I 57 -34.62 -16.96 -2.51
N ILE I 58 -33.86 -17.98 -2.89
CA ILE I 58 -33.78 -19.21 -2.19
C ILE I 58 -32.75 -19.18 -1.13
N ASP I 59 -32.84 -20.11 -0.20
CA ASP I 59 -31.97 -20.06 0.96
C ASP I 59 -30.48 -20.03 0.61
N SER I 60 -30.08 -20.75 -0.42
CA SER I 60 -28.65 -20.78 -0.76
C SER I 60 -28.16 -19.42 -1.27
N GLN I 61 -29.07 -18.56 -1.71
CA GLN I 61 -28.68 -17.23 -2.18
C GLN I 61 -28.38 -16.26 -1.02
N LYS I 62 -28.89 -16.55 0.17
CA LYS I 62 -28.73 -15.61 1.29
C LYS I 62 -27.27 -15.30 1.60
N LYS I 63 -26.41 -16.31 1.79
CA LYS I 63 -25.01 -16.03 2.07
C LYS I 63 -24.42 -15.36 0.86
N ALA I 64 -24.82 -15.76 -0.37
CA ALA I 64 -24.17 -15.18 -1.55
C ALA I 64 -24.50 -13.71 -1.71
N ILE I 65 -25.70 -13.25 -1.32
CA ILE I 65 -26.08 -11.85 -1.36
C ILE I 65 -25.12 -11.08 -0.42
N GLU I 66 -24.89 -11.62 0.80
CA GLU I 66 -24.01 -10.94 1.72
C GLU I 66 -22.57 -10.88 1.17
N ARG I 67 -22.13 -11.97 0.55
CA ARG I 67 -20.79 -11.97 -0.07
C ARG I 67 -20.68 -10.92 -1.14
N MET I 68 -21.72 -10.79 -1.98
CA MET I 68 -21.63 -9.86 -3.09
C MET I 68 -21.44 -8.40 -2.56
N LYS I 69 -22.20 -8.08 -1.48
CA LYS I 69 -22.03 -6.72 -0.94
C LYS I 69 -20.59 -6.56 -0.39
N ASP I 70 -20.06 -7.58 0.24
CA ASP I 70 -18.64 -7.54 0.69
C ASP I 70 -17.72 -7.30 -0.52
N THR I 71 -17.95 -8.03 -1.61
CA THR I 71 -17.11 -7.90 -2.80
C THR I 71 -17.17 -6.49 -3.37
N LEU I 72 -18.37 -5.94 -3.48
CA LEU I 72 -18.51 -4.60 -4.06
C LEU I 72 -17.79 -3.55 -3.22
N ARG I 73 -17.93 -3.67 -1.89
CA ARG I 73 -17.25 -2.69 -1.03
C ARG I 73 -15.75 -2.75 -1.20
N ILE I 74 -15.17 -3.93 -1.17
CA ILE I 74 -13.70 -4.04 -1.25
CA ILE I 74 -13.71 -4.03 -1.27
C ILE I 74 -13.24 -3.69 -2.68
N ALA I 75 -14.02 -4.04 -3.70
CA ALA I 75 -13.67 -3.60 -5.07
C ALA I 75 -13.65 -2.10 -5.13
N TYR I 76 -14.67 -1.44 -4.55
CA TYR I 76 -14.70 0.02 -4.56
C TYR I 76 -13.47 0.61 -3.88
N LEU I 77 -13.13 0.09 -2.71
CA LEU I 77 -12.06 0.67 -1.88
C LEU I 77 -10.66 0.37 -2.46
N THR I 78 -10.53 -0.65 -3.31
CA THR I 78 -9.26 -0.99 -3.91
C THR I 78 -9.19 -0.42 -5.37
N GLU I 79 -10.22 0.26 -5.83
CA GLU I 79 -10.25 0.74 -7.20
C GLU I 79 -10.12 -0.40 -8.19
N ALA I 80 -10.66 -1.57 -7.87
CA ALA I 80 -10.54 -2.72 -8.76
C ALA I 80 -11.39 -2.48 -10.00
N LYS I 81 -10.83 -2.82 -11.15
CA LYS I 81 -11.60 -2.74 -12.38
CA LYS I 81 -11.56 -2.79 -12.43
C LYS I 81 -12.63 -3.85 -12.44
N VAL I 82 -13.91 -3.44 -12.66
CA VAL I 82 -14.98 -4.39 -12.91
C VAL I 82 -15.03 -4.63 -14.39
N GLU I 83 -14.94 -5.91 -14.82
CA GLU I 83 -15.04 -6.23 -16.25
C GLU I 83 -16.52 -6.20 -16.65
N LYS I 84 -17.28 -7.17 -16.16
CA LYS I 84 -18.67 -7.32 -16.50
C LYS I 84 -19.52 -7.52 -15.26
N LEU I 85 -20.81 -7.17 -15.41
CA LEU I 85 -21.85 -7.57 -14.49
C LEU I 85 -22.93 -8.33 -15.27
N CYS I 86 -23.40 -9.40 -14.67
CA CYS I 86 -24.61 -10.07 -15.10
C CYS I 86 -25.71 -9.55 -14.22
N VAL I 87 -26.78 -9.02 -14.82
CA VAL I 87 -27.82 -8.38 -14.02
C VAL I 87 -29.20 -8.87 -14.52
N TRP I 88 -30.14 -8.85 -13.57
CA TRP I 88 -31.56 -9.00 -13.90
C TRP I 88 -32.09 -7.66 -14.35
N ASN I 89 -32.66 -7.67 -15.56
CA ASN I 89 -33.15 -6.46 -16.21
C ASN I 89 -34.63 -6.18 -16.01
N ASN I 90 -35.22 -6.93 -15.06
CA ASN I 90 -36.61 -6.78 -14.68
C ASN I 90 -36.74 -6.11 -13.29
N LYS I 91 -35.69 -5.38 -12.88
CA LYS I 91 -35.64 -4.60 -11.66
C LYS I 91 -34.97 -3.26 -12.01
N THR I 92 -35.32 -2.22 -11.25
CA THR I 92 -34.72 -0.88 -11.39
C THR I 92 -34.23 -0.43 -10.03
N PRO I 93 -32.95 -0.11 -9.87
CA PRO I 93 -31.86 -0.42 -10.76
C PRO I 93 -31.77 -1.88 -11.09
N HIS I 94 -31.11 -2.18 -12.22
CA HIS I 94 -30.89 -3.60 -12.50
C HIS I 94 -30.16 -4.26 -11.33
N ALA I 95 -30.51 -5.52 -11.09
CA ALA I 95 -30.07 -6.28 -9.89
C ALA I 95 -28.90 -7.17 -10.24
N ILE I 96 -27.83 -7.07 -9.47
CA ILE I 96 -26.65 -7.86 -9.74
C ILE I 96 -26.86 -9.33 -9.44
N ALA I 97 -26.59 -10.19 -10.42
CA ALA I 97 -26.47 -11.64 -10.30
C ALA I 97 -25.05 -12.13 -10.21
N ALA I 98 -24.12 -11.50 -10.94
CA ALA I 98 -22.72 -11.92 -10.93
C ALA I 98 -21.86 -10.77 -11.33
N ILE I 99 -20.58 -10.87 -10.96
CA ILE I 99 -19.58 -9.87 -11.29
C ILE I 99 -18.30 -10.59 -11.72
N SER I 100 -17.57 -10.00 -12.67
CA SER I 100 -16.23 -10.45 -13.03
C SER I 100 -15.29 -9.26 -12.92
N MET I 101 -14.07 -9.55 -12.45
CA MET I 101 -12.98 -8.60 -12.38
C MET I 101 -11.80 -9.18 -13.05
N ALA I 102 -11.18 -8.38 -13.91
CA ALA I 102 -9.99 -8.75 -14.56
C ALA I 102 -9.31 -7.41 -14.82
N ASN I 103 -7.99 -7.45 -14.85
CA ASN I 103 -7.28 -6.42 -15.53
C ASN I 103 -6.33 -7.01 -16.57
N THR J 1 -2.07 -36.75 9.40
CA THR J 1 -2.42 -35.46 8.79
C THR J 1 -1.28 -35.06 7.84
N PRO J 2 -1.62 -34.57 6.65
CA PRO J 2 -0.61 -34.18 5.66
C PRO J 2 0.05 -32.88 6.04
N GLN J 3 1.24 -32.68 5.48
CA GLN J 3 2.02 -31.47 5.77
C GLN J 3 2.16 -30.53 4.60
N ASN J 4 1.57 -30.86 3.46
CA ASN J 4 1.59 -30.06 2.24
C ASN J 4 0.45 -30.44 1.31
N ILE J 5 0.23 -29.55 0.34
CA ILE J 5 -0.89 -29.69 -0.56
C ILE J 5 -0.84 -30.98 -1.41
N THR J 6 0.35 -31.38 -1.83
CA THR J 6 0.49 -32.52 -2.70
C THR J 6 0.07 -33.77 -1.97
N ASP J 7 0.53 -33.93 -0.72
CA ASP J 7 0.19 -35.12 0.07
C ASP J 7 -1.29 -35.09 0.43
N LEU J 8 -1.85 -33.92 0.76
CA LEU J 8 -3.26 -33.83 0.98
C LEU J 8 -4.09 -34.28 -0.22
N CYS J 9 -3.70 -33.76 -1.37
CA CYS J 9 -4.49 -34.05 -2.56
CA CYS J 9 -4.44 -34.02 -2.60
C CYS J 9 -4.55 -35.52 -2.88
N ALA J 10 -3.46 -36.21 -2.61
CA ALA J 10 -3.36 -37.60 -2.88
C ALA J 10 -4.22 -38.48 -1.99
N GLU J 11 -4.85 -37.89 -0.98
N GLU J 11 -4.89 -37.93 -0.98
CA GLU J 11 -5.80 -38.64 -0.15
CA GLU J 11 -5.82 -38.73 -0.16
C GLU J 11 -7.17 -38.91 -0.77
C GLU J 11 -7.24 -38.78 -0.71
N TYR J 12 -7.45 -38.28 -1.91
CA TYR J 12 -8.81 -38.24 -2.50
C TYR J 12 -8.88 -38.87 -3.85
N HIS J 13 -10.04 -39.37 -4.21
CA HIS J 13 -10.31 -39.78 -5.57
C HIS J 13 -10.54 -38.56 -6.42
N ASN J 14 -10.28 -38.73 -7.75
CA ASN J 14 -10.69 -37.73 -8.71
C ASN J 14 -9.96 -36.38 -8.51
N THR J 15 -8.73 -36.40 -7.97
CA THR J 15 -7.96 -35.15 -7.80
C THR J 15 -6.64 -35.13 -8.52
N GLN J 16 -6.17 -33.94 -8.75
CA GLN J 16 -4.84 -33.70 -9.28
C GLN J 16 -4.34 -32.34 -8.86
N ILE J 17 -3.01 -32.22 -8.86
CA ILE J 17 -2.36 -30.92 -8.59
C ILE J 17 -2.13 -30.22 -9.93
N HIS J 18 -2.48 -28.93 -9.98
CA HIS J 18 -2.10 -28.00 -11.02
CA HIS J 18 -2.06 -28.03 -11.03
C HIS J 18 -1.10 -27.04 -10.41
N THR J 19 0.04 -26.89 -11.05
CA THR J 19 1.08 -25.99 -10.57
C THR J 19 0.98 -24.75 -11.44
N LEU J 20 0.55 -23.62 -10.88
CA LEU J 20 0.36 -22.39 -11.62
C LEU J 20 1.52 -21.44 -11.47
N ASN J 21 2.01 -21.26 -10.24
CA ASN J 21 3.04 -20.25 -9.96
C ASN J 21 2.73 -18.91 -10.63
N ASP J 22 1.50 -18.44 -10.43
CA ASP J 22 1.02 -17.22 -11.09
C ASP J 22 -0.10 -16.61 -10.28
N LYS J 23 -0.29 -15.30 -10.48
N LYS J 23 -0.28 -15.30 -10.46
CA LYS J 23 -1.43 -14.61 -9.89
CA LYS J 23 -1.42 -14.59 -9.87
C LYS J 23 -2.72 -15.00 -10.66
C LYS J 23 -2.69 -14.96 -10.63
N ILE J 24 -3.84 -14.78 -9.99
CA ILE J 24 -5.13 -14.97 -10.62
C ILE J 24 -5.38 -13.88 -11.65
N PHE J 25 -5.74 -14.31 -12.89
CA PHE J 25 -6.08 -13.40 -13.96
C PHE J 25 -7.45 -12.77 -13.84
N SER J 26 -8.46 -13.56 -13.47
CA SER J 26 -9.79 -12.99 -13.31
C SER J 26 -10.52 -13.75 -12.22
N TYR J 27 -11.41 -13.01 -11.59
N TYR J 27 -11.38 -13.04 -11.53
CA TYR J 27 -12.24 -13.47 -10.48
CA TYR J 27 -12.20 -13.58 -10.43
C TYR J 27 -13.68 -13.20 -10.88
C TYR J 27 -13.66 -13.19 -10.74
N THR J 28 -14.53 -14.22 -10.74
CA THR J 28 -15.93 -14.10 -11.00
C THR J 28 -16.71 -14.72 -9.82
N GLU J 29 -17.75 -14.07 -9.32
N GLU J 29 -17.83 -14.06 -9.52
CA GLU J 29 -18.63 -14.75 -8.34
CA GLU J 29 -18.65 -14.40 -8.39
C GLU J 29 -20.06 -14.39 -8.69
C GLU J 29 -20.13 -14.32 -8.75
N SER J 30 -20.93 -15.32 -8.34
CA SER J 30 -22.34 -15.26 -8.67
C SER J 30 -23.21 -15.56 -7.42
N LEU J 31 -24.32 -14.86 -7.34
CA LEU J 31 -25.36 -15.13 -6.33
C LEU J 31 -26.61 -15.72 -6.99
N ALA J 32 -26.60 -15.97 -8.29
CA ALA J 32 -27.79 -16.51 -8.98
C ALA J 32 -28.14 -17.89 -8.42
N GLY J 33 -29.44 -18.16 -8.36
CA GLY J 33 -29.90 -19.34 -7.67
C GLY J 33 -29.43 -20.59 -8.37
N LYS J 34 -28.88 -21.51 -7.60
CA LYS J 34 -28.24 -22.74 -8.06
C LYS J 34 -26.89 -22.53 -8.72
N ARG J 35 -26.40 -21.30 -8.78
CA ARG J 35 -25.04 -21.06 -9.29
C ARG J 35 -24.33 -20.06 -8.34
N GLU J 36 -24.45 -20.38 -7.03
CA GLU J 36 -23.83 -19.54 -6.00
C GLU J 36 -22.38 -20.08 -5.86
N MET J 37 -21.47 -19.48 -6.63
CA MET J 37 -20.17 -20.08 -6.94
C MET J 37 -19.18 -18.96 -7.27
N ALA J 38 -17.92 -19.37 -7.29
CA ALA J 38 -16.86 -18.48 -7.79
C ALA J 38 -16.13 -19.24 -8.89
N ILE J 39 -15.55 -18.47 -9.82
CA ILE J 39 -14.73 -18.98 -10.88
C ILE J 39 -13.47 -18.12 -10.96
N ILE J 40 -12.31 -18.77 -11.05
CA ILE J 40 -11.10 -18.05 -11.29
C ILE J 40 -10.42 -18.53 -12.56
N THR J 41 -9.69 -17.64 -13.23
CA THR J 41 -8.91 -18.04 -14.39
C THR J 41 -7.49 -17.57 -14.20
N PHE J 42 -6.57 -18.22 -14.92
CA PHE J 42 -5.17 -17.84 -15.05
C PHE J 42 -4.89 -17.45 -16.52
N LYS J 43 -3.85 -16.68 -16.71
CA LYS J 43 -3.54 -16.16 -18.05
C LYS J 43 -3.33 -17.28 -19.06
N ASN J 44 -2.89 -18.45 -18.63
CA ASN J 44 -2.71 -19.57 -19.54
C ASN J 44 -4.02 -20.23 -20.00
N GLY J 45 -5.16 -19.81 -19.46
CA GLY J 45 -6.47 -20.37 -19.82
C GLY J 45 -7.02 -21.35 -18.80
N ALA J 46 -6.21 -21.76 -17.83
CA ALA J 46 -6.69 -22.62 -16.77
C ALA J 46 -7.82 -21.95 -16.02
N THR J 47 -8.91 -22.70 -15.80
CA THR J 47 -10.12 -22.17 -15.21
C THR J 47 -10.57 -23.13 -14.13
N PHE J 48 -10.95 -22.57 -12.95
CA PHE J 48 -11.32 -23.41 -11.82
C PHE J 48 -12.54 -22.82 -11.12
N GLN J 49 -13.30 -23.65 -10.45
CA GLN J 49 -14.44 -23.20 -9.70
C GLN J 49 -14.31 -23.54 -8.23
N VAL J 50 -15.01 -22.72 -7.41
CA VAL J 50 -15.43 -23.23 -6.09
C VAL J 50 -16.89 -23.64 -6.32
N GLU J 51 -17.15 -24.91 -6.12
CA GLU J 51 -18.47 -25.47 -6.41
C GLU J 51 -19.56 -24.86 -5.64
N VAL J 52 -20.76 -24.84 -6.21
CA VAL J 52 -21.97 -24.59 -5.47
C VAL J 52 -22.07 -25.63 -4.34
N PRO J 53 -22.39 -25.20 -3.10
CA PRO J 53 -22.54 -26.19 -2.04
C PRO J 53 -23.66 -27.14 -2.39
N GLY J 54 -23.41 -28.41 -2.22
CA GLY J 54 -24.39 -29.44 -2.52
C GLY J 54 -24.26 -30.71 -1.72
N SER J 55 -25.03 -31.69 -2.18
CA SER J 55 -25.04 -32.97 -1.49
C SER J 55 -23.73 -33.74 -1.46
N GLN J 56 -22.79 -33.37 -2.33
CA GLN J 56 -21.47 -33.93 -2.35
C GLN J 56 -20.64 -33.42 -1.20
N HIS J 57 -21.11 -32.34 -0.57
CA HIS J 57 -20.34 -31.71 0.52
C HIS J 57 -20.88 -32.13 1.87
N ILE J 58 -19.99 -32.43 2.77
CA ILE J 58 -20.40 -32.72 4.18
C ILE J 58 -20.51 -31.42 4.94
N ASP J 59 -21.16 -31.47 6.07
CA ASP J 59 -21.43 -30.25 6.85
C ASP J 59 -20.15 -29.51 7.22
N SER J 60 -19.12 -30.25 7.59
CA SER J 60 -17.88 -29.63 7.99
C SER J 60 -17.19 -28.88 6.83
N GLN J 61 -17.59 -29.08 5.59
CA GLN J 61 -17.00 -28.34 4.46
C GLN J 61 -17.70 -26.98 4.23
N LYS J 62 -18.86 -26.75 4.83
CA LYS J 62 -19.63 -25.55 4.43
C LYS J 62 -18.87 -24.28 4.77
N LYS J 63 -18.33 -24.15 5.99
CA LYS J 63 -17.57 -22.94 6.28
CA LYS J 63 -17.51 -23.00 6.36
C LYS J 63 -16.29 -22.87 5.48
N ALA J 64 -15.69 -24.00 5.16
CA ALA J 64 -14.43 -24.02 4.38
C ALA J 64 -14.67 -23.59 2.96
N ILE J 65 -15.84 -23.96 2.40
CA ILE J 65 -16.18 -23.45 1.06
C ILE J 65 -16.28 -21.91 1.05
N GLU J 66 -16.93 -21.36 2.07
CA GLU J 66 -17.04 -19.89 2.15
C GLU J 66 -15.65 -19.25 2.35
N ARG J 67 -14.81 -19.89 3.17
CA ARG J 67 -13.45 -19.39 3.38
C ARG J 67 -12.67 -19.36 2.06
N MET J 68 -12.81 -20.43 1.28
CA MET J 68 -12.04 -20.51 0.01
C MET J 68 -12.38 -19.36 -0.88
N LYS J 69 -13.67 -19.07 -1.01
CA LYS J 69 -14.09 -17.94 -1.84
C LYS J 69 -13.55 -16.59 -1.31
N ASP J 70 -13.50 -16.46 0.02
CA ASP J 70 -12.85 -15.29 0.63
C ASP J 70 -11.39 -15.23 0.24
N THR J 71 -10.71 -16.38 0.32
CA THR J 71 -9.29 -16.44 0.01
C THR J 71 -9.00 -16.03 -1.45
N LEU J 72 -9.82 -16.61 -2.36
CA LEU J 72 -9.56 -16.32 -3.77
C LEU J 72 -9.79 -14.83 -4.11
N ARG J 73 -10.79 -14.23 -3.50
CA ARG J 73 -11.06 -12.81 -3.76
C ARG J 73 -9.85 -11.96 -3.29
N ILE J 74 -9.40 -12.17 -2.04
CA ILE J 74 -8.31 -11.35 -1.55
CA ILE J 74 -8.29 -11.38 -1.51
C ILE J 74 -7.00 -11.70 -2.24
N ALA J 75 -6.79 -12.95 -2.62
CA ALA J 75 -5.62 -13.28 -3.45
C ALA J 75 -5.63 -12.53 -4.76
N TYR J 76 -6.78 -12.49 -5.41
CA TYR J 76 -6.94 -11.74 -6.64
C TYR J 76 -6.58 -10.27 -6.46
N LEU J 77 -7.18 -9.66 -5.40
CA LEU J 77 -7.02 -8.21 -5.22
C LEU J 77 -5.62 -7.84 -4.73
N THR J 78 -4.88 -8.76 -4.16
CA THR J 78 -3.52 -8.47 -3.72
CA THR J 78 -3.53 -8.59 -3.64
C THR J 78 -2.48 -8.98 -4.75
N GLU J 79 -2.93 -9.55 -5.88
CA GLU J 79 -2.03 -10.10 -6.87
C GLU J 79 -1.11 -11.15 -6.30
N ALA J 80 -1.65 -11.93 -5.36
CA ALA J 80 -0.88 -12.94 -4.68
C ALA J 80 -0.60 -14.12 -5.65
N LYS J 81 0.66 -14.58 -5.67
CA LYS J 81 1.00 -15.75 -6.45
C LYS J 81 0.37 -17.00 -5.88
N VAL J 82 -0.36 -17.73 -6.73
CA VAL J 82 -0.87 -19.06 -6.41
C VAL J 82 0.17 -20.05 -6.83
N GLU J 83 0.66 -20.87 -5.89
CA GLU J 83 1.63 -21.92 -6.21
C GLU J 83 0.92 -23.11 -6.86
N LYS J 84 0.11 -23.83 -6.09
CA LYS J 84 -0.61 -25.03 -6.54
C LYS J 84 -2.06 -24.94 -6.19
N LEU J 85 -2.88 -25.63 -6.98
CA LEU J 85 -4.22 -25.98 -6.61
C LEU J 85 -4.35 -27.48 -6.62
N CYS J 86 -5.00 -28.05 -5.61
CA CYS J 86 -5.52 -29.40 -5.66
C CYS J 86 -6.95 -29.30 -6.12
N VAL J 87 -7.28 -30.05 -7.19
CA VAL J 87 -8.60 -29.87 -7.79
C VAL J 87 -9.22 -31.26 -8.04
N TRP J 88 -10.55 -31.29 -8.00
CA TRP J 88 -11.32 -32.43 -8.50
C TRP J 88 -11.47 -32.33 -10.02
N ASN J 89 -11.03 -33.38 -10.69
CA ASN J 89 -10.98 -33.41 -12.15
C ASN J 89 -12.22 -34.07 -12.82
N ASN J 90 -13.23 -34.34 -11.99
CA ASN J 90 -14.52 -34.90 -12.45
C ASN J 90 -15.61 -33.82 -12.51
N LYS J 91 -15.18 -32.55 -12.56
CA LYS J 91 -16.04 -31.41 -12.73
C LYS J 91 -15.43 -30.50 -13.78
N THR J 92 -16.29 -29.78 -14.46
CA THR J 92 -15.81 -28.76 -15.45
C THR J 92 -16.49 -27.45 -15.10
N PRO J 93 -15.73 -26.35 -14.80
CA PRO J 93 -14.31 -26.34 -14.61
C PRO J 93 -13.90 -27.27 -13.46
N HIS J 94 -12.63 -27.65 -13.40
CA HIS J 94 -12.18 -28.40 -12.26
C HIS J 94 -12.45 -27.63 -10.93
N ALA J 95 -12.81 -28.41 -9.91
CA ALA J 95 -13.28 -27.81 -8.63
C ALA J 95 -12.17 -27.79 -7.62
N ILE J 96 -11.96 -26.62 -6.98
CA ILE J 96 -10.89 -26.44 -6.02
C ILE J 96 -11.18 -27.18 -4.73
N ALA J 97 -10.21 -27.99 -4.31
CA ALA J 97 -10.15 -28.67 -3.02
C ALA J 97 -9.19 -27.97 -2.05
N ALA J 98 -8.08 -27.45 -2.58
CA ALA J 98 -7.05 -26.79 -1.73
C ALA J 98 -6.22 -25.86 -2.58
N ILE J 99 -5.62 -24.87 -1.92
CA ILE J 99 -4.76 -23.91 -2.52
C ILE J 99 -3.49 -23.76 -1.71
N SER J 100 -2.39 -23.52 -2.37
CA SER J 100 -1.16 -23.10 -1.73
C SER J 100 -0.69 -21.79 -2.35
N MET J 101 -0.12 -20.94 -1.48
CA MET J 101 0.44 -19.63 -1.89
C MET J 101 1.83 -19.55 -1.32
N ALA J 102 2.74 -19.11 -2.16
CA ALA J 102 4.06 -18.87 -1.75
C ALA J 102 4.63 -17.86 -2.77
N ASN J 103 5.61 -17.05 -2.37
CA ASN J 103 6.28 -16.29 -3.43
C ASN J 103 7.62 -15.84 -3.13
C1 NDG K . 3.44 26.04 19.02
C1 NDG K . 3.43 26.58 19.13
C2 NDG K . 4.30 27.00 18.18
C2 NDG K . 4.48 27.20 18.22
C3 NDG K . 5.81 26.67 18.42
C3 NDG K . 5.84 26.61 18.52
C4 NDG K . 6.13 26.87 19.90
C4 NDG K . 6.02 26.60 20.02
C5 NDG K . 5.18 26.00 20.75
C5 NDG K . 4.83 25.93 20.73
C6 NDG K . 5.49 26.16 22.22
C6 NDG K . 4.94 26.01 22.25
C7 NDG K . 3.62 28.22 16.16
C7 NDG K . 3.27 27.82 16.24
C8 NDG K . 3.32 28.12 14.69
C8 NDG K . 2.84 27.49 14.83
O5 NDG K . 3.76 26.24 20.40
O5 NDG K . 3.70 26.74 20.51
O3 NDG K . 6.67 27.52 17.68
O3 NDG K . 6.86 27.40 17.92
O4 NDG K . 7.46 26.44 20.18
O4 NDG K . 7.20 25.93 20.32
O6 NDG K . 4.50 26.79 22.85
O6 NDG K . 5.23 27.37 22.48
O7 NDG K . 3.54 29.29 16.76
O7 NDG K . 2.89 28.85 16.79
N2 NDG K . 3.87 27.03 16.79
N2 NDG K . 4.07 26.94 16.84
O1 NDG K . 3.60 24.72 18.56
O1 NDG K . 3.41 25.19 18.93
C1 GAL K . 8.28 27.38 20.81
C1 GAL K . 7.80 26.83 21.14
C2 GAL K . 9.49 26.81 21.15
C2 GAL K . 8.99 26.10 21.65
C3 GAL K . 10.35 27.91 21.79
C3 GAL K . 9.83 27.08 22.43
C4 GAL K . 10.47 29.22 21.04
C4 GAL K . 10.13 28.41 21.66
C5 GAL K . 9.16 29.58 20.65
C5 GAL K . 8.80 29.05 21.24
C6 GAL K . 9.09 30.80 19.80
C6 GAL K . 8.94 30.40 20.60
O2 GAL K . 9.14 25.78 22.17
O2 GAL K . 8.47 25.06 22.56
O3 GAL K . 11.58 27.36 21.90
O3 GAL K . 11.02 26.43 22.73
O4 GAL K . 11.27 29.07 19.91
O4 GAL K . 10.99 28.18 20.55
O5 GAL K . 8.61 28.50 20.00
O5 GAL K . 8.09 28.11 20.44
O6 GAL K . 7.64 31.14 19.87
O6 GAL K . 10.22 30.46 20.03
C1 FUC K . 9.78 24.51 22.04
C1 FUC K . 8.99 23.75 22.62
C2 FUC K . 9.71 23.75 23.34
C2 FUC K . 8.52 23.07 23.94
C3 FUC K . 8.25 23.41 23.71
C3 FUC K . 7.03 22.79 23.92
C4 FUC K . 7.65 22.57 22.61
C4 FUC K . 6.63 22.06 22.64
C5 FUC K . 7.77 23.32 21.33
C5 FUC K . 7.17 22.86 21.50
C6 FUC K . 7.31 22.51 20.10
C6 FUC K . 6.86 22.16 20.19
O2 FUC K . 10.28 24.55 24.32
O2 FUC K . 8.80 23.84 25.14
O3 FUC K . 8.26 22.63 24.88
O3 FUC K . 6.71 22.00 25.00
O4 FUC K . 8.40 21.34 22.53
O4 FUC K . 7.19 20.71 22.54
O5 FUC K . 9.13 23.70 21.09
O5 FUC K . 8.56 22.90 21.59
C1 FUC K . 7.12 27.04 16.41
C1 FUC K . 7.02 27.04 16.55
C2 FUC K . 7.98 28.14 15.78
C2 FUC K . 7.71 28.18 15.84
C3 FUC K . 9.29 28.33 16.53
C3 FUC K . 9.00 28.45 16.53
C4 FUC K . 10.05 26.99 16.66
C4 FUC K . 9.86 27.21 16.56
C5 FUC K . 9.12 25.95 17.28
C5 FUC K . 9.07 26.07 17.21
C6 FUC K . 9.74 24.57 17.46
C6 FUC K . 9.83 24.79 17.13
O2 FUC K . 7.22 29.36 15.72
O2 FUC K . 6.91 29.37 15.91
O3 FUC K . 10.08 29.33 15.83
O3 FUC K . 9.66 29.47 15.79
O4 FUC K . 10.49 26.52 15.35
O4 FUC K . 10.22 26.84 15.20
O5 FUC K . 7.86 25.80 16.57
O5 FUC K . 7.83 25.87 16.51
C1 NDG L . 24.95 -3.36 20.47
C1 NDG L . 25.21 -3.29 20.39
C2 NDG L . 25.96 -2.25 19.98
C2 NDG L . 26.16 -2.20 19.91
C3 NDG L . 26.82 -2.73 18.80
C3 NDG L . 26.96 -2.74 18.72
C4 NDG L . 27.60 -3.96 19.28
C4 NDG L . 27.75 -3.88 19.20
C5 NDG L . 26.62 -4.99 19.79
C5 NDG L . 26.86 -4.92 19.73
C6 NDG L . 27.24 -6.30 20.25
C6 NDG L . 27.67 -6.06 20.33
C7 NDG L . 25.45 0.14 20.33
C7 NDG L . 25.28 0.00 20.37
C8 NDG L . 24.61 1.31 19.88
C8 NDG L . 24.37 1.09 19.91
O5 NDG L . 25.80 -4.47 20.87
O5 NDG L . 26.01 -4.41 20.76
O3 NDG L . 27.72 -1.68 18.38
O3 NDG L . 27.95 -1.83 18.22
O4 NDG L . 28.29 -4.52 18.20
O4 NDG L . 28.46 -4.37 18.07
O6 NDG L . 28.07 -5.92 21.35
O6 NDG L . 26.82 -6.89 21.12
O7 NDG L . 26.20 0.25 21.28
O7 NDG L . 25.86 0.03 21.45
N2 NDG L . 25.21 -1.03 19.71
N2 NDG L . 25.34 -1.06 19.60
O1 NDG L . 24.05 -3.71 19.47
O1 NDG L . 24.32 -3.59 19.37
C1 GAL L . 29.64 -4.90 18.58
C1 GAL L . 29.83 -4.43 18.42
C2 GAL L . 30.13 -5.74 17.50
C2 GAL L . 30.56 -5.06 17.34
C3 GAL L . 31.60 -6.00 17.88
C3 GAL L . 32.02 -5.24 17.68
C4 GAL L . 32.38 -4.67 18.03
C4 GAL L . 32.65 -3.86 18.04
C5 GAL L . 31.77 -3.82 19.13
C5 GAL L . 31.79 -3.12 19.04
C6 GAL L . 32.43 -2.48 19.19
C6 GAL L . 32.27 -1.69 19.33
O2 GAL L . 29.34 -7.04 17.49
O2 GAL L . 29.98 -6.45 17.22
O3 GAL L . 32.12 -6.70 16.76
O3 GAL L . 32.71 -5.93 16.61
O4 GAL L . 32.33 -3.98 16.79
O4 GAL L . 32.72 -3.23 16.83
O5 GAL L . 30.36 -3.65 18.64
O5 GAL L . 30.37 -3.15 18.64
O6 GAL L . 31.89 -1.70 20.36
O6 GAL L . 33.51 -1.75 20.09
C1 FUC L . 28.98 -7.82 16.35
C1 FUC L . 29.07 -6.76 16.17
C2 FUC L . 28.57 -9.33 16.77
C2 FUC L . 29.73 -7.69 15.15
C3 FUC L . 27.28 -9.37 17.57
C3 FUC L . 30.05 -9.02 15.75
C4 FUC L . 26.19 -8.70 16.75
C4 FUC L . 28.77 -9.73 16.12
C5 FUC L . 26.65 -7.27 16.57
C5 FUC L . 28.08 -8.79 17.15
C6 FUC L . 25.58 -6.38 16.01
C6 FUC L . 26.74 -9.34 17.57
O2 FUC L . 29.54 -10.08 17.49
O2 FUC L . 30.93 -7.15 14.76
O3 FUC L . 26.90 -10.70 17.91
O3 FUC L . 30.75 -9.87 14.81
O4 FUC L . 26.12 -9.28 15.39
O4 FUC L . 27.91 -9.88 14.99
O5 FUC L . 27.82 -7.24 15.73
O5 FUC L . 27.86 -7.46 16.62
C1 FUC L . 27.41 -0.87 17.23
C1 FUC L . 27.39 -0.95 17.26
C2 FUC L . 28.50 0.19 17.12
C2 FUC L . 28.37 0.17 16.95
C3 FUC L . 29.78 -0.52 16.65
C3 FUC L . 29.67 -0.44 16.51
C4 FUC L . 29.50 -1.22 15.32
C4 FUC L . 29.37 -1.32 15.28
C5 FUC L . 28.41 -2.29 15.58
C5 FUC L . 28.22 -2.30 15.61
C6 FUC L . 28.17 -3.15 14.30
C6 FUC L . 27.78 -3.05 14.41
O2 FUC L . 28.71 0.83 18.40
O2 FUC L . 28.54 0.93 18.13
O3 FUC L . 30.78 0.55 16.52
O3 FUC L . 30.55 0.64 16.19
O4 FUC L . 29.20 -0.29 14.25
O4 FUC L . 29.04 -0.55 14.09
O5 FUC L . 27.22 -1.65 16.04
O5 FUC L . 27.07 -1.61 16.05
C1 NDG M . 22.47 -20.91 -12.03
C1 NDG M . 23.37 -21.12 -12.05
C2 NDG M . 23.67 -19.96 -12.20
C2 NDG M . 24.10 -19.85 -12.39
C3 NDG M . 23.51 -19.23 -13.59
C3 NDG M . 23.57 -19.22 -13.69
C4 NDG M . 23.46 -20.24 -14.76
C4 NDG M . 23.43 -20.28 -14.75
C5 NDG M . 22.35 -21.28 -14.50
C5 NDG M . 22.60 -21.39 -14.17
C6 NDG M . 22.34 -22.51 -15.44
C6 NDG M . 22.06 -22.31 -15.29
C7 NDG M . 25.14 -18.82 -10.59
C7 NDG M . 24.63 -19.18 -10.19
C8 NDG M . 25.30 -17.73 -9.52
C8 NDG M . 24.38 -18.21 -9.07
O5 NDG M . 22.40 -21.84 -13.17
O5 NDG M . 23.44 -22.00 -13.20
O3 NDG M . 24.60 -18.33 -13.88
O3 NDG M . 24.49 -18.26 -14.21
O4 NDG M . 23.06 -19.51 -15.97
O4 NDG M . 22.78 -19.73 -15.90
O6 NDG M . 23.66 -22.99 -15.56
O6 NDG M . 22.46 -23.65 -15.04
O7 NDG M . 26.11 -19.52 -10.79
O7 NDG M . 25.52 -20.01 -10.10
N2 NDG M . 23.89 -18.98 -11.13
N2 NDG M . 23.91 -18.96 -11.28
O1 NDG M . 21.21 -20.17 -12.00
O1 NDG M . 21.98 -20.73 -11.78
C1 GAL M . 23.31 -19.96 -17.37
C1 GAL M . 23.48 -20.08 -17.12
C2 GAL M . 22.14 -19.33 -18.22
C2 GAL M . 22.43 -19.94 -18.33
C3 GAL M . 22.51 -19.31 -19.68
C3 GAL M . 22.95 -20.09 -19.70
C4 GAL M . 23.81 -18.64 -19.90
C4 GAL M . 24.34 -19.36 -19.86
C5 GAL M . 24.84 -19.46 -19.13
C5 GAL M . 25.12 -19.50 -18.53
C6 GAL M . 26.23 -18.99 -19.46
C6 GAL M . 26.39 -18.67 -18.36
O2 GAL M . 21.05 -20.23 -18.09
O2 GAL M . 21.35 -20.79 -18.11
O3 GAL M . 21.56 -18.57 -20.42
O3 GAL M . 21.89 -19.50 -20.57
O4 GAL M . 23.69 -17.21 -19.44
O4 GAL M . 24.12 -17.99 -20.22
O5 GAL M . 24.55 -19.38 -17.66
O5 GAL M . 24.43 -19.08 -17.24
O6 GAL M . 26.32 -17.84 -18.67
O6 GAL M . 27.23 -19.54 -17.51
C1 FUC M . 19.74 -19.55 -18.12
C1 FUC M . 20.34 -20.02 -18.74
C2 FUC M . 18.69 -20.42 -18.81
C2 FUC M . 19.26 -21.01 -19.14
C3 FUC M . 18.36 -21.70 -17.96
C3 FUC M . 19.05 -21.83 -17.92
C4 FUC M . 17.94 -21.36 -16.45
C4 FUC M . 18.39 -20.89 -16.97
C5 FUC M . 19.13 -20.39 -15.93
C5 FUC M . 19.54 -19.97 -16.54
C6 FUC M . 18.96 -19.81 -14.53
C6 FUC M . 19.14 -19.23 -15.31
O2 FUC M . 19.12 -20.76 -20.17
O2 FUC M . 19.64 -21.86 -20.24
O3 FUC M . 17.34 -22.44 -18.74
O3 FUC M . 18.26 -22.99 -18.17
O4 FUC M . 16.61 -20.74 -16.29
O4 FUC M . 17.40 -20.07 -17.62
O5 FUC M . 19.27 -19.25 -16.80
O5 FUC M . 19.93 -19.06 -17.69
C1 FUC M . 24.40 -16.99 -13.54
C1 FUC M . 24.36 -17.05 -13.54
C2 FUC M . 25.68 -16.16 -13.80
C2 FUC M . 25.74 -16.46 -13.54
C3 FUC M . 25.94 -16.08 -15.32
C3 FUC M . 26.22 -16.46 -14.97
C4 FUC M . 24.82 -15.45 -16.07
C4 FUC M . 25.23 -15.64 -15.84
C5 FUC M . 23.58 -16.24 -15.79
C5 FUC M . 23.83 -16.29 -15.72
C6 FUC M . 22.32 -15.62 -16.26
C6 FUC M . 22.77 -15.68 -16.58
O2 FUC M . 26.72 -16.79 -13.08
O2 FUC M . 26.60 -17.28 -12.66
O3 FUC M . 27.17 -15.32 -15.58
O3 FUC M . 27.55 -15.90 -15.03
O4 FUC M . 24.73 -14.10 -15.82
O4 FUC M . 25.15 -14.27 -15.43
O5 FUC M . 23.37 -16.38 -14.31
O5 FUC M . 23.43 -16.25 -14.32
C1 NDG N . -0.53 -2.73 -33.60
C1 NDG N . -1.43 -2.25 -33.26
C2 NDG N . 0.55 -1.65 -33.70
C2 NDG N . -0.07 -1.61 -33.52
C3 NDG N . 0.03 -0.22 -33.54
C3 NDG N . -0.19 -0.10 -33.41
C4 NDG N . -0.95 0.00 -34.64
C4 NDG N . -1.35 0.29 -34.32
C5 NDG N . -2.01 -1.17 -34.67
C5 NDG N . -2.63 -0.46 -33.95
C6 NDG N . -3.02 -1.14 -35.83
C6 NDG N . -3.79 0.03 -34.83
C7 NDG N . 2.72 -2.54 -32.86
C7 NDG N . 1.93 -2.86 -32.77
C8 NDG N . 3.14 -2.91 -34.26
C8 NDG N . 2.39 -2.76 -34.15
O5 NDG N . -1.34 -2.48 -34.75
O5 NDG N . -2.41 -1.80 -34.18
O3 NDG N . 1.13 0.66 -33.80
O3 NDG N . 1.04 0.61 -33.82
O4 NDG N . -1.55 1.30 -34.45
O4 NDG N . -1.59 1.59 -34.10
O6 NDG N . -3.97 -2.21 -35.62
O6 NDG N . -4.64 -1.07 -35.17
O7 NDG N . 3.53 -2.77 -31.91
O7 NDG N . 2.66 -3.38 -31.90
N2 NDG N . 1.48 -1.97 -32.70
N2 NDG N . 0.78 -2.20 -32.51
O1 NDG N . -1.24 -2.60 -32.40
O1 NDG N . -1.90 -1.86 -31.99
C1 GAL N . -1.81 2.02 -35.67
C1 GAL N . -1.87 2.12 -35.29
C2 GAL N . -2.92 3.00 -35.36
C2 GAL N . -2.69 3.35 -34.85
C3 GAL N . -3.13 4.06 -36.50
C3 GAL N . -2.76 4.38 -35.82
C4 GAL N . -1.76 4.68 -37.02
C4 GAL N . -1.36 4.64 -36.26
C5 GAL N . -0.77 3.52 -37.15
C5 GAL N . -0.55 3.40 -36.73
C6 GAL N . 0.63 3.98 -37.25
C6 GAL N . 0.84 3.96 -36.99
O2 GAL N . -4.03 2.08 -35.14
O2 GAL N . -4.02 2.93 -34.63
O3 GAL N . -4.06 5.15 -36.07
O3 GAL N . -3.33 5.55 -35.11
O4 GAL N . -1.20 5.60 -36.01
O4 GAL N . -0.74 5.28 -35.15
O5 GAL N . -0.67 2.75 -35.91
O5 GAL N . -0.52 2.33 -35.74
O6 GAL N . 1.22 2.70 -37.65
O6 GAL N . 0.71 5.00 -38.00
C1 FUC N . -4.95 2.49 -34.07
C1 FUC N . -4.85 3.73 -33.82
C2 FUC N . -6.29 1.71 -34.21
C2 FUC N . -6.30 3.15 -34.07
C3 FUC N . -6.12 0.23 -33.86
C3 FUC N . -6.31 1.64 -33.68
C4 FUC N . -5.52 0.09 -32.47
C4 FUC N . -5.86 1.57 -32.18
C5 FUC N . -4.19 0.81 -32.48
C5 FUC N . -4.42 2.08 -32.20
C6 FUC N . -3.52 0.68 -31.12
C6 FUC N . -3.89 1.79 -30.85
O2 FUC N . -6.77 1.72 -35.63
O2 FUC N . -6.69 3.30 -35.50
O3 FUC N . -7.32 -0.49 -33.96
O3 FUC N . -7.52 0.77 -34.10
O4 FUC N . -6.32 0.64 -31.44
O4 FUC N . -6.56 2.37 -31.14
O5 FUC N . -4.36 2.23 -32.76
O5 FUC N . -4.33 3.52 -32.47
C1 FUC N . 2.00 1.06 -32.75
C1 FUC N . 1.88 1.00 -32.73
C2 FUC N . 3.24 1.67 -33.34
C2 FUC N . 3.17 1.49 -33.30
C3 FUC N . 2.90 2.92 -34.12
C3 FUC N . 2.94 2.71 -34.12
C4 FUC N . 2.17 3.91 -33.25
C4 FUC N . 2.27 3.77 -33.29
C5 FUC N . 0.89 3.22 -32.70
C5 FUC N . 0.99 3.24 -32.71
C6 FUC N . 0.04 4.05 -31.79
C6 FUC N . 0.49 4.27 -31.77
O2 FUC N . 3.94 0.73 -34.13
O2 FUC N . 3.68 0.47 -34.11
O3 FUC N . 4.09 3.52 -34.55
O3 FUC N . 4.19 3.21 -34.59
O4 FUC N . 3.05 4.49 -32.22
O4 FUC N . 3.14 4.19 -32.20
O5 FUC N . 1.26 1.99 -32.01
O5 FUC N . 1.27 2.02 -31.96
C1 NDG O . -13.15 27.19 -13.91
C2 NDG O . -11.91 27.79 -14.63
C3 NDG O . -11.06 28.52 -13.58
C4 NDG O . -11.88 29.65 -13.04
C5 NDG O . -13.27 29.15 -12.52
C6 NDG O . -14.22 30.31 -12.19
C7 NDG O . -10.93 26.42 -16.51
C8 NDG O . -11.32 27.52 -17.47
O5 NDG O . -13.92 28.32 -13.41
O3 NDG O . -9.88 29.09 -14.19
O4 NDG O . -11.16 30.25 -11.95
O6 NDG O . -14.91 29.82 -11.04
O7 NDG O . -10.35 25.35 -16.91
N2 NDG O . -11.19 26.69 -15.22
O1 NDG O . -12.80 26.26 -12.86
C1 GAL O . -11.15 31.67 -11.69
C2 GAL O . -10.66 31.86 -10.20
C3 GAL O . -10.27 33.26 -9.84
C4 GAL O . -9.43 33.81 -10.98
C5 GAL O . -10.16 33.59 -12.32
C6 GAL O . -9.48 34.41 -13.35
O2 GAL O . -11.69 31.48 -9.32
O3 GAL O . -9.50 33.14 -8.56
O4 GAL O . -8.18 33.08 -10.98
O5 GAL O . -10.24 32.11 -12.66
O6 GAL O . -9.56 33.58 -14.49
C1 FUC O . -11.35 30.76 -8.08
C2 FUC O . -12.51 30.96 -7.13
C3 FUC O . -13.83 30.32 -7.66
C4 FUC O . -13.61 28.83 -8.04
C5 FUC O . -12.35 28.74 -9.00
C6 FUC O . -12.04 27.29 -9.40
O2 FUC O . -12.72 32.34 -6.99
O3 FUC O . -14.93 30.45 -6.72
O4 FUC O . -13.52 27.94 -6.84
O5 FUC O . -11.15 29.35 -8.40
C1 FUC O . -8.65 28.31 -14.08
C2 FUC O . -7.70 28.98 -15.01
C3 FUC O . -7.28 30.33 -14.45
C4 FUC O . -6.80 30.23 -13.05
C5 FUC O . -7.85 29.49 -12.21
C6 FUC O . -7.37 29.29 -10.74
O2 FUC O . -8.27 29.10 -16.28
O3 FUC O . -6.34 30.92 -15.31
O4 FUC O . -5.54 29.57 -13.01
O5 FUC O . -8.12 28.22 -12.76
C1 NDG P . 12.14 -29.88 8.91
C2 NDG P . 10.79 -30.23 9.39
C3 NDG P . 10.47 -29.66 10.72
C4 NDG P . 11.57 -30.07 11.75
C5 NDG P . 12.92 -29.68 11.22
C6 NDG P . 14.10 -30.31 12.09
C7 NDG P . 9.29 -30.76 7.56
C8 NDG P . 8.23 -30.31 6.55
O5 NDG P . 13.15 -30.24 9.91
O3 NDG P . 9.26 -30.32 11.15
O4 NDG P . 11.37 -29.32 12.98
O6 NDG P . 15.29 -29.53 11.88
O7 NDG P . 9.52 -31.96 7.67
N2 NDG P . 9.84 -29.84 8.33
O1 NDG P . 12.25 -28.47 8.67
C1 GAL P . 11.53 -30.05 14.16
C2 GAL P . 11.59 -29.03 15.31
C3 GAL P . 11.52 -29.60 16.70
C4 GAL P . 10.35 -30.47 16.86
C5 GAL P . 10.31 -31.56 15.71
C6 GAL P . 9.13 -32.40 16.03
O2 GAL P . 12.77 -28.32 15.19
O3 GAL P . 11.35 -28.48 17.60
O4 GAL P . 9.18 -29.52 16.72
O5 GAL P . 10.41 -30.88 14.31
O6 GAL P . 8.99 -33.10 14.86
C1 FUC P . 12.76 -26.86 15.39
C2 FUC P . 14.23 -26.41 15.67
C3 FUC P . 15.16 -26.66 14.43
C4 FUC P . 14.60 -25.91 13.23
C5 FUC P . 13.19 -26.44 13.01
C6 FUC P . 12.49 -25.77 11.85
O2 FUC P . 14.66 -27.14 16.79
O3 FUC P . 16.47 -26.20 14.64
O4 FUC P . 14.54 -24.46 13.51
O5 FUC P . 12.31 -26.22 14.25
C1 FUC P . 8.05 -29.59 10.89
C2 FUC P . 6.94 -30.58 11.22
C3 FUC P . 6.88 -30.94 12.71
C4 FUC P . 6.77 -29.70 13.52
C5 FUC P . 7.94 -28.81 13.15
C6 FUC P . 7.85 -27.47 13.80
O2 FUC P . 7.01 -31.75 10.42
O3 FUC P . 5.72 -31.78 12.92
O4 FUC P . 5.46 -29.11 13.33
O5 FUC P . 7.95 -28.47 11.71
C1 NDG Q . 4.23 -1.47 32.27
C1 NDG Q . 4.29 -1.42 32.21
C2 NDG Q . 3.25 -2.55 32.74
C2 NDG Q . 3.31 -2.53 32.71
C3 NDG Q . 1.87 -1.94 32.85
C3 NDG Q . 1.89 -1.95 32.84
C4 NDG Q . 1.95 -0.83 33.90
C4 NDG Q . 2.02 -0.86 33.92
C5 NDG Q . 3.00 0.19 33.50
C5 NDG Q . 2.96 0.20 33.43
C6 NDG Q . 3.28 1.18 34.62
C6 NDG Q . 3.14 1.33 34.43
C7 NDG Q . 3.62 -4.90 32.11
C7 NDG Q . 3.62 -4.94 32.09
C8 NDG Q . 3.63 -5.93 30.99
C8 NDG Q . 3.47 -5.96 31.04
O5 NDG Q . 4.28 -0.44 33.27
O5 NDG Q . 4.25 -0.39 33.20
O3 NDG Q . 0.93 -2.92 33.31
O3 NDG Q . 0.97 -2.94 33.28
O4 NDG Q . 0.65 -0.17 33.95
O4 NDG Q . 0.77 -0.24 34.02
O6 NDG Q . 4.29 2.12 34.17
O6 NDG Q . 3.57 0.78 35.70
O7 NDG Q . 3.85 -5.22 33.26
O7 NDG Q . 3.91 -5.27 33.24
N2 NDG Q . 3.30 -3.65 31.74
N2 NDG Q . 3.33 -3.67 31.73
O1 NDG Q . 3.78 -0.93 31.05
O1 NDG Q . 3.87 -0.99 30.96
C1 GAL Q . 0.19 -0.22 35.32
C1 GAL Q . 0.31 -0.14 35.35
C2 GAL Q . -0.89 0.75 35.56
C2 GAL Q . -0.92 0.66 35.34
C3 GAL Q . -1.25 0.78 37.05
C3 GAL Q . -1.65 0.62 36.69
C4 GAL Q . -1.52 -0.59 37.51
C4 GAL Q . -1.64 -0.76 37.39
C5 GAL Q . -0.32 -1.42 37.14
C5 GAL Q . -0.37 -1.49 37.28
C6 GAL Q . -0.22 -2.67 38.00
C6 GAL Q . -0.54 -2.98 37.68
O2 GAL Q . -0.42 2.04 35.25
O2 GAL Q . -0.54 2.05 35.02
O3 GAL Q . -2.44 1.52 37.19
O3 GAL Q . -3.00 1.08 36.34
O4 GAL Q . -2.71 -1.03 36.83
O4 GAL Q . -2.57 -1.63 36.88
O5 GAL Q . -0.38 -1.49 35.70
O5 GAL Q . 0.06 -1.51 35.88
O6 GAL Q . -0.15 -3.80 37.14
O6 GAL Q . 0.85 -3.44 37.82
C1 FUC Q . -0.95 2.38 34.04
C1 FUC Q . -1.22 2.95 34.13
C2 FUC Q . -2.17 3.31 34.28
C2 FUC Q . -0.68 4.41 34.31
C3 FUC Q . -1.73 4.53 35.05
C3 FUC Q . 0.79 4.64 33.73
C4 FUC Q . -0.55 5.27 34.33
C4 FUC Q . 0.88 4.21 32.28
C5 FUC Q . 0.61 4.28 34.08
C5 FUC Q . 0.34 2.81 32.22
C6 FUC Q . 1.79 4.90 33.27
C6 FUC Q . 0.55 2.26 30.85
O2 FUC Q . -3.24 2.58 34.91
O2 FUC Q . -0.64 4.71 35.69
O3 FUC Q . -2.87 5.40 35.14
O3 FUC Q . 1.27 6.06 33.85
O4 FUC Q . -0.98 5.72 33.03
O4 FUC Q . 0.14 5.11 31.40
O5 FUC Q . 0.11 3.12 33.38
O5 FUC Q . -1.07 2.74 32.72
C1 FUC Q . 0.19 -3.61 32.27
C1 FUC Q . 0.17 -3.61 32.28
C2 FUC Q . -0.56 -4.72 32.93
C2 FUC Q . -0.56 -4.71 32.95
C3 FUC Q . -1.59 -4.17 33.85
C3 FUC Q . -1.62 -4.19 33.85
C4 FUC Q . -2.53 -3.23 33.11
C4 FUC Q . -2.57 -3.21 33.11
C5 FUC Q . -1.68 -2.15 32.47
C5 FUC Q . -1.71 -2.12 32.45
C6 FUC Q . -2.51 -1.18 31.63
C6 FUC Q . -2.40 -1.09 31.59
O2 FUC Q . 0.34 -5.56 33.64
O2 FUC Q . 0.32 -5.57 33.65
O3 FUC Q . -2.34 -5.20 34.48
O3 FUC Q . -2.36 -5.23 34.47
O4 FUC Q . -3.26 -3.93 32.12
O4 FUC Q . -3.30 -3.91 32.14
O5 FUC Q . -0.66 -2.72 31.58
O5 FUC Q . -0.65 -2.72 31.59
C1 NDG R . -21.24 20.62 17.10
C2 NDG R . -21.93 19.31 17.19
C3 NDG R . -22.82 18.88 16.05
C4 NDG R . -23.68 20.07 15.63
C5 NDG R . -22.85 21.38 15.54
C6 NDG R . -23.61 22.65 15.15
C7 NDG R . -20.41 18.00 18.26
C8 NDG R . -19.00 17.31 18.23
O5 NDG R . -22.21 21.61 16.92
O3 NDG R . -23.66 17.86 16.56
O4 NDG R . -24.33 19.61 14.43
O6 NDG R . -24.55 22.84 16.27
O7 NDG R . -21.03 18.56 19.22
N2 NDG R . -20.78 18.36 17.09
O1 NDG R . -20.45 20.48 15.74
C1 GAL R . -25.66 20.09 14.34
C2 GAL R . -26.01 19.95 12.84
C3 GAL R . -27.43 20.10 12.51
C4 GAL R . -28.21 19.22 13.45
C5 GAL R . -27.83 19.49 14.96
C6 GAL R . -28.49 18.50 15.84
O2 GAL R . -25.23 20.88 12.14
O3 GAL R . -27.61 19.56 11.09
O4 GAL R . -27.82 17.79 13.03
O5 GAL R . -26.38 19.23 15.22
O6 GAL R . -29.89 18.75 15.65
C1 FUC R . -24.50 20.50 10.93
C2 FUC R . -24.21 21.73 10.06
C3 FUC R . -23.27 22.73 10.76
C4 FUC R . -21.94 21.99 11.21
C5 FUC R . -22.30 20.74 11.99
C6 FUC R . -21.08 19.85 12.14
O2 FUC R . -25.46 22.26 9.74
O3 FUC R . -22.88 23.72 9.86
O4 FUC R . -21.12 21.66 10.07
O5 FUC R . -23.26 19.89 11.23
C1 FUC R . -23.22 16.52 16.33
C2 FUC R . -24.14 15.67 17.26
C3 FUC R . -25.59 15.79 16.77
C4 FUC R . -25.64 15.38 15.35
C5 FUC R . -24.66 16.28 14.50
C6 FUC R . -24.55 15.82 13.10
O2 FUC R . -23.97 16.20 18.61
O3 FUC R . -26.40 14.93 17.57
O4 FUC R . -25.39 14.00 15.22
O5 FUC R . -23.28 16.12 15.04
C1 NAG S . -29.08 6.98 -16.94
C2 NAG S . -29.57 5.88 -16.03
C3 NAG S . -29.16 4.48 -16.53
C4 NAG S . -29.42 4.31 -18.02
C5 NAG S . -28.83 5.47 -18.78
C6 NAG S . -29.22 5.39 -20.26
C7 NAG S . -29.69 6.66 -13.76
C8 NAG S . -29.09 6.82 -12.41
N2 NAG S . -28.96 6.08 -14.70
O1 NAG S . -29.58 8.27 -16.63
O3 NAG S . -29.95 3.50 -15.88
O4 NAG S . -28.77 3.12 -18.47
O5 NAG S . -29.36 6.73 -18.26
O6 NAG S . -30.64 5.25 -20.41
O7 NAG S . -30.87 6.93 -13.95
C1 FUC S . -29.40 2.89 -14.63
C1 FUC S . -29.45 2.98 -14.68
C2 FUC S . -30.55 2.13 -13.93
C2 FUC S . -30.61 2.24 -14.05
C3 FUC S . -31.07 1.02 -14.79
C3 FUC S . -31.02 1.05 -14.91
C4 FUC S . -29.93 0.07 -15.14
C4 FUC S . -29.85 0.18 -15.25
C5 FUC S . -28.85 0.87 -15.84
C5 FUC S . -28.73 1.02 -15.85
C6 FUC S . -27.64 -0.01 -16.22
C6 FUC S . -27.47 0.24 -16.09
O2 FUC S . -31.55 3.09 -13.63
O2 FUC S . -31.68 3.16 -13.77
O3 FUC S . -32.12 0.33 -14.02
O3 FUC S . -31.92 0.22 -14.16
O4 FUC S . -29.42 -0.69 -14.00
O4 FUC S . -29.45 -0.58 -14.12
O5 FUC S . -28.36 1.96 -15.00
O5 FUC S . -28.38 2.07 -14.94
C1 NDG S . -28.67 6.87 -16.83
C2 NDG S . -29.41 5.87 -16.02
C3 NDG S . -29.05 4.45 -16.47
C4 NDG S . -29.36 4.33 -17.99
C5 NDG S . -28.72 5.48 -18.77
C6 NDG S . -29.18 5.53 -20.25
C7 NDG S . -30.22 6.39 -13.72
C8 NDG S . -29.90 6.61 -12.22
O5 NDG S . -29.10 6.76 -18.20
O3 NDG S . -29.92 3.51 -15.79
O4 NDG S . -28.79 3.12 -18.49
O6 NDG S . -30.61 5.66 -20.35
O7 NDG S . -31.39 6.52 -14.10
N2 NDG S . -29.20 6.09 -14.57
O1 NDG S . -27.27 6.78 -16.75
C1 GAL S . -29.59 2.42 -19.38
C1 GAL S . -29.54 2.31 -19.36
C2 GAL S . -28.78 1.39 -20.10
C2 GAL S . -28.59 1.23 -19.86
C3 GAL S . -29.69 0.54 -20.98
C3 GAL S . -29.37 0.15 -20.65
C4 GAL S . -30.72 -0.12 -20.10
C4 GAL S . -30.52 -0.40 -19.81
C5 GAL S . -31.46 0.94 -19.39
C5 GAL S . -31.40 0.81 -19.47
C6 GAL S . -32.42 0.29 -18.41
C6 GAL S . -32.58 0.39 -18.56
O2 GAL S . -27.85 2.06 -20.98
O2 GAL S . -27.65 1.89 -20.77
O3 GAL S . -28.88 -0.40 -21.69
O3 GAL S . -28.44 -0.86 -21.01
O4 GAL S . -30.10 -1.00 -19.18
O4 GAL S . -30.00 -1.12 -18.64
O5 GAL S . -30.56 1.72 -18.58
O5 GAL S . -30.64 1.72 -18.63
O6 GAL S . -33.46 -0.29 -19.18
O6 GAL S . -33.36 1.54 -18.27
C1 FUC S . -26.53 1.54 -20.95
C1 FUC S . -26.30 1.42 -20.75
C2 FUC S . -25.82 2.01 -22.24
C2 FUC S . -25.70 1.81 -22.09
C3 FUC S . -25.53 3.50 -22.21
C3 FUC S . -25.61 3.34 -22.26
C4 FUC S . -24.86 3.94 -20.89
C4 FUC S . -24.86 3.93 -21.07
C5 FUC S . -25.76 3.45 -19.74
C5 FUC S . -25.57 3.51 -19.80
C6 FUC S . -25.27 3.77 -18.30
C6 FUC S . -24.83 4.01 -18.55
O2 FUC S . -26.54 1.73 -23.42
O2 FUC S . -26.41 1.24 -23.15
O3 FUC S . -24.65 3.83 -23.31
O3 FUC S . -24.83 3.68 -23.45
O4 FUC S . -23.52 3.40 -20.74
O4 FUC S . -23.49 3.48 -21.04
O5 FUC S . -25.83 2.04 -19.83
O5 FUC S . -25.61 2.10 -19.75
C1 NAG T . -8.31 -24.49 -22.31
C2 NAG T . -9.33 -24.87 -21.25
C3 NAG T . -8.64 -25.56 -20.10
C4 NAG T . -7.80 -26.67 -20.64
C5 NAG T . -6.89 -26.24 -21.78
C6 NAG T . -6.17 -27.44 -22.40
C7 NAG T . -11.37 -23.63 -20.97
C8 NAG T . -12.05 -22.41 -20.43
N2 NAG T . -10.05 -23.68 -20.78
O1 NAG T . -8.84 -23.75 -23.42
O3 NAG T . -9.63 -26.17 -19.29
O4 NAG T . -6.90 -27.15 -19.62
O5 NAG T . -7.64 -25.65 -22.77
O6 NAG T . -7.09 -28.43 -22.86
O7 NAG T . -12.01 -24.50 -21.57
C1 FUC T . -9.94 -25.40 -18.16
C1 FUC T . -10.01 -25.46 -18.10
C2 FUC T . -11.21 -26.07 -17.65
C2 FUC T . -11.24 -26.15 -17.57
C3 FUC T . -10.95 -27.48 -17.14
C3 FUC T . -10.93 -27.56 -17.15
C4 FUC T . -9.84 -27.47 -16.12
C4 FUC T . -9.82 -27.53 -16.13
C5 FUC T . -8.64 -26.72 -16.68
C5 FUC T . -8.62 -26.78 -16.70
C6 FUC T . -7.53 -26.53 -15.61
C6 FUC T . -7.42 -26.70 -15.75
O2 FUC T . -12.18 -26.10 -18.68
O2 FUC T . -12.23 -26.18 -18.60
O3 FUC T . -12.12 -28.03 -16.47
O3 FUC T . -12.11 -28.28 -16.66
O4 FUC T . -10.28 -26.91 -14.86
O4 FUC T . -10.27 -26.88 -14.92
O5 FUC T . -8.99 -25.38 -17.13
O5 FUC T . -8.97 -25.44 -17.13
C1 NDG T . -8.09 -24.18 -22.21
C2 NDG T . -9.11 -24.63 -21.20
C3 NDG T . -8.45 -25.48 -20.09
C4 NDG T . -7.65 -26.56 -20.70
C5 NDG T . -6.66 -26.03 -21.78
C6 NDG T . -5.92 -27.16 -22.54
C7 NDG T . -10.99 -23.12 -21.11
C8 NDG T . -11.47 -21.81 -20.53
O5 NDG T . -7.40 -25.33 -22.76
O3 NDG T . -9.44 -26.12 -19.28
O4 NDG T . -6.83 -27.19 -19.65
O6 NDG T . -6.84 -28.10 -23.09
O7 NDG T . -11.71 -23.81 -21.87
N2 NDG T . -9.77 -23.44 -20.71
O1 NDG T . -7.19 -23.28 -21.59
C1 GAL T . -6.75 -28.66 -19.58
C1 GAL T . -6.83 -28.59 -19.60
C2 GAL T . -5.65 -29.03 -18.59
C2 GAL T . -5.66 -28.97 -18.67
C3 GAL T . -5.58 -30.53 -18.28
C3 GAL T . -5.58 -30.43 -18.24
C4 GAL T . -6.93 -30.95 -17.67
C4 GAL T . -7.01 -30.92 -17.89
C5 GAL T . -7.94 -30.60 -18.78
C5 GAL T . -8.01 -30.50 -18.97
C6 GAL T . -9.37 -30.88 -18.42
C6 GAL T . -9.45 -30.95 -18.69
O2 GAL T . -4.42 -28.63 -19.23
O2 GAL T . -4.40 -28.66 -19.37
O3 GAL T . -4.52 -30.90 -17.48
O3 GAL T . -4.70 -30.59 -17.13
O4 GAL T . -7.23 -30.26 -16.48
O4 GAL T . -7.38 -30.38 -16.66
O5 GAL T . -7.95 -29.14 -19.07
O5 GAL T . -8.09 -29.06 -19.12
O6 GAL T . -9.50 -32.31 -18.28
O6 GAL T . -10.33 -30.67 -19.80
C1 FUC T . -3.41 -28.04 -18.43
C1 FUC T . -3.45 -28.05 -18.46
C2 FUC T . -2.06 -28.26 -19.15
C2 FUC T . -2.04 -28.16 -19.06
C3 FUC T . -1.94 -27.35 -20.41
C3 FUC T . -2.01 -27.37 -20.37
C4 FUC T . -2.28 -25.89 -20.08
C4 FUC T . -2.39 -25.93 -20.06
C5 FUC T . -3.64 -25.87 -19.39
C5 FUC T . -3.79 -25.91 -19.43
C6 FUC T . -4.02 -24.46 -18.95
C6 FUC T . -4.28 -24.50 -19.14
O2 FUC T . -1.95 -29.65 -19.58
O2 FUC T . -1.69 -29.51 -19.29
O3 FUC T . -0.61 -27.40 -20.91
O3 FUC T . -0.73 -27.44 -20.98
O4 FUC T . -1.29 -25.30 -19.26
O4 FUC T . -1.44 -25.34 -19.20
O5 FUC T . -3.64 -26.68 -18.20
O5 FUC T . -3.81 -26.70 -18.19
CA CA U . -3.61 7.86 8.15
C1 GAL V . 25.35 27.83 11.43
C2 GAL V . 24.16 28.71 11.69
C3 GAL V . 22.90 27.88 11.77
C4 GAL V . 22.73 27.05 10.55
C5 GAL V . 24.06 26.28 10.23
C6 GAL V . 23.93 25.65 8.84
O1 GAL V . 26.56 28.61 11.39
O2 GAL V . 24.42 29.33 13.02
O3 GAL V . 21.70 28.77 12.03
O4 GAL V . 22.39 27.91 9.44
O5 GAL V . 25.26 27.15 10.20
O6 GAL V . 25.08 24.96 8.47
C1 GLA W . 25.26 28.26 11.19
C2 GLA W . 23.93 28.88 11.58
C3 GLA W . 22.87 27.81 11.67
C4 GLA W . 22.70 27.12 10.40
C5 GLA W . 24.09 26.57 9.96
C6 GLA W . 23.98 26.01 8.58
O1 GLA W . 25.63 27.26 12.17
O2 GLA W . 24.06 29.44 12.96
O3 GLA W . 21.61 28.47 12.11
O4 GLA W . 22.17 28.05 9.40
O5 GLA W . 25.14 27.64 9.92
O6 GLA W . 24.95 24.97 8.54
N1 BCN X . -4.60 5.40 8.87
C1 BCN X . -4.10 5.13 10.20
C2 BCN X . -3.65 6.32 10.99
O21 BCN X . -3.57 6.15 12.22
O22 BCN X . -3.28 7.33 10.39
C3 BCN X . -5.97 5.65 8.80
C4 BCN X . -6.56 6.90 9.42
O4 BCN X . -5.86 8.05 8.88
C5 BCN X . -4.08 4.51 7.80
C6 BCN X . -3.86 5.08 6.48
O6 BCN X . -2.91 5.98 7.03
CA CA Y . -3.25 10.26 5.12
N1 BCN Z . -1.56 10.87 3.15
C1 BCN Z . -2.21 11.83 2.23
C2 BCN Z . -3.38 12.57 2.79
O21 BCN Z . -3.95 12.03 3.77
O22 BCN Z . -3.74 13.65 2.28
C3 BCN Z . -1.20 9.58 2.52
C4 BCN Z . -2.37 8.72 2.31
O4 BCN Z . -2.80 8.57 3.66
C5 BCN Z . -0.40 11.50 3.74
C6 BCN Z . -0.74 12.48 4.84
O6 BCN Z . -1.65 11.94 5.82
CA CA AA . 5.26 -2.88 10.15
N1 BCN BA . 3.25 -4.57 10.10
C1 BCN BA . 3.77 -5.93 10.05
C2 BCN BA . 5.17 -6.12 10.49
O21 BCN BA . 5.54 -7.27 10.86
O22 BCN BA . 5.86 -5.11 10.47
C3 BCN BA . 2.36 -4.27 9.02
C4 BCN BA . 3.09 -3.95 7.80
O4 BCN BA . 4.04 -2.95 8.14
C5 BCN BA . 2.43 -4.44 11.25
C6 BCN BA . 3.25 -4.16 12.44
O6 BCN BA . 4.21 -3.17 12.28
C1 GAL CA . 39.33 2.73 2.79
C2 GAL CA . 39.07 2.90 4.28
C3 GAL CA . 37.65 2.53 4.57
C4 GAL CA . 36.62 3.33 3.76
C5 GAL CA . 37.04 3.26 2.29
C6 GAL CA . 36.40 4.36 1.42
O1 GAL CA . 40.64 3.19 2.50
O2 GAL CA . 40.00 2.06 5.07
O3 GAL CA . 37.36 2.73 5.97
O4 GAL CA . 36.49 4.73 4.20
O5 GAL CA . 38.40 3.57 2.11
O6 GAL CA . 36.25 3.99 0.02
C1 GLA DA . 39.26 3.04 2.96
C2 GLA DA . 38.93 3.09 4.48
C3 GLA DA . 37.54 2.59 4.64
C4 GLA DA . 36.52 3.38 3.87
C5 GLA DA . 36.93 3.25 2.40
C6 GLA DA . 35.86 3.91 1.54
O1 GLA DA . 39.33 1.68 2.50
O2 GLA DA . 39.80 2.19 5.30
O3 GLA DA . 37.15 2.69 6.04
O4 GLA DA . 36.49 4.78 4.27
O5 GLA DA . 38.24 3.83 2.25
O6 GLA DA . 36.30 3.90 0.17
CA CA EA . 6.05 0.89 10.01
N1 BCN FA . 6.84 2.81 8.29
C1 BCN FA . 6.73 4.14 8.90
C2 BCN FA . 6.60 4.06 10.40
O21 BCN FA . 6.20 3.00 10.91
O22 BCN FA . 6.81 5.10 11.01
C3 BCN FA . 5.97 2.71 7.06
C4 BCN FA . 5.49 1.35 6.87
O4 BCN FA . 4.89 1.25 8.14
C5 BCN FA . 8.20 2.53 8.02
C6 BCN FA . 9.00 2.11 9.24
O6 BCN FA . 8.37 1.08 9.97
CA CA GA . 5.16 -10.74 -1.50
C1 GAL HA . 30.30 -3.27 -25.22
C2 GAL HA . 30.67 -4.47 -24.40
C3 GAL HA . 29.48 -4.98 -23.56
C4 GAL HA . 28.97 -3.83 -22.73
C5 GAL HA . 28.68 -2.61 -23.66
C6 GAL HA . 28.23 -1.36 -22.91
O1 GAL HA . 31.46 -2.81 -25.88
O2 GAL HA . 31.14 -5.55 -25.26
O3 GAL HA . 29.87 -6.04 -22.71
O4 GAL HA . 29.91 -3.47 -21.72
O5 GAL HA . 29.88 -2.23 -24.34
O6 GAL HA . 27.90 -0.29 -23.76
C1 GLA IA . 30.54 -3.23 -25.13
C2 GLA IA . 30.78 -4.48 -24.30
C3 GLA IA . 29.52 -4.94 -23.59
C4 GLA IA . 28.99 -3.79 -22.78
C5 GLA IA . 28.75 -2.58 -23.68
C6 GLA IA . 28.24 -1.44 -22.85
O1 GLA IA . 29.65 -3.55 -26.14
O2 GLA IA . 31.22 -5.55 -25.18
O3 GLA IA . 29.81 -6.02 -22.72
O4 GLA IA . 29.91 -3.46 -21.73
O5 GLA IA . 30.00 -2.19 -24.30
O6 GLA IA . 27.86 -0.40 -23.73
CA CA JA . 8.09 -8.72 0.06
N1 BCN KA . 9.30 -6.25 -0.08
C1 BCN KA . 10.22 -6.19 1.05
C2 BCN KA . 10.66 -7.52 1.70
O21 BCN KA . 9.88 -8.49 1.54
O22 BCN KA . 11.70 -7.57 2.38
C3 BCN KA . 9.97 -6.32 -1.32
C4 BCN KA . 10.77 -7.52 -1.59
O4 BCN KA . 9.86 -8.69 -1.55
C5 BCN KA . 8.13 -5.31 0.02
C6 BCN KA . 6.90 -5.80 -0.68
O6 BCN KA . 6.84 -6.93 0.22
N1 BCN LA . 2.58 -11.23 -1.11
C1 BCN LA . 2.06 -11.96 -2.30
C2 BCN LA . 3.09 -12.58 -3.17
O21 BCN LA . 2.69 -13.51 -3.92
O22 BCN LA . 4.22 -12.17 -3.08
C3 BCN LA . 1.88 -10.00 -0.82
C4 BCN LA . 2.31 -8.97 -1.78
O4 BCN LA . 3.74 -8.93 -1.60
C5 BCN LA . 2.40 -12.02 0.03
C6 BCN LA . 3.46 -13.05 0.18
O6 BCN LA . 4.76 -12.54 -0.09
N1 BCN MA . 2.47 -4.03 -10.64
C1 BCN MA . 3.58 -5.01 -10.74
C2 BCN MA . 3.20 -6.26 -11.45
O21 BCN MA . 2.00 -6.59 -11.49
O22 BCN MA . 4.13 -6.96 -11.86
C3 BCN MA . 2.47 -3.42 -9.24
C4 BCN MA . 1.19 -3.10 -8.71
O4 BCN MA . 0.56 -4.39 -8.80
C5 BCN MA . 2.54 -3.02 -11.59
C6 BCN MA . 2.10 -3.47 -12.96
O6 BCN MA . 0.81 -4.14 -12.92
CA CA NA . -3.80 -4.76 -10.57
N1 BCN OA . -5.79 -5.20 -8.87
C1 BCN OA . -7.02 -4.50 -9.33
C2 BCN OA . -7.01 -4.14 -10.77
O21 BCN OA . -8.09 -3.84 -11.30
O22 BCN OA . -5.90 -4.07 -11.35
C3 BCN OA . -5.27 -4.82 -7.56
C4 BCN OA . -4.68 -3.47 -7.60
O4 BCN OA . -3.59 -3.68 -8.48
C5 BCN OA . -5.95 -6.60 -8.74
C6 BCN OA . -5.96 -7.29 -10.04
O6 BCN OA . -4.76 -6.95 -10.80
C1 GAL PA . 10.74 17.56 -33.93
C2 GAL PA . 10.45 16.20 -34.62
C3 GAL PA . 9.63 15.31 -33.65
C4 GAL PA . 10.30 15.23 -32.26
C5 GAL PA . 10.62 16.62 -31.75
C6 GAL PA . 11.36 16.62 -30.41
O1 GAL PA . 11.58 18.34 -34.76
O2 GAL PA . 9.68 16.39 -35.83
O3 GAL PA . 9.48 14.00 -34.21
O4 GAL PA . 11.50 14.44 -32.37
O5 GAL PA . 11.43 17.35 -32.72
O6 GAL PA . 11.59 17.93 -29.80
C1 GLA QA . 10.98 17.52 -33.99
C2 GLA QA . 10.60 16.15 -34.61
C3 GLA QA . 9.69 15.38 -33.66
C4 GLA QA . 10.34 15.27 -32.28
C5 GLA QA . 10.69 16.65 -31.77
C6 GLA QA . 11.33 16.50 -30.40
O1 GLA QA . 9.81 18.32 -33.86
O2 GLA QA . 9.86 16.36 -35.83
O3 GLA QA . 9.46 14.06 -34.16
O4 GLA QA . 11.51 14.46 -32.37
O5 GLA QA . 11.57 17.33 -32.70
O6 GLA QA . 11.56 17.82 -29.87
CA CA RA . 0.13 -5.29 -10.93
N1 BCN SA . -4.35 6.73 -8.51
C1 BCN SA . -4.23 6.23 -9.87
C2 BCN SA . -5.52 6.12 -10.65
O21 BCN SA . -6.58 6.10 -10.01
O22 BCN SA . -5.38 6.07 -11.89
C3 BCN SA . -3.56 5.99 -7.50
C4 BCN SA . -4.15 4.66 -7.24
O4 BCN SA . -5.39 5.09 -6.69
C5 BCN SA . -3.97 8.11 -8.32
C6 BCN SA . -5.03 9.05 -8.88
O6 BCN SA . -6.32 8.76 -8.33
CA CA TA . -9.19 6.73 -4.44
N1 BCN UA . -10.16 5.24 -2.43
C1 BCN UA . -10.75 6.18 -1.43
C2 BCN UA . -11.15 7.51 -1.94
O21 BCN UA . -12.03 8.14 -1.34
O22 BCN UA . -10.56 7.95 -2.96
C3 BCN UA . -9.01 4.47 -1.86
C4 BCN UA . -7.99 4.17 -2.88
O4 BCN UA . -7.63 5.55 -3.24
C5 BCN UA . -11.15 4.36 -3.00
C6 BCN UA . -12.11 5.08 -3.95
O6 BCN UA . -11.31 5.71 -4.99
C1 GAL VA . 7.83 37.25 -11.31
C2 GAL VA . 6.61 37.15 -12.23
C3 GAL VA . 5.74 35.98 -11.84
C4 GAL VA . 6.53 34.71 -11.76
C5 GAL VA . 7.76 34.93 -10.86
C6 GAL VA . 8.68 33.68 -10.81
O1 GAL VA . 8.64 38.30 -11.74
O2 GAL VA . 5.85 38.37 -12.13
O3 GAL VA . 4.66 35.79 -12.79
O4 GAL VA . 6.92 34.26 -13.08
O5 GAL VA . 8.57 36.02 -11.38
O6 GAL VA . 9.78 33.85 -9.91
C1 GLA WA . 7.88 37.31 -11.56
C2 GLA WA . 6.61 37.13 -12.38
C3 GLA WA . 5.76 36.00 -11.81
C4 GLA WA . 6.56 34.74 -11.74
C5 GLA WA . 7.81 34.99 -10.92
C6 GLA WA . 8.69 33.76 -10.92
O1 GLA WA . 7.51 37.64 -10.22
O2 GLA WA . 5.84 38.35 -12.32
O3 GLA WA . 4.63 35.71 -12.63
O4 GLA WA . 6.90 34.25 -13.07
O5 GLA WA . 8.60 36.06 -11.52
O6 GLA WA . 9.69 33.94 -9.90
CA CA XA . -6.90 6.49 -7.70
C1 GLA YA . -5.91 -31.71 23.19
C2 GLA YA . -5.04 -32.37 22.21
C3 GLA YA . -4.20 -31.29 21.50
C4 GLA YA . -5.13 -30.30 20.86
C5 GLA YA . -5.99 -29.67 21.94
C6 GLA YA . -6.99 -28.70 21.37
O1 GLA YA . -5.14 -31.09 24.22
O2 GLA YA . -4.15 -33.29 22.85
O3 GLA YA . -3.42 -31.89 20.43
O4 GLA YA . -5.89 -30.87 19.82
O5 GLA YA . -6.77 -30.73 22.58
O6 GLA YA . -7.78 -28.06 22.40
C1 GAL ZA . -5.93 -31.52 23.24
C2 GAL ZA . -5.03 -32.27 22.29
C3 GAL ZA . -4.17 -31.29 21.52
C4 GAL ZA . -5.07 -30.31 20.83
C5 GAL ZA . -5.96 -29.62 21.87
C6 GAL ZA . -6.84 -28.61 21.20
O1 GAL ZA . -6.79 -32.46 23.86
O2 GAL ZA . -4.19 -33.17 23.01
O3 GAL ZA . -3.42 -31.99 20.51
O4 GAL ZA . -5.86 -31.02 19.87
O5 GAL ZA . -6.76 -30.61 22.52
O6 GAL ZA . -7.44 -27.86 22.27
C1 PEG AB . -10.57 13.63 25.66
O1 PEG AB . -11.07 13.82 27.00
C2 PEG AB . -9.14 14.00 25.15
O2 PEG AB . -9.23 14.52 23.82
C3 PEG AB . -8.68 14.10 22.63
C4 PEG AB . -9.90 13.43 22.10
O4 PEG AB . -10.28 13.54 20.76
C1 GLA BB . -18.28 -6.70 34.65
C2 GLA BB . -16.86 -6.80 35.10
C3 GLA BB . -15.96 -6.14 34.07
C4 GLA BB . -16.18 -6.68 32.67
C5 GLA BB . -17.67 -6.44 32.35
C6 GLA BB . -17.93 -6.96 30.94
O1 GLA BB . -18.73 -5.32 34.59
O2 GLA BB . -16.75 -6.14 36.36
O3 GLA BB . -14.58 -6.36 34.45
O4 GLA BB . -15.84 -8.06 32.64
O5 GLA BB . -18.44 -7.18 33.30
O6 GLA BB . -19.35 -6.85 30.49
C1 GAL CB . -18.33 -6.33 34.57
C2 GAL CB . -16.96 -6.73 35.05
C3 GAL CB . -15.92 -6.17 34.09
C4 GAL CB . -16.17 -6.66 32.70
C5 GAL CB . -17.64 -6.32 32.28
C6 GAL CB . -17.86 -6.96 30.95
O1 GAL CB . -19.30 -6.93 35.45
O2 GAL CB . -16.80 -6.17 36.36
O3 GAL CB . -14.59 -6.59 34.52
O4 GAL CB . -15.89 -8.04 32.64
O5 GAL CB . -18.61 -6.84 33.23
O6 GAL CB . -19.23 -6.71 30.55
C1 GAL DB . -37.19 4.19 13.81
C2 GAL DB . -36.59 5.24 14.76
C3 GAL DB . -35.25 5.70 14.27
C4 GAL DB . -34.35 4.45 14.05
C5 GAL DB . -35.07 3.40 13.17
C6 GAL DB . -34.22 2.11 13.06
O1 GAL DB . -38.45 3.74 14.29
O2 GAL DB . -37.46 6.40 14.76
O3 GAL DB . -34.62 6.59 15.22
O4 GAL DB . -34.00 3.92 15.31
O5 GAL DB . -36.35 3.09 13.72
O6 GAL DB . -34.85 1.03 12.29
C1 GLA EB . -37.25 4.12 14.04
C2 GLA EB . -36.59 5.22 14.89
C3 GLA EB . -35.28 5.69 14.29
C4 GLA EB . -34.37 4.45 14.06
C5 GLA EB . -35.11 3.43 13.21
C6 GLA EB . -34.25 2.20 13.08
O1 GLA EB . -37.59 4.65 12.75
O2 GLA EB . -37.47 6.39 14.92
O3 GLA EB . -34.58 6.60 15.15
O4 GLA EB . -34.00 3.93 15.32
O5 GLA EB . -36.35 3.04 13.84
O6 GLA EB . -34.87 1.36 12.07
C1 GAL FB . -36.01 -13.87 -10.07
C2 GAL FB . -36.38 -12.43 -10.33
C3 GAL FB . -35.14 -11.59 -10.47
C4 GAL FB . -34.22 -11.75 -9.26
C5 GAL FB . -34.01 -13.23 -9.02
C6 GAL FB . -33.24 -13.48 -7.73
O1 GAL FB . -37.22 -14.58 -9.91
O2 GAL FB . -37.15 -12.41 -11.55
O3 GAL FB . -35.50 -10.17 -10.63
O4 GAL FB . -34.83 -11.10 -8.15
O5 GAL FB . -35.28 -13.93 -8.90
O6 GAL FB . -32.94 -14.86 -7.54
C1 GLA GB . -36.34 -13.61 -9.88
C2 GLA GB . -36.48 -12.16 -10.33
C3 GLA GB . -35.13 -11.53 -10.49
C4 GLA GB . -34.25 -11.71 -9.27
C5 GLA GB . -34.13 -13.18 -9.00
C6 GLA GB . -33.36 -13.35 -7.75
O1 GLA GB . -35.77 -14.35 -10.93
O2 GLA GB . -37.14 -12.12 -11.60
O3 GLA GB . -35.31 -10.09 -10.77
O4 GLA GB . -34.83 -11.05 -8.17
O5 GLA GB . -35.45 -13.74 -8.79
O6 GLA GB . -33.00 -14.71 -7.63
C1 GAL HB . -16.83 -35.68 -4.35
C2 GAL HB . -16.93 -35.33 -5.83
C3 GAL HB . -15.99 -34.16 -6.20
C4 GAL HB . -16.23 -32.98 -5.25
C5 GAL HB . -16.15 -33.45 -3.78
C6 GAL HB . -16.54 -32.28 -2.86
O1 GAL HB . -17.91 -36.61 -4.00
O2 GAL HB . -16.56 -36.48 -6.62
O3 GAL HB . -16.24 -33.72 -7.54
O4 GAL HB . -17.52 -32.37 -5.49
O5 GAL HB . -17.03 -34.56 -3.51
O6 GAL HB . -16.37 -32.54 -1.45
C1 GLA IB . -17.19 -35.43 -4.56
C2 GLA IB . -17.20 -35.01 -5.99
C3 GLA IB . -16.07 -34.00 -6.21
C4 GLA IB . -16.29 -32.84 -5.29
C5 GLA IB . -16.29 -33.36 -3.85
C6 GLA IB . -16.49 -32.26 -2.87
O1 GLA IB . -15.94 -36.10 -4.26
O2 GLA IB . -16.91 -36.16 -6.84
O3 GLA IB . -16.07 -33.55 -7.58
O4 GLA IB . -17.54 -32.21 -5.59
O5 GLA IB . -17.35 -34.32 -3.67
O6 GLA IB . -16.31 -32.78 -1.51
#